data_7OCR
#
_entry.id   7OCR
#
_cell.length_a   99.886
_cell.length_b   157.556
_cell.length_c   220.467
_cell.angle_alpha   90.000
_cell.angle_beta   90.000
_cell.angle_gamma   90.000
#
_symmetry.space_group_name_H-M   'C 2 2 21'
#
loop_
_entity.id
_entity.type
_entity.pdbx_description
1 polymer 'HAD hydrolase, family IA, variant 3'
2 non-polymer 'SULFATE ION'
3 non-polymer 'NADPH DIHYDRO-NICOTINAMIDE-ADENINE-DINUCLEOTIDE PHOSPHATE'
4 non-polymer '4-(2-HYDROXYETHYL)-1-PIPERAZINE ETHANESULFONIC ACID'
5 non-polymer 1,2-ETHANEDIOL
6 non-polymer 'CHLORIDE ION'
7 non-polymer 'MAGNESIUM ION'
8 non-polymer 'POTASSIUM ION'
9 non-polymer 'FRUCTOSE -6-PHOSPHATE'
10 water water
#
_entity_poly.entity_id   1
_entity_poly.type   'polypeptide(L)'
_entity_poly.pdbx_seq_one_letter_code
;MVLIFHGKPVHGAIFDMDGTMFDTERLRFQTLQQASQELIGQEFSHEYLMQCLGLSATTAEKLAQRLYGVDVPYKEIRKR
ADEMELEHIRKHGVPIKKGLVQVLERLRKSGLRMAVATSSRRAIAEEYLINANVYKFFDVITCGDEVEQGKPHPEIFLKA
ASQLHLDANQCLMFEDSENGLTSAHTSKGLTILLKDIKEPNDEMLEKAHFYYDQMYDFLTDLDQFIPVMDMPEMQEPFPQ
SLNQLTVGIHGFGAIGGGYIAQILSHWDGYTKPKRIIASTRNSLFREAVNAFGTYSIRYGQFSYDERIENMSIVDSDNEQ
QMLEMYTHSSLIALCLPEQAIESESKIIAKGLYARFNSQLETCIEPLTFLIILNKVGAKYLVMKHLKEALLELTNDEDVT
EHILKEHYFCDTVVNRMVSKLSNQNLYRQLRIKHNFLEQHLEDVEQEDQIEIEDCNKLTPDQLNQASIYVDNMRRNFQPG
HILQSMDLILFHSETDMPIYVEKGSPLLEKLRQVVLVDQITDIQLIKNRLWNGVHAMLAWYASLMGYESIGVAMGDHLVK
AFAENLIAEVKQGLAIVLPNYAKDLDRMSQSFLDSCEYAFKDPCQRVARDPLRKLNHNERVMASIAVNIRHDLPYKNLLK
GAALGYAYAIQFLEIEETKAVEHLQQQIQNLDLSTAQRRQLEAELVQLIQYLFSEQGKQPLDIKSNNTKTTSTQYVAAAL
EHHHHHH
;
_entity_poly.pdbx_strand_id   A,B
#
# COMPACT_ATOMS: atom_id res chain seq x y z
N VAL A 2 -23.38 -12.94 0.90
CA VAL A 2 -23.93 -14.19 0.30
C VAL A 2 -23.79 -14.12 -1.22
N LEU A 3 -22.92 -14.96 -1.79
CA LEU A 3 -22.77 -15.15 -3.26
C LEU A 3 -23.94 -16.02 -3.76
N ILE A 4 -24.65 -15.55 -4.79
CA ILE A 4 -25.68 -16.34 -5.53
C ILE A 4 -25.01 -16.97 -6.75
N PHE A 5 -24.99 -18.30 -6.81
CA PHE A 5 -24.41 -19.10 -7.93
C PHE A 5 -25.53 -19.98 -8.53
N HIS A 6 -25.98 -19.63 -9.74
CA HIS A 6 -27.05 -20.35 -10.49
C HIS A 6 -28.26 -20.55 -9.58
N GLY A 7 -28.75 -19.47 -8.97
CA GLY A 7 -30.01 -19.41 -8.21
C GLY A 7 -29.93 -20.08 -6.85
N LYS A 8 -28.72 -20.43 -6.39
CA LYS A 8 -28.47 -21.12 -5.10
C LYS A 8 -27.60 -20.24 -4.22
N PRO A 9 -27.98 -19.98 -2.95
CA PRO A 9 -27.16 -19.20 -2.04
C PRO A 9 -25.92 -20.00 -1.58
N VAL A 10 -24.74 -19.41 -1.75
CA VAL A 10 -23.42 -20.03 -1.40
C VAL A 10 -22.81 -19.23 -0.25
N HIS A 11 -22.51 -19.89 0.87
CA HIS A 11 -21.88 -19.30 2.08
C HIS A 11 -20.46 -19.85 2.29
N GLY A 12 -20.07 -20.88 1.54
CA GLY A 12 -18.74 -21.54 1.66
C GLY A 12 -18.25 -22.10 0.35
N ALA A 13 -16.94 -22.39 0.29
CA ALA A 13 -16.26 -23.04 -0.85
C ALA A 13 -15.16 -23.97 -0.31
N ILE A 14 -15.28 -25.28 -0.57
CA ILE A 14 -14.32 -26.33 -0.14
C ILE A 14 -13.61 -26.88 -1.39
N PHE A 15 -12.28 -26.76 -1.44
CA PHE A 15 -11.44 -27.12 -2.60
C PHE A 15 -10.65 -28.40 -2.31
N ASP A 16 -10.59 -29.30 -3.29
CA ASP A 16 -9.55 -30.36 -3.38
C ASP A 16 -8.24 -29.66 -3.77
N MET A 17 -7.10 -30.21 -3.35
CA MET A 17 -5.76 -29.60 -3.56
C MET A 17 -5.16 -30.11 -4.87
N ASP A 18 -4.72 -31.38 -4.91
CA ASP A 18 -3.96 -31.96 -6.06
C ASP A 18 -4.94 -32.26 -7.21
N GLY A 19 -4.69 -31.66 -8.39
CA GLY A 19 -5.48 -31.87 -9.61
C GLY A 19 -6.57 -30.82 -9.80
N THR A 20 -6.96 -30.13 -8.72
CA THR A 20 -8.04 -29.12 -8.72
C THR A 20 -7.43 -27.71 -8.64
N MET A 21 -6.66 -27.44 -7.58
CA MET A 21 -5.98 -26.14 -7.34
C MET A 21 -4.62 -26.14 -8.05
N PHE A 22 -3.83 -27.19 -7.86
CA PHE A 22 -2.44 -27.31 -8.37
C PHE A 22 -2.37 -28.37 -9.48
N ASP A 23 -1.44 -28.18 -10.42
CA ASP A 23 -1.19 -29.08 -11.58
C ASP A 23 -0.13 -30.11 -11.17
N THR A 24 -0.30 -30.72 -9.99
CA THR A 24 0.68 -31.62 -9.32
C THR A 24 0.57 -33.04 -9.89
N GLU A 25 -0.56 -33.37 -10.51
CA GLU A 25 -0.81 -34.69 -11.15
C GLU A 25 0.04 -34.83 -12.42
N ARG A 26 0.14 -33.75 -13.20
CA ARG A 26 0.98 -33.67 -14.43
C ARG A 26 2.47 -33.71 -14.04
N LEU A 27 2.82 -33.12 -12.88
CA LEU A 27 4.21 -33.12 -12.35
C LEU A 27 4.58 -34.55 -11.92
N ARG A 28 3.66 -35.23 -11.21
CA ARG A 28 3.79 -36.65 -10.78
C ARG A 28 3.89 -37.56 -12.01
N PHE A 29 3.22 -37.17 -13.11
CA PHE A 29 3.27 -37.83 -14.44
C PHE A 29 4.71 -37.77 -14.97
N GLN A 30 5.31 -36.57 -14.95
CA GLN A 30 6.65 -36.28 -15.52
C GLN A 30 7.75 -36.97 -14.69
N THR A 31 7.69 -36.84 -13.36
CA THR A 31 8.70 -37.37 -12.40
C THR A 31 8.78 -38.90 -12.52
N LEU A 32 7.63 -39.57 -12.68
CA LEU A 32 7.54 -41.05 -12.86
C LEU A 32 8.31 -41.47 -14.12
N GLN A 33 8.20 -40.69 -15.20
CA GLN A 33 8.90 -40.94 -16.49
C GLN A 33 10.40 -40.69 -16.32
N GLN A 34 10.77 -39.59 -15.66
CA GLN A 34 12.18 -39.17 -15.43
C GLN A 34 12.87 -40.20 -14.51
N ALA A 35 12.18 -40.64 -13.45
CA ALA A 35 12.66 -41.63 -12.46
C ALA A 35 12.87 -43.00 -13.13
N SER A 36 11.93 -43.40 -14.01
CA SER A 36 11.98 -44.66 -14.79
C SER A 36 13.21 -44.67 -15.72
N GLN A 37 13.46 -43.55 -16.41
CA GLN A 37 14.58 -43.40 -17.38
C GLN A 37 15.92 -43.63 -16.66
N GLU A 38 16.04 -43.17 -15.42
CA GLU A 38 17.28 -43.30 -14.59
C GLU A 38 17.53 -44.76 -14.23
N LEU A 39 16.54 -45.41 -13.60
CA LEU A 39 16.69 -46.73 -12.93
C LEU A 39 16.62 -47.87 -13.96
N ILE A 40 15.45 -48.13 -14.54
CA ILE A 40 15.19 -49.32 -15.39
C ILE A 40 15.76 -49.10 -16.80
N GLY A 41 15.91 -47.84 -17.23
CA GLY A 41 16.56 -47.46 -18.50
C GLY A 41 15.58 -46.88 -19.51
N GLN A 42 14.32 -47.30 -19.45
CA GLN A 42 13.23 -46.81 -20.35
C GLN A 42 12.15 -46.11 -19.52
N GLU A 43 11.49 -45.12 -20.10
CA GLU A 43 10.37 -44.35 -19.47
C GLU A 43 9.11 -45.24 -19.42
N PHE A 44 8.34 -45.15 -18.33
CA PHE A 44 6.95 -45.67 -18.25
C PHE A 44 6.12 -44.92 -19.31
N SER A 45 5.42 -45.66 -20.17
CA SER A 45 4.64 -45.12 -21.31
C SER A 45 3.59 -44.13 -20.80
N HIS A 46 3.30 -43.10 -21.61
CA HIS A 46 2.19 -42.12 -21.38
C HIS A 46 0.88 -42.89 -21.17
N GLU A 47 0.66 -43.93 -21.97
CA GLU A 47 -0.60 -44.73 -22.02
C GLU A 47 -0.79 -45.47 -20.68
N TYR A 48 0.27 -46.08 -20.16
CA TYR A 48 0.29 -46.79 -18.85
C TYR A 48 -0.08 -45.81 -17.73
N LEU A 49 0.54 -44.62 -17.73
CA LEU A 49 0.35 -43.58 -16.68
C LEU A 49 -1.08 -43.02 -16.73
N MET A 50 -1.65 -42.84 -17.94
CA MET A 50 -3.06 -42.40 -18.14
C MET A 50 -4.01 -43.46 -17.58
N GLN A 51 -3.65 -44.74 -17.68
CA GLN A 51 -4.45 -45.89 -17.19
C GLN A 51 -4.42 -45.93 -15.66
N CYS A 52 -3.31 -45.50 -15.05
CA CYS A 52 -3.05 -45.54 -13.58
C CYS A 52 -3.82 -44.44 -12.86
N LEU A 53 -4.25 -43.39 -13.57
CA LEU A 53 -5.07 -42.27 -13.00
C LEU A 53 -6.36 -42.84 -12.42
N GLY A 54 -6.55 -42.69 -11.10
CA GLY A 54 -7.72 -43.20 -10.36
C GLY A 54 -7.41 -44.46 -9.57
N LEU A 55 -6.52 -45.31 -10.08
CA LEU A 55 -6.15 -46.62 -9.48
C LEU A 55 -5.23 -46.41 -8.28
N SER A 56 -5.23 -47.37 -7.34
CA SER A 56 -4.38 -47.38 -6.11
C SER A 56 -2.94 -47.73 -6.49
N ALA A 57 -1.99 -47.44 -5.60
CA ALA A 57 -0.54 -47.70 -5.76
C ALA A 57 -0.29 -49.20 -6.00
N THR A 58 -1.04 -50.07 -5.31
CA THR A 58 -0.92 -51.55 -5.37
C THR A 58 -1.33 -52.04 -6.76
N THR A 59 -2.45 -51.54 -7.28
CA THR A 59 -2.99 -51.87 -8.63
C THR A 59 -2.01 -51.38 -9.70
N ALA A 60 -1.51 -50.15 -9.54
CA ALA A 60 -0.52 -49.50 -10.44
C ALA A 60 0.77 -50.33 -10.50
N GLU A 61 1.23 -50.81 -9.34
CA GLU A 61 2.44 -51.67 -9.21
C GLU A 61 2.21 -52.98 -9.95
N LYS A 62 1.05 -53.62 -9.73
CA LYS A 62 0.68 -54.92 -10.36
C LYS A 62 0.55 -54.75 -11.88
N LEU A 63 0.08 -53.58 -12.34
CA LEU A 63 -0.05 -53.24 -13.78
C LEU A 63 1.34 -53.08 -14.40
N ALA A 64 2.23 -52.33 -13.74
CA ALA A 64 3.64 -52.13 -14.13
C ALA A 64 4.36 -53.48 -14.25
N GLN A 65 4.08 -54.40 -13.32
CA GLN A 65 4.68 -55.75 -13.28
C GLN A 65 4.22 -56.57 -14.49
N ARG A 66 2.95 -56.46 -14.87
CA ARG A 66 2.36 -57.15 -16.05
C ARG A 66 3.06 -56.68 -17.34
N LEU A 67 3.42 -55.40 -17.41
CA LEU A 67 3.91 -54.73 -18.64
C LEU A 67 5.44 -54.79 -18.73
N TYR A 68 6.15 -54.46 -17.63
CA TYR A 68 7.61 -54.24 -17.60
C TYR A 68 8.34 -55.34 -16.81
N GLY A 69 7.63 -56.41 -16.41
CA GLY A 69 8.21 -57.58 -15.72
C GLY A 69 8.01 -57.50 -14.20
N VAL A 70 8.00 -58.66 -13.54
CA VAL A 70 7.65 -58.85 -12.10
C VAL A 70 8.69 -58.15 -11.21
N ASP A 71 9.97 -58.13 -11.63
CA ASP A 71 11.11 -57.61 -10.83
C ASP A 71 11.33 -56.12 -11.08
N VAL A 72 10.39 -55.43 -11.74
CA VAL A 72 10.45 -53.96 -11.98
C VAL A 72 10.44 -53.25 -10.62
N PRO A 73 11.45 -52.39 -10.34
CA PRO A 73 11.52 -51.70 -9.05
C PRO A 73 10.58 -50.48 -8.99
N TYR A 74 9.27 -50.75 -8.90
CA TYR A 74 8.19 -49.73 -8.94
C TYR A 74 8.25 -48.84 -7.68
N LYS A 75 8.41 -49.46 -6.51
CA LYS A 75 8.46 -48.77 -5.19
C LYS A 75 9.67 -47.82 -5.15
N GLU A 76 10.80 -48.24 -5.73
CA GLU A 76 12.04 -47.41 -5.83
C GLU A 76 11.80 -46.24 -6.79
N ILE A 77 11.17 -46.50 -7.94
CA ILE A 77 10.83 -45.49 -8.99
C ILE A 77 9.85 -44.47 -8.39
N ARG A 78 8.84 -44.93 -7.65
CA ARG A 78 7.80 -44.08 -7.03
C ARG A 78 8.43 -43.20 -5.94
N LYS A 79 9.34 -43.76 -5.14
CA LYS A 79 10.04 -43.04 -4.04
C LYS A 79 10.95 -41.96 -4.64
N ARG A 80 11.67 -42.28 -5.73
CA ARG A 80 12.55 -41.34 -6.48
C ARG A 80 11.69 -40.23 -7.09
N ALA A 81 10.57 -40.59 -7.72
CA ALA A 81 9.61 -39.65 -8.35
C ALA A 81 9.10 -38.65 -7.31
N ASP A 82 8.86 -39.10 -6.08
CA ASP A 82 8.37 -38.26 -4.95
C ASP A 82 9.47 -37.25 -4.54
N GLU A 83 10.74 -37.67 -4.54
CA GLU A 83 11.91 -36.81 -4.22
C GLU A 83 12.03 -35.71 -5.27
N MET A 84 11.92 -36.07 -6.56
CA MET A 84 12.02 -35.14 -7.72
C MET A 84 10.89 -34.11 -7.67
N GLU A 85 9.70 -34.51 -7.21
CA GLU A 85 8.50 -33.64 -7.06
C GLU A 85 8.79 -32.54 -6.04
N LEU A 86 9.18 -32.93 -4.82
CA LEU A 86 9.48 -31.99 -3.70
C LEU A 86 10.65 -31.08 -4.08
N GLU A 87 11.69 -31.64 -4.71
CA GLU A 87 12.90 -30.90 -5.17
C GLU A 87 12.48 -29.77 -6.12
N HIS A 88 11.58 -30.07 -7.07
CA HIS A 88 11.07 -29.12 -8.10
C HIS A 88 10.16 -28.09 -7.43
N ILE A 89 9.18 -28.56 -6.64
CA ILE A 89 8.15 -27.72 -5.96
C ILE A 89 8.83 -26.71 -5.02
N ARG A 90 9.83 -27.15 -4.25
CA ARG A 90 10.48 -26.32 -3.20
C ARG A 90 11.32 -25.20 -3.83
N LYS A 91 11.91 -25.44 -5.01
CA LYS A 91 12.86 -24.48 -5.67
C LYS A 91 12.11 -23.63 -6.70
N HIS A 92 11.30 -24.25 -7.57
CA HIS A 92 10.63 -23.58 -8.73
C HIS A 92 9.19 -23.15 -8.36
N GLY A 93 8.66 -23.65 -7.24
CA GLY A 93 7.31 -23.32 -6.74
C GLY A 93 6.28 -24.34 -7.20
N VAL A 94 5.22 -24.53 -6.41
CA VAL A 94 4.07 -25.44 -6.72
C VAL A 94 3.40 -24.92 -7.99
N PRO A 95 3.14 -25.77 -9.01
CA PRO A 95 2.43 -25.34 -10.21
C PRO A 95 0.94 -25.09 -9.89
N ILE A 96 0.51 -23.82 -9.99
CA ILE A 96 -0.89 -23.37 -9.69
C ILE A 96 -1.69 -23.38 -11.00
N LYS A 97 -2.89 -23.96 -10.98
CA LYS A 97 -3.84 -23.95 -12.13
C LYS A 97 -4.16 -22.50 -12.50
N LYS A 98 -4.11 -22.17 -13.79
CA LYS A 98 -4.38 -20.80 -14.31
C LYS A 98 -5.80 -20.39 -13.89
N GLY A 99 -5.93 -19.26 -13.19
CA GLY A 99 -7.21 -18.65 -12.81
C GLY A 99 -7.59 -18.92 -11.36
N LEU A 100 -6.83 -19.76 -10.64
CA LEU A 100 -7.16 -20.17 -9.24
C LEU A 100 -7.20 -18.93 -8.34
N VAL A 101 -6.14 -18.13 -8.33
CA VAL A 101 -5.99 -16.94 -7.44
C VAL A 101 -7.11 -15.94 -7.76
N GLN A 102 -7.47 -15.79 -9.04
CA GLN A 102 -8.58 -14.93 -9.51
C GLN A 102 -9.90 -15.41 -8.92
N VAL A 103 -10.11 -16.74 -8.90
CA VAL A 103 -11.33 -17.40 -8.34
C VAL A 103 -11.36 -17.18 -6.81
N LEU A 104 -10.27 -17.56 -6.12
CA LEU A 104 -10.16 -17.49 -4.64
C LEU A 104 -10.43 -16.06 -4.14
N GLU A 105 -9.86 -15.05 -4.81
CA GLU A 105 -10.03 -13.62 -4.46
C GLU A 105 -11.50 -13.21 -4.59
N ARG A 106 -12.19 -13.68 -5.63
CA ARG A 106 -13.62 -13.38 -5.89
C ARG A 106 -14.48 -14.00 -4.77
N LEU A 107 -14.24 -15.27 -4.45
CA LEU A 107 -14.99 -16.03 -3.40
C LEU A 107 -14.75 -15.40 -2.03
N ARG A 108 -13.52 -14.92 -1.78
CA ARG A 108 -13.12 -14.34 -0.47
C ARG A 108 -13.77 -12.96 -0.28
N LYS A 109 -13.66 -12.08 -1.28
CA LYS A 109 -14.27 -10.72 -1.27
C LYS A 109 -15.79 -10.82 -1.30
N SER A 110 -16.34 -11.96 -1.75
CA SER A 110 -17.80 -12.28 -1.73
C SER A 110 -18.23 -12.69 -0.31
N GLY A 111 -17.28 -12.96 0.58
CA GLY A 111 -17.52 -13.22 2.02
C GLY A 111 -17.69 -14.69 2.34
N LEU A 112 -17.29 -15.58 1.43
CA LEU A 112 -17.38 -17.06 1.62
C LEU A 112 -16.34 -17.51 2.65
N ARG A 113 -16.73 -18.41 3.55
CA ARG A 113 -15.81 -19.14 4.46
C ARG A 113 -15.28 -20.35 3.70
N MET A 114 -13.96 -20.44 3.52
CA MET A 114 -13.31 -21.38 2.57
C MET A 114 -12.41 -22.38 3.32
N ALA A 115 -12.30 -23.60 2.78
CA ALA A 115 -11.52 -24.72 3.35
C ALA A 115 -10.87 -25.53 2.23
N VAL A 116 -9.89 -26.36 2.59
CA VAL A 116 -9.24 -27.37 1.70
C VAL A 116 -9.58 -28.76 2.22
N ALA A 117 -10.08 -29.64 1.34
CA ALA A 117 -10.40 -31.06 1.64
C ALA A 117 -9.47 -31.94 0.78
N THR A 118 -8.27 -32.23 1.31
CA THR A 118 -7.18 -32.95 0.60
C THR A 118 -6.98 -34.32 1.24
N SER A 119 -6.61 -35.33 0.44
CA SER A 119 -6.24 -36.70 0.89
C SER A 119 -4.78 -36.71 1.37
N SER A 120 -4.00 -35.68 1.04
CA SER A 120 -2.61 -35.45 1.51
C SER A 120 -2.60 -35.27 3.03
N ARG A 121 -1.42 -35.33 3.65
CA ARG A 121 -1.23 -35.23 5.12
C ARG A 121 -0.96 -33.77 5.48
N ARG A 122 -1.41 -33.35 6.67
CA ARG A 122 -1.30 -31.96 7.21
C ARG A 122 0.05 -31.36 6.84
N ALA A 123 1.14 -32.04 7.22
CA ALA A 123 2.55 -31.56 7.07
C ALA A 123 2.82 -31.10 5.64
N ILE A 124 2.60 -31.98 4.65
CA ILE A 124 2.94 -31.74 3.22
C ILE A 124 1.87 -30.83 2.58
N ALA A 125 0.62 -30.94 3.02
CA ALA A 125 -0.53 -30.14 2.52
C ALA A 125 -0.33 -28.66 2.84
N GLU A 126 0.13 -28.34 4.06
CA GLU A 126 0.35 -26.95 4.53
C GLU A 126 1.51 -26.31 3.77
N GLU A 127 2.62 -27.03 3.61
CA GLU A 127 3.84 -26.54 2.88
C GLU A 127 3.46 -26.12 1.46
N TYR A 128 2.65 -26.93 0.77
CA TYR A 128 2.19 -26.71 -0.63
C TYR A 128 1.38 -25.41 -0.70
N LEU A 129 0.43 -25.23 0.23
CA LEU A 129 -0.49 -24.07 0.29
C LEU A 129 0.30 -22.80 0.63
N ILE A 130 1.33 -22.91 1.47
CA ILE A 130 2.26 -21.80 1.84
C ILE A 130 3.15 -21.48 0.64
N ASN A 131 3.73 -22.51 0.02
CA ASN A 131 4.58 -22.41 -1.20
C ASN A 131 3.86 -21.60 -2.27
N ALA A 132 2.60 -21.94 -2.55
CA ALA A 132 1.75 -21.31 -3.60
C ALA A 132 1.27 -19.92 -3.15
N ASN A 133 1.25 -19.68 -1.83
CA ASN A 133 0.78 -18.42 -1.19
C ASN A 133 -0.74 -18.31 -1.34
N VAL A 134 -1.46 -19.42 -1.13
CA VAL A 134 -2.95 -19.49 -1.20
C VAL A 134 -3.53 -19.91 0.15
N TYR A 135 -2.68 -20.30 1.11
CA TYR A 135 -3.05 -20.67 2.51
C TYR A 135 -3.87 -19.54 3.15
N LYS A 136 -3.48 -18.30 2.86
CA LYS A 136 -4.12 -17.04 3.37
C LYS A 136 -5.62 -17.04 3.10
N PHE A 137 -6.07 -17.67 2.00
CA PHE A 137 -7.49 -17.65 1.52
C PHE A 137 -8.36 -18.64 2.30
N PHE A 138 -7.76 -19.60 3.02
CA PHE A 138 -8.48 -20.74 3.66
C PHE A 138 -8.51 -20.56 5.18
N ASP A 139 -9.69 -20.79 5.76
CA ASP A 139 -9.99 -20.67 7.22
C ASP A 139 -9.53 -21.94 7.93
N VAL A 140 -9.97 -23.11 7.41
CA VAL A 140 -9.60 -24.45 7.93
C VAL A 140 -9.07 -25.29 6.77
N ILE A 141 -8.40 -26.40 7.10
CA ILE A 141 -7.84 -27.39 6.13
C ILE A 141 -8.05 -28.78 6.75
N THR A 142 -8.92 -29.60 6.14
CA THR A 142 -9.24 -30.99 6.55
C THR A 142 -8.40 -31.94 5.68
N CYS A 143 -7.66 -32.86 6.33
CA CYS A 143 -6.63 -33.71 5.69
C CYS A 143 -7.00 -35.20 5.80
N GLY A 144 -6.46 -36.03 4.91
CA GLY A 144 -6.75 -37.46 4.78
C GLY A 144 -6.28 -38.26 6.00
N ASP A 145 -5.25 -37.78 6.70
CA ASP A 145 -4.66 -38.45 7.89
C ASP A 145 -5.40 -38.01 9.17
N GLU A 146 -6.53 -37.30 9.03
CA GLU A 146 -7.34 -36.78 10.16
C GLU A 146 -8.82 -37.17 9.98
N VAL A 147 -9.08 -38.27 9.26
CA VAL A 147 -10.45 -38.84 9.03
C VAL A 147 -10.36 -40.38 9.09
N GLU A 148 -11.41 -41.02 9.63
CA GLU A 148 -11.50 -42.50 9.76
C GLU A 148 -11.56 -43.11 8.35
N GLN A 149 -12.57 -42.73 7.56
CA GLN A 149 -12.79 -43.19 6.17
C GLN A 149 -12.55 -42.03 5.20
N GLY A 150 -11.59 -42.18 4.28
CA GLY A 150 -11.26 -41.18 3.25
C GLY A 150 -12.18 -41.28 2.05
N LYS A 151 -11.91 -40.49 1.00
CA LYS A 151 -12.69 -40.47 -0.28
C LYS A 151 -12.66 -41.87 -0.87
N PRO A 152 -13.78 -42.39 -1.42
CA PRO A 152 -14.98 -41.61 -1.72
C PRO A 152 -16.05 -41.47 -0.64
N HIS A 153 -15.71 -41.70 0.64
CA HIS A 153 -16.59 -41.48 1.81
C HIS A 153 -16.74 -39.98 2.03
N PRO A 154 -17.96 -39.46 2.31
CA PRO A 154 -18.19 -38.02 2.42
C PRO A 154 -17.64 -37.33 3.70
N GLU A 155 -17.02 -38.09 4.61
CA GLU A 155 -16.58 -37.63 5.94
C GLU A 155 -15.73 -36.36 5.82
N ILE A 156 -14.76 -36.34 4.91
CA ILE A 156 -13.73 -35.27 4.78
C ILE A 156 -14.39 -33.95 4.36
N PHE A 157 -15.39 -33.99 3.47
CA PHE A 157 -16.14 -32.80 2.97
C PHE A 157 -17.20 -32.39 4.01
N LEU A 158 -17.83 -33.36 4.67
CA LEU A 158 -18.82 -33.14 5.76
C LEU A 158 -18.12 -32.45 6.94
N LYS A 159 -16.91 -32.90 7.29
CA LYS A 159 -16.10 -32.35 8.41
C LYS A 159 -15.67 -30.92 8.07
N ALA A 160 -15.12 -30.71 6.87
CA ALA A 160 -14.65 -29.40 6.36
C ALA A 160 -15.79 -28.38 6.43
N ALA A 161 -17.00 -28.79 6.07
CA ALA A 161 -18.24 -27.96 6.09
C ALA A 161 -18.62 -27.61 7.53
N SER A 162 -18.64 -28.61 8.42
CA SER A 162 -19.04 -28.46 9.84
C SER A 162 -18.08 -27.53 10.59
N GLN A 163 -16.79 -27.56 10.23
CA GLN A 163 -15.73 -26.71 10.83
C GLN A 163 -15.91 -25.25 10.39
N LEU A 164 -16.59 -25.01 9.26
CA LEU A 164 -16.87 -23.65 8.72
C LEU A 164 -18.25 -23.14 9.19
N HIS A 165 -18.93 -23.90 10.07
CA HIS A 165 -20.25 -23.54 10.66
C HIS A 165 -21.35 -23.65 9.60
N LEU A 166 -21.15 -24.47 8.56
CA LEU A 166 -22.05 -24.54 7.37
C LEU A 166 -22.54 -25.98 7.17
N ASP A 167 -23.76 -26.13 6.65
CA ASP A 167 -24.28 -27.38 6.05
C ASP A 167 -23.57 -27.57 4.69
N ALA A 168 -23.34 -28.82 4.29
CA ALA A 168 -22.65 -29.20 3.03
C ALA A 168 -23.31 -28.51 1.83
N ASN A 169 -24.65 -28.40 1.83
CA ASN A 169 -25.46 -27.88 0.69
C ASN A 169 -25.36 -26.36 0.58
N GLN A 170 -24.65 -25.69 1.51
CA GLN A 170 -24.37 -24.23 1.46
C GLN A 170 -23.00 -23.97 0.82
N CYS A 171 -22.23 -25.03 0.54
CA CYS A 171 -20.82 -24.96 0.08
C CYS A 171 -20.70 -25.38 -1.39
N LEU A 172 -19.90 -24.64 -2.18
CA LEU A 172 -19.33 -25.11 -3.47
C LEU A 172 -18.19 -26.08 -3.15
N MET A 173 -18.15 -27.24 -3.81
CA MET A 173 -17.11 -28.28 -3.57
C MET A 173 -16.40 -28.59 -4.90
N PHE A 174 -15.12 -28.21 -5.00
CA PHE A 174 -14.26 -28.31 -6.21
C PHE A 174 -13.45 -29.62 -6.15
N GLU A 175 -13.43 -30.37 -7.25
CA GLU A 175 -12.79 -31.71 -7.32
C GLU A 175 -12.45 -32.07 -8.78
N ASP A 176 -11.44 -32.93 -8.97
CA ASP A 176 -10.99 -33.45 -10.29
C ASP A 176 -11.21 -34.97 -10.38
N SER A 177 -10.88 -35.72 -9.32
CA SER A 177 -10.87 -37.20 -9.29
C SER A 177 -12.30 -37.75 -9.16
N GLU A 178 -12.50 -39.02 -9.52
CA GLU A 178 -13.81 -39.73 -9.46
C GLU A 178 -14.25 -39.89 -8.01
N ASN A 179 -13.39 -40.48 -7.17
CA ASN A 179 -13.66 -40.78 -5.73
C ASN A 179 -13.98 -39.48 -5.00
N GLY A 180 -13.19 -38.43 -5.23
CA GLY A 180 -13.38 -37.10 -4.61
C GLY A 180 -14.72 -36.49 -4.95
N LEU A 181 -15.16 -36.61 -6.20
CA LEU A 181 -16.46 -36.07 -6.69
C LEU A 181 -17.61 -36.80 -6.00
N THR A 182 -17.49 -38.13 -5.85
CA THR A 182 -18.44 -39.01 -5.13
C THR A 182 -18.56 -38.54 -3.67
N SER A 183 -17.41 -38.30 -3.02
CA SER A 183 -17.29 -37.81 -1.63
C SER A 183 -18.02 -36.47 -1.49
N ALA A 184 -17.73 -35.51 -2.38
CA ALA A 184 -18.32 -34.16 -2.41
C ALA A 184 -19.83 -34.24 -2.70
N HIS A 185 -20.22 -35.06 -3.69
CA HIS A 185 -21.63 -35.23 -4.13
C HIS A 185 -22.46 -35.86 -3.01
N THR A 186 -21.95 -36.92 -2.37
CA THR A 186 -22.64 -37.67 -1.30
C THR A 186 -22.89 -36.76 -0.10
N SER A 187 -21.94 -35.88 0.23
CA SER A 187 -22.00 -34.94 1.38
C SER A 187 -23.18 -33.96 1.22
N LYS A 188 -23.55 -33.64 -0.02
CA LYS A 188 -24.75 -32.85 -0.43
C LYS A 188 -24.34 -31.43 -0.88
N GLY A 189 -23.07 -31.21 -1.19
CA GLY A 189 -22.56 -29.90 -1.64
C GLY A 189 -22.83 -29.67 -3.13
N LEU A 190 -22.78 -28.40 -3.56
CA LEU A 190 -22.82 -28.01 -5.00
C LEU A 190 -21.46 -28.36 -5.63
N THR A 191 -21.39 -29.49 -6.32
CA THR A 191 -20.13 -30.06 -6.88
C THR A 191 -19.73 -29.26 -8.14
N ILE A 192 -18.46 -28.85 -8.19
CA ILE A 192 -17.80 -28.23 -9.39
C ILE A 192 -16.72 -29.21 -9.86
N LEU A 193 -16.99 -29.97 -10.93
CA LEU A 193 -16.04 -30.93 -11.54
C LEU A 193 -15.13 -30.18 -12.51
N LEU A 194 -13.82 -30.21 -12.29
CA LEU A 194 -12.78 -29.57 -13.15
C LEU A 194 -11.91 -30.66 -13.78
N LYS A 195 -11.89 -30.72 -15.12
CA LYS A 195 -11.04 -31.66 -15.90
C LYS A 195 -9.58 -31.31 -15.66
N ASP A 196 -8.76 -32.30 -15.29
CA ASP A 196 -7.30 -32.15 -15.06
C ASP A 196 -6.57 -32.71 -16.28
N ILE A 197 -6.30 -34.03 -16.30
CA ILE A 197 -5.54 -34.73 -17.39
C ILE A 197 -6.52 -35.60 -18.18
N LYS A 198 -7.16 -36.56 -17.51
CA LYS A 198 -8.03 -37.60 -18.13
C LYS A 198 -9.46 -37.07 -18.27
N GLU A 199 -10.10 -37.33 -19.42
CA GLU A 199 -11.52 -37.03 -19.70
C GLU A 199 -12.38 -37.77 -18.68
N PRO A 200 -13.27 -37.08 -17.92
CA PRO A 200 -14.12 -37.76 -16.95
C PRO A 200 -15.17 -38.65 -17.63
N ASN A 201 -15.47 -39.80 -17.02
CA ASN A 201 -16.48 -40.78 -17.53
C ASN A 201 -17.87 -40.15 -17.43
N ASP A 202 -18.87 -40.80 -18.04
CA ASP A 202 -20.27 -40.28 -18.14
C ASP A 202 -20.92 -40.22 -16.76
N GLU A 203 -20.56 -41.16 -15.86
CA GLU A 203 -21.13 -41.26 -14.48
C GLU A 203 -20.71 -40.02 -13.66
N MET A 204 -19.47 -39.55 -13.84
CA MET A 204 -18.93 -38.35 -13.16
C MET A 204 -19.63 -37.09 -13.70
N LEU A 205 -19.88 -37.02 -15.01
CA LEU A 205 -20.56 -35.87 -15.67
C LEU A 205 -22.04 -35.85 -15.27
N GLU A 206 -22.62 -37.00 -14.93
CA GLU A 206 -24.03 -37.13 -14.46
C GLU A 206 -24.14 -36.62 -13.02
N LYS A 207 -23.18 -36.98 -12.16
CA LYS A 207 -23.15 -36.61 -10.72
C LYS A 207 -22.96 -35.09 -10.56
N ALA A 208 -21.93 -34.53 -11.22
CA ALA A 208 -21.50 -33.12 -11.11
C ALA A 208 -22.69 -32.19 -11.39
N HIS A 209 -22.84 -31.16 -10.55
CA HIS A 209 -23.85 -30.07 -10.72
C HIS A 209 -23.40 -29.15 -11.86
N PHE A 210 -22.10 -28.85 -11.92
CA PHE A 210 -21.46 -28.00 -12.97
C PHE A 210 -20.11 -28.63 -13.37
N TYR A 211 -19.84 -28.69 -14.68
CA TYR A 211 -18.57 -29.21 -15.26
C TYR A 211 -17.88 -28.11 -16.06
N TYR A 212 -16.55 -28.04 -15.98
CA TYR A 212 -15.67 -27.09 -16.70
C TYR A 212 -14.41 -27.83 -17.17
N ASP A 213 -13.92 -27.48 -18.36
CA ASP A 213 -12.70 -28.09 -18.99
C ASP A 213 -11.45 -27.64 -18.21
N GLN A 214 -11.51 -26.50 -17.53
CA GLN A 214 -10.39 -25.91 -16.77
C GLN A 214 -10.92 -24.87 -15.76
N MET A 215 -10.04 -24.35 -14.90
CA MET A 215 -10.36 -23.35 -13.85
C MET A 215 -10.88 -22.06 -14.48
N TYR A 216 -10.29 -21.65 -15.63
CA TYR A 216 -10.56 -20.34 -16.28
C TYR A 216 -11.99 -20.32 -16.84
N ASP A 217 -12.54 -21.49 -17.18
CA ASP A 217 -13.94 -21.65 -17.66
C ASP A 217 -14.90 -21.41 -16.48
N PHE A 218 -14.55 -21.86 -15.27
CA PHE A 218 -15.33 -21.61 -14.03
C PHE A 218 -15.24 -20.12 -13.66
N LEU A 219 -14.06 -19.51 -13.84
CA LEU A 219 -13.79 -18.07 -13.58
C LEU A 219 -14.70 -17.22 -14.46
N THR A 220 -14.81 -17.56 -15.75
CA THR A 220 -15.67 -16.87 -16.75
C THR A 220 -17.13 -16.96 -16.32
N ASP A 221 -17.55 -18.11 -15.77
CA ASP A 221 -18.93 -18.36 -15.28
C ASP A 221 -19.14 -17.58 -13.97
N LEU A 222 -18.16 -17.64 -13.05
CA LEU A 222 -18.20 -16.95 -11.73
C LEU A 222 -18.32 -15.43 -11.92
N ASP A 223 -17.65 -14.88 -12.94
CA ASP A 223 -17.62 -13.42 -13.25
C ASP A 223 -19.05 -12.90 -13.46
N GLN A 224 -19.98 -13.74 -13.92
CA GLN A 224 -21.40 -13.38 -14.18
C GLN A 224 -22.14 -13.10 -12.85
N PHE A 225 -21.64 -13.62 -11.73
CA PHE A 225 -22.31 -13.59 -10.40
C PHE A 225 -21.57 -12.69 -9.40
N ILE A 226 -20.40 -12.15 -9.79
CA ILE A 226 -19.61 -11.19 -8.96
C ILE A 226 -19.53 -9.86 -9.70
N PRO A 227 -19.56 -8.72 -9.00
CA PRO A 227 -19.64 -7.41 -9.65
C PRO A 227 -18.29 -6.90 -10.19
N VAL A 228 -18.33 -6.17 -11.32
CA VAL A 228 -17.24 -5.25 -11.75
C VAL A 228 -17.16 -4.13 -10.70
N MET A 229 -15.95 -3.85 -10.20
CA MET A 229 -15.72 -2.88 -9.10
C MET A 229 -15.80 -1.44 -9.64
N ASP A 230 -15.98 -0.47 -8.75
CA ASP A 230 -16.15 0.98 -9.08
C ASP A 230 -14.83 1.56 -9.59
N MET A 231 -14.91 2.73 -10.22
CA MET A 231 -13.74 3.55 -10.64
C MET A 231 -12.82 3.75 -9.44
N PRO A 232 -11.53 3.35 -9.53
CA PRO A 232 -10.58 3.58 -8.44
C PRO A 232 -10.45 5.08 -8.09
N GLU A 233 -10.34 5.39 -6.80
CA GLU A 233 -10.05 6.75 -6.28
C GLU A 233 -8.53 6.97 -6.27
N MET A 234 -8.10 8.22 -6.14
CA MET A 234 -6.67 8.60 -5.95
C MET A 234 -6.18 8.02 -4.62
N GLN A 235 -4.96 7.46 -4.62
CA GLN A 235 -4.25 6.91 -3.42
C GLN A 235 -4.90 5.60 -2.96
N GLU A 236 -5.78 5.00 -3.78
CA GLU A 236 -6.40 3.68 -3.52
C GLU A 236 -5.39 2.60 -3.87
N PRO A 237 -5.08 1.64 -2.96
CA PRO A 237 -4.10 0.59 -3.23
C PRO A 237 -4.48 -0.31 -4.41
N PHE A 238 -3.46 -0.88 -5.07
CA PHE A 238 -3.61 -1.95 -6.09
C PHE A 238 -3.91 -3.26 -5.38
N PRO A 239 -4.44 -4.30 -6.08
CA PRO A 239 -4.62 -5.62 -5.48
C PRO A 239 -3.28 -6.23 -5.01
N GLN A 240 -3.32 -6.99 -3.92
CA GLN A 240 -2.15 -7.70 -3.34
C GLN A 240 -1.85 -8.95 -4.18
N SER A 241 -2.90 -9.71 -4.54
CA SER A 241 -2.81 -11.01 -5.24
C SER A 241 -2.46 -10.80 -6.72
N LEU A 242 -1.51 -11.58 -7.23
CA LEU A 242 -1.11 -11.60 -8.66
C LEU A 242 -1.83 -12.74 -9.38
N ASN A 243 -2.26 -12.50 -10.63
CA ASN A 243 -2.75 -13.55 -11.56
C ASN A 243 -1.57 -14.00 -12.43
N GLN A 244 -1.79 -14.90 -13.38
CA GLN A 244 -0.73 -15.51 -14.23
C GLN A 244 -0.67 -14.83 -15.60
N LEU A 245 -1.36 -13.69 -15.77
CA LEU A 245 -1.40 -12.93 -17.04
C LEU A 245 -0.22 -11.96 -17.11
N THR A 246 0.31 -11.75 -18.32
CA THR A 246 1.29 -10.69 -18.67
C THR A 246 0.57 -9.63 -19.50
N VAL A 247 0.93 -8.36 -19.33
CA VAL A 247 0.37 -7.21 -20.11
C VAL A 247 1.55 -6.40 -20.68
N GLY A 248 1.32 -5.66 -21.77
CA GLY A 248 2.35 -4.89 -22.49
C GLY A 248 1.99 -3.42 -22.58
N ILE A 249 3.01 -2.55 -22.56
CA ILE A 249 2.88 -1.08 -22.81
C ILE A 249 3.91 -0.71 -23.90
N HIS A 250 3.51 -0.85 -25.17
CA HIS A 250 4.32 -0.51 -26.36
C HIS A 250 4.55 1.02 -26.38
N GLY A 251 5.66 1.46 -25.80
CA GLY A 251 6.03 2.89 -25.68
C GLY A 251 5.94 3.35 -24.23
N PHE A 252 6.96 3.03 -23.43
CA PHE A 252 7.10 3.43 -22.00
C PHE A 252 7.40 4.94 -21.94
N GLY A 253 6.41 5.75 -22.31
CA GLY A 253 6.50 7.23 -22.33
C GLY A 253 5.67 7.84 -21.22
N ALA A 254 5.34 9.13 -21.34
CA ALA A 254 4.58 9.91 -20.33
C ALA A 254 3.26 9.22 -20.03
N ILE A 255 2.44 8.98 -21.06
CA ILE A 255 1.06 8.42 -20.92
C ILE A 255 1.15 6.91 -20.65
N GLY A 256 2.15 6.23 -21.22
CA GLY A 256 2.36 4.78 -21.08
C GLY A 256 2.75 4.41 -19.66
N GLY A 257 3.77 5.07 -19.10
CA GLY A 257 4.32 4.80 -17.76
C GLY A 257 3.61 5.58 -16.66
N GLY A 258 3.01 6.73 -17.00
CA GLY A 258 2.45 7.69 -16.02
C GLY A 258 0.94 7.61 -15.90
N TYR A 259 0.28 6.71 -16.62
CA TYR A 259 -1.20 6.55 -16.60
C TYR A 259 -1.60 5.09 -16.86
N ILE A 260 -1.28 4.56 -18.04
CA ILE A 260 -1.68 3.19 -18.49
C ILE A 260 -1.18 2.16 -17.47
N ALA A 261 0.02 2.38 -16.92
CA ALA A 261 0.65 1.52 -15.88
C ALA A 261 -0.26 1.44 -14.64
N GLN A 262 -0.91 2.53 -14.26
CA GLN A 262 -1.85 2.60 -13.10
C GLN A 262 -3.09 1.75 -13.40
N ILE A 263 -3.67 1.90 -14.59
CA ILE A 263 -4.91 1.19 -15.04
C ILE A 263 -4.64 -0.32 -15.00
N LEU A 264 -3.51 -0.76 -15.55
CA LEU A 264 -3.11 -2.19 -15.63
C LEU A 264 -2.79 -2.73 -14.23
N SER A 265 -2.27 -1.87 -13.34
CA SER A 265 -1.92 -2.21 -11.93
C SER A 265 -3.19 -2.43 -11.11
N HIS A 266 -4.22 -1.60 -11.32
CA HIS A 266 -5.56 -1.73 -10.67
C HIS A 266 -6.28 -2.95 -11.24
N TRP A 267 -6.22 -3.14 -12.57
CA TRP A 267 -6.80 -4.29 -13.30
C TRP A 267 -8.30 -4.39 -12.99
N ASP A 268 -8.77 -5.46 -12.32
CA ASP A 268 -10.20 -5.69 -12.01
C ASP A 268 -10.46 -5.52 -10.50
N GLY A 269 -9.41 -5.26 -9.70
CA GLY A 269 -9.52 -5.03 -8.25
C GLY A 269 -9.41 -6.31 -7.44
N TYR A 270 -9.56 -7.47 -8.09
CA TYR A 270 -9.46 -8.82 -7.46
C TYR A 270 -8.01 -9.29 -7.54
N THR A 271 -7.41 -9.20 -8.73
CA THR A 271 -5.97 -9.53 -9.00
C THR A 271 -5.37 -8.48 -9.95
N LYS A 272 -4.08 -8.58 -10.22
CA LYS A 272 -3.35 -7.74 -11.21
C LYS A 272 -2.33 -8.63 -11.94
N PRO A 273 -1.89 -8.24 -13.16
CA PRO A 273 -0.88 -9.00 -13.89
C PRO A 273 0.41 -9.20 -13.09
N LYS A 274 1.05 -10.37 -13.27
CA LYS A 274 2.31 -10.76 -12.57
C LYS A 274 3.50 -10.02 -13.18
N ARG A 275 3.35 -9.48 -14.40
CA ARG A 275 4.44 -8.83 -15.17
C ARG A 275 3.84 -7.80 -16.12
N ILE A 276 4.42 -6.59 -16.17
CA ILE A 276 4.07 -5.50 -17.12
C ILE A 276 5.32 -5.18 -17.95
N ILE A 277 5.34 -5.62 -19.22
CA ILE A 277 6.46 -5.39 -20.18
C ILE A 277 6.26 -4.02 -20.84
N ALA A 278 7.28 -3.16 -20.82
CA ALA A 278 7.27 -1.80 -21.38
C ALA A 278 8.51 -1.59 -22.27
N SER A 279 8.31 -1.01 -23.46
CA SER A 279 9.37 -0.83 -24.51
C SER A 279 9.82 0.64 -24.53
N THR A 280 11.14 0.86 -24.66
CA THR A 280 11.77 2.21 -24.75
C THR A 280 13.20 2.07 -25.29
N ARG A 281 13.65 3.06 -26.07
CA ARG A 281 15.03 3.18 -26.61
C ARG A 281 15.92 3.87 -25.58
N ASN A 282 15.32 4.56 -24.60
CA ASN A 282 16.01 5.25 -23.48
C ASN A 282 16.63 4.19 -22.56
N SER A 283 17.94 3.97 -22.69
CA SER A 283 18.73 2.95 -21.94
C SER A 283 18.78 3.30 -20.45
N LEU A 284 18.88 4.58 -20.10
CA LEU A 284 18.96 5.08 -18.70
C LEU A 284 17.67 4.70 -17.97
N PHE A 285 16.50 5.00 -18.57
CA PHE A 285 15.15 4.66 -18.04
C PHE A 285 15.03 3.14 -17.86
N ARG A 286 15.50 2.36 -18.84
CA ARG A 286 15.40 0.87 -18.86
C ARG A 286 16.20 0.29 -17.70
N GLU A 287 17.51 0.59 -17.64
CA GLU A 287 18.46 0.02 -16.65
C GLU A 287 18.10 0.47 -15.23
N ALA A 288 17.67 1.73 -15.07
CA ALA A 288 17.31 2.34 -13.76
C ALA A 288 16.11 1.61 -13.15
N VAL A 289 15.03 1.42 -13.92
CA VAL A 289 13.77 0.77 -13.47
C VAL A 289 14.06 -0.70 -13.13
N ASN A 290 14.87 -1.37 -13.96
CA ASN A 290 15.26 -2.80 -13.79
C ASN A 290 16.16 -2.95 -12.56
N ALA A 291 16.98 -1.94 -12.27
CA ALA A 291 17.91 -1.91 -11.11
C ALA A 291 17.11 -1.78 -9.81
N PHE A 292 16.10 -0.89 -9.79
CA PHE A 292 15.17 -0.67 -8.64
C PHE A 292 14.12 -1.79 -8.60
N GLY A 293 13.78 -2.37 -9.76
CA GLY A 293 12.73 -3.39 -9.93
C GLY A 293 11.34 -2.78 -9.84
N THR A 294 11.24 -1.46 -9.96
CA THR A 294 10.01 -0.65 -9.75
C THR A 294 10.31 0.82 -10.01
N TYR A 295 9.27 1.61 -10.32
CA TYR A 295 9.31 3.10 -10.38
C TYR A 295 8.05 3.66 -9.72
N SER A 296 7.96 4.98 -9.58
CA SER A 296 6.83 5.68 -8.92
C SER A 296 6.34 6.84 -9.78
N ILE A 297 5.01 7.07 -9.78
CA ILE A 297 4.33 8.21 -10.45
C ILE A 297 3.97 9.25 -9.38
N ARG A 298 4.45 10.48 -9.55
CA ARG A 298 4.23 11.60 -8.59
C ARG A 298 2.96 12.37 -9.01
N TYR A 299 2.04 12.55 -8.05
CA TYR A 299 0.81 13.37 -8.20
C TYR A 299 0.97 14.64 -7.36
N GLY A 300 1.54 15.68 -7.97
CA GLY A 300 1.94 16.95 -7.33
C GLY A 300 0.88 17.53 -6.42
N GLN A 301 -0.38 17.51 -6.86
CA GLN A 301 -1.55 18.12 -6.16
C GLN A 301 -1.62 17.61 -4.71
N PHE A 302 -1.46 16.30 -4.51
CA PHE A 302 -1.59 15.61 -3.19
C PHE A 302 -0.21 15.19 -2.66
N SER A 303 0.87 15.51 -3.36
CA SER A 303 2.28 15.16 -3.02
C SER A 303 2.37 13.65 -2.74
N TYR A 304 1.73 12.84 -3.59
CA TYR A 304 1.58 11.37 -3.45
C TYR A 304 2.43 10.66 -4.51
N ASP A 305 3.29 9.74 -4.07
CA ASP A 305 4.15 8.89 -4.96
C ASP A 305 3.51 7.51 -5.06
N GLU A 306 3.05 7.13 -6.27
CA GLU A 306 2.35 5.86 -6.56
C GLU A 306 3.36 4.86 -7.14
N ARG A 307 3.74 3.84 -6.36
CA ARG A 307 4.78 2.84 -6.72
C ARG A 307 4.16 1.76 -7.61
N ILE A 308 4.70 1.60 -8.82
CA ILE A 308 4.29 0.57 -9.82
C ILE A 308 5.23 -0.63 -9.70
N GLU A 309 4.70 -1.77 -9.25
CA GLU A 309 5.46 -3.03 -9.02
C GLU A 309 5.38 -3.93 -10.26
N ASN A 310 6.26 -4.93 -10.35
CA ASN A 310 6.23 -6.03 -11.35
C ASN A 310 6.42 -5.46 -12.76
N MET A 311 7.29 -4.45 -12.90
CA MET A 311 7.66 -3.84 -14.21
C MET A 311 8.89 -4.56 -14.77
N SER A 312 8.96 -4.67 -16.10
CA SER A 312 10.12 -5.23 -16.86
C SER A 312 10.32 -4.41 -18.14
N ILE A 313 11.26 -3.46 -18.10
CA ILE A 313 11.53 -2.53 -19.25
C ILE A 313 12.46 -3.23 -20.23
N VAL A 314 12.16 -3.15 -21.53
CA VAL A 314 12.90 -3.84 -22.63
C VAL A 314 13.29 -2.81 -23.70
N ASP A 315 14.26 -3.16 -24.56
CA ASP A 315 14.72 -2.35 -25.71
C ASP A 315 13.71 -2.52 -26.85
N SER A 316 13.27 -1.42 -27.47
CA SER A 316 12.31 -1.39 -28.60
C SER A 316 12.94 -1.97 -29.86
N ASP A 317 14.27 -1.92 -29.97
CA ASP A 317 15.06 -2.45 -31.13
C ASP A 317 15.21 -3.97 -30.99
N ASN A 318 15.37 -4.47 -29.76
CA ASN A 318 15.53 -5.92 -29.44
C ASN A 318 14.25 -6.66 -29.85
N GLU A 319 14.33 -7.51 -30.88
CA GLU A 319 13.19 -8.29 -31.44
C GLU A 319 12.73 -9.33 -30.42
N GLN A 320 13.66 -10.18 -29.96
CA GLN A 320 13.39 -11.32 -29.03
C GLN A 320 12.58 -10.82 -27.82
N GLN A 321 12.87 -9.62 -27.32
CA GLN A 321 12.17 -8.99 -26.17
C GLN A 321 10.81 -8.44 -26.60
N MET A 322 10.73 -7.79 -27.77
CA MET A 322 9.49 -7.17 -28.30
C MET A 322 8.52 -8.26 -28.76
N LEU A 323 9.03 -9.36 -29.33
CA LEU A 323 8.22 -10.54 -29.74
C LEU A 323 7.68 -11.26 -28.50
N GLU A 324 8.47 -11.33 -27.43
CA GLU A 324 8.07 -11.92 -26.12
C GLU A 324 6.86 -11.15 -25.56
N MET A 325 6.77 -9.85 -25.83
CA MET A 325 5.62 -8.99 -25.40
C MET A 325 4.35 -9.45 -26.14
N TYR A 326 4.40 -9.49 -27.47
CA TYR A 326 3.24 -9.80 -28.35
C TYR A 326 2.89 -11.30 -28.32
N THR A 327 3.77 -12.13 -27.74
CA THR A 327 3.58 -13.60 -27.60
C THR A 327 2.90 -13.91 -26.27
N HIS A 328 3.33 -13.26 -25.18
CA HIS A 328 2.97 -13.60 -23.77
C HIS A 328 1.83 -12.71 -23.24
N SER A 329 1.66 -11.50 -23.79
CA SER A 329 0.70 -10.49 -23.28
C SER A 329 -0.75 -10.85 -23.67
N SER A 330 -1.68 -10.72 -22.73
CA SER A 330 -3.14 -10.86 -22.92
C SER A 330 -3.73 -9.53 -23.40
N LEU A 331 -3.15 -8.40 -22.96
CA LEU A 331 -3.53 -7.02 -23.35
C LEU A 331 -2.26 -6.19 -23.55
N ILE A 332 -2.19 -5.44 -24.66
CA ILE A 332 -1.08 -4.50 -24.99
C ILE A 332 -1.68 -3.12 -25.24
N ALA A 333 -1.01 -2.06 -24.77
CA ALA A 333 -1.39 -0.64 -24.94
C ALA A 333 -0.34 0.08 -25.80
N LEU A 334 -0.74 0.53 -26.99
CA LEU A 334 0.11 1.33 -27.91
C LEU A 334 0.06 2.79 -27.45
N CYS A 335 1.20 3.32 -26.98
CA CYS A 335 1.33 4.68 -26.38
C CYS A 335 2.40 5.48 -27.14
N LEU A 336 2.28 5.52 -28.48
CA LEU A 336 3.24 6.19 -29.40
C LEU A 336 2.60 7.47 -29.94
N PRO A 337 3.42 8.47 -30.38
CA PRO A 337 2.92 9.59 -31.18
C PRO A 337 2.50 9.13 -32.59
N GLU A 338 1.89 10.04 -33.37
CA GLU A 338 1.41 9.78 -34.75
C GLU A 338 2.61 9.49 -35.67
N GLN A 339 3.76 10.12 -35.40
CA GLN A 339 4.98 10.07 -36.25
C GLN A 339 5.58 8.65 -36.21
N ALA A 340 5.50 7.97 -35.06
CA ALA A 340 6.15 6.68 -34.78
C ALA A 340 5.31 5.50 -35.28
N ILE A 341 4.04 5.75 -35.65
CA ILE A 341 3.06 4.69 -36.07
C ILE A 341 3.61 3.95 -37.29
N GLU A 342 4.14 4.68 -38.27
CA GLU A 342 4.63 4.14 -39.57
C GLU A 342 5.82 3.21 -39.34
N SER A 343 6.81 3.66 -38.55
CA SER A 343 8.09 2.93 -38.30
C SER A 343 7.85 1.71 -37.39
N GLU A 344 7.02 1.87 -36.34
CA GLU A 344 6.79 0.84 -35.29
C GLU A 344 5.81 -0.24 -35.78
N SER A 345 5.06 0.03 -36.85
CA SER A 345 4.07 -0.91 -37.44
C SER A 345 4.74 -2.23 -37.85
N LYS A 346 6.02 -2.18 -38.28
CA LYS A 346 6.82 -3.36 -38.69
C LYS A 346 7.07 -4.26 -37.48
N ILE A 347 7.39 -3.66 -36.33
CA ILE A 347 7.66 -4.38 -35.05
C ILE A 347 6.35 -5.00 -34.54
N ILE A 348 5.22 -4.31 -34.73
CA ILE A 348 3.85 -4.77 -34.34
C ILE A 348 3.48 -5.97 -35.22
N ALA A 349 3.73 -5.87 -36.53
CA ALA A 349 3.44 -6.91 -37.55
C ALA A 349 4.21 -8.19 -37.21
N LYS A 350 5.52 -8.08 -36.97
CA LYS A 350 6.41 -9.20 -36.59
C LYS A 350 5.94 -9.78 -35.24
N GLY A 351 5.45 -8.93 -34.34
CA GLY A 351 4.90 -9.33 -33.02
C GLY A 351 3.65 -10.18 -33.16
N LEU A 352 2.66 -9.71 -33.92
CA LEU A 352 1.35 -10.37 -34.12
C LEU A 352 1.52 -11.64 -34.97
N TYR A 353 2.48 -11.65 -35.90
CA TYR A 353 2.79 -12.80 -36.79
C TYR A 353 3.50 -13.89 -35.98
N ALA A 354 4.39 -13.50 -35.07
CA ALA A 354 5.09 -14.42 -34.12
C ALA A 354 4.06 -15.07 -33.18
N ARG A 355 3.02 -14.32 -32.80
CA ARG A 355 1.91 -14.80 -31.93
C ARG A 355 1.09 -15.86 -32.68
N PHE A 356 0.84 -15.64 -33.97
CA PHE A 356 0.09 -16.56 -34.87
C PHE A 356 0.84 -17.89 -35.01
N ASN A 357 2.18 -17.81 -35.17
CA ASN A 357 3.07 -18.98 -35.41
C ASN A 357 3.38 -19.70 -34.09
N SER A 358 3.18 -19.03 -32.94
CA SER A 358 3.50 -19.55 -31.58
C SER A 358 2.63 -20.76 -31.24
N GLN A 359 3.20 -21.73 -30.52
CA GLN A 359 2.54 -23.02 -30.14
C GLN A 359 2.17 -22.99 -28.65
N LEU A 360 2.39 -21.86 -27.96
CA LEU A 360 2.08 -21.67 -26.52
C LEU A 360 0.58 -21.50 -26.33
N GLU A 361 0.11 -21.48 -25.07
CA GLU A 361 -1.33 -21.49 -24.69
C GLU A 361 -1.88 -20.07 -24.62
N THR A 362 -1.06 -19.12 -24.14
CA THR A 362 -1.42 -17.68 -23.99
C THR A 362 -1.73 -17.06 -25.37
N CYS A 363 -1.07 -17.54 -26.41
CA CYS A 363 -1.17 -17.02 -27.81
C CYS A 363 -2.49 -17.48 -28.47
N ILE A 364 -3.10 -18.56 -27.97
CA ILE A 364 -4.38 -19.14 -28.51
C ILE A 364 -5.50 -18.13 -28.27
N GLU A 365 -5.48 -17.45 -27.11
CA GLU A 365 -6.51 -16.45 -26.71
C GLU A 365 -6.25 -15.15 -27.45
N PRO A 366 -7.30 -14.49 -28.02
CA PRO A 366 -7.11 -13.22 -28.74
C PRO A 366 -6.52 -12.10 -27.88
N LEU A 367 -5.78 -11.19 -28.52
CA LEU A 367 -5.11 -10.02 -27.88
C LEU A 367 -6.07 -8.83 -27.87
N THR A 368 -6.10 -8.07 -26.77
CA THR A 368 -6.82 -6.78 -26.64
C THR A 368 -5.80 -5.65 -26.84
N PHE A 369 -5.97 -4.85 -27.90
CA PHE A 369 -5.02 -3.79 -28.33
C PHE A 369 -5.65 -2.41 -28.13
N LEU A 370 -5.18 -1.67 -27.12
CA LEU A 370 -5.63 -0.29 -26.80
C LEU A 370 -4.78 0.72 -27.57
N ILE A 371 -5.43 1.56 -28.39
CA ILE A 371 -4.77 2.66 -29.18
C ILE A 371 -4.85 3.95 -28.34
N ILE A 372 -3.76 4.33 -27.69
CA ILE A 372 -3.61 5.61 -26.94
C ILE A 372 -2.99 6.65 -27.87
N LEU A 373 -3.80 7.55 -28.41
CA LEU A 373 -3.39 8.59 -29.40
C LEU A 373 -4.46 9.69 -29.45
N ASN A 374 -4.05 10.94 -29.23
CA ASN A 374 -4.95 12.14 -29.18
C ASN A 374 -5.17 12.64 -30.61
N LYS A 375 -5.78 11.82 -31.47
CA LYS A 375 -6.10 12.13 -32.89
C LYS A 375 -7.37 11.37 -33.28
N VAL A 376 -8.26 12.02 -34.04
CA VAL A 376 -9.54 11.42 -34.54
C VAL A 376 -9.18 10.42 -35.66
N GLY A 377 -9.76 9.22 -35.61
CA GLY A 377 -9.44 8.11 -36.52
C GLY A 377 -8.03 7.58 -36.29
N ALA A 378 -7.63 7.46 -35.02
CA ALA A 378 -6.28 7.03 -34.58
C ALA A 378 -6.07 5.55 -34.91
N LYS A 379 -7.06 4.71 -34.58
CA LYS A 379 -7.02 3.23 -34.80
C LYS A 379 -6.84 2.93 -36.29
N TYR A 380 -7.48 3.71 -37.16
CA TYR A 380 -7.55 3.47 -38.63
C TYR A 380 -6.23 3.89 -39.30
N LEU A 381 -5.44 4.72 -38.63
CA LEU A 381 -4.04 5.06 -39.05
C LEU A 381 -3.14 3.86 -38.73
N VAL A 382 -3.29 3.28 -37.53
CA VAL A 382 -2.50 2.11 -37.04
C VAL A 382 -2.82 0.89 -37.90
N MET A 383 -4.11 0.57 -38.06
CA MET A 383 -4.62 -0.62 -38.80
C MET A 383 -4.17 -0.56 -40.27
N LYS A 384 -4.15 0.63 -40.87
CA LYS A 384 -3.70 0.88 -42.26
C LYS A 384 -2.22 0.50 -42.39
N HIS A 385 -1.36 1.11 -41.55
CA HIS A 385 0.11 0.89 -41.52
C HIS A 385 0.44 -0.54 -41.08
N LEU A 386 -0.39 -1.12 -40.21
CA LEU A 386 -0.24 -2.52 -39.72
C LEU A 386 -0.51 -3.50 -40.87
N LYS A 387 -1.55 -3.23 -41.67
CA LYS A 387 -1.96 -4.05 -42.84
C LYS A 387 -0.82 -4.05 -43.87
N GLU A 388 -0.28 -2.86 -44.18
CA GLU A 388 0.85 -2.65 -45.13
C GLU A 388 2.07 -3.45 -44.68
N ALA A 389 2.40 -3.38 -43.39
CA ALA A 389 3.60 -4.02 -42.77
C ALA A 389 3.44 -5.55 -42.76
N LEU A 390 2.22 -6.05 -42.54
CA LEU A 390 1.90 -7.51 -42.49
C LEU A 390 2.06 -8.12 -43.88
N LEU A 391 1.51 -7.46 -44.92
CA LEU A 391 1.64 -7.87 -46.34
C LEU A 391 3.12 -7.86 -46.73
N GLU A 392 3.83 -6.78 -46.42
CA GLU A 392 5.29 -6.59 -46.66
C GLU A 392 6.06 -7.77 -46.02
N LEU A 393 5.66 -8.20 -44.82
CA LEU A 393 6.34 -9.26 -44.03
C LEU A 393 5.95 -10.64 -44.58
N THR A 394 4.67 -11.00 -44.50
CA THR A 394 4.14 -12.36 -44.78
C THR A 394 4.00 -12.57 -46.29
N ASN A 395 3.43 -11.60 -47.01
CA ASN A 395 3.05 -11.69 -48.45
C ASN A 395 1.96 -12.76 -48.60
N ASP A 396 1.05 -12.82 -47.61
CA ASP A 396 -0.09 -13.77 -47.55
C ASP A 396 -1.33 -12.98 -47.13
N GLU A 397 -2.22 -12.69 -48.10
CA GLU A 397 -3.41 -11.80 -47.93
C GLU A 397 -4.40 -12.45 -46.95
N ASP A 398 -4.47 -13.78 -46.92
CA ASP A 398 -5.39 -14.56 -46.05
C ASP A 398 -4.92 -14.49 -44.59
N VAL A 399 -3.63 -14.72 -44.35
CA VAL A 399 -2.99 -14.68 -42.99
C VAL A 399 -3.05 -13.23 -42.46
N THR A 400 -2.77 -12.25 -43.32
CA THR A 400 -2.79 -10.80 -43.00
C THR A 400 -4.18 -10.39 -42.50
N GLU A 401 -5.23 -10.83 -43.19
CA GLU A 401 -6.64 -10.47 -42.88
C GLU A 401 -7.12 -11.23 -41.64
N HIS A 402 -6.66 -12.47 -41.46
CA HIS A 402 -6.97 -13.33 -40.28
C HIS A 402 -6.52 -12.61 -39.00
N ILE A 403 -5.26 -12.18 -38.96
CA ILE A 403 -4.60 -11.51 -37.79
C ILE A 403 -5.36 -10.22 -37.47
N LEU A 404 -5.75 -9.45 -38.49
CA LEU A 404 -6.44 -8.14 -38.36
C LEU A 404 -7.84 -8.33 -37.75
N LYS A 405 -8.47 -9.49 -37.96
CA LYS A 405 -9.86 -9.80 -37.50
C LYS A 405 -9.85 -10.73 -36.29
N GLU A 406 -8.71 -11.35 -35.97
CA GLU A 406 -8.56 -12.28 -34.81
C GLU A 406 -8.58 -11.47 -33.51
N HIS A 407 -7.82 -10.37 -33.45
CA HIS A 407 -7.55 -9.57 -32.23
C HIS A 407 -8.55 -8.41 -32.13
N TYR A 408 -8.73 -7.88 -30.90
CA TYR A 408 -9.58 -6.70 -30.60
C TYR A 408 -8.72 -5.43 -30.63
N PHE A 409 -9.01 -4.54 -31.59
CA PHE A 409 -8.37 -3.21 -31.72
C PHE A 409 -9.34 -2.14 -31.20
N CYS A 410 -8.99 -1.52 -30.06
CA CYS A 410 -9.87 -0.62 -29.28
C CYS A 410 -9.38 0.83 -29.40
N ASP A 411 -10.23 1.72 -29.91
CA ASP A 411 -10.03 3.20 -29.89
C ASP A 411 -10.31 3.68 -28.46
N THR A 412 -9.55 4.66 -27.97
CA THR A 412 -9.63 5.17 -26.58
C THR A 412 -9.67 6.71 -26.56
N VAL A 413 -10.06 7.28 -25.42
CA VAL A 413 -10.02 8.74 -25.12
C VAL A 413 -9.44 8.92 -23.71
N VAL A 414 -8.25 9.52 -23.63
CA VAL A 414 -7.50 9.78 -22.36
C VAL A 414 -7.54 11.28 -22.06
N ASN A 415 -7.77 11.65 -20.79
CA ASN A 415 -7.93 13.06 -20.33
C ASN A 415 -6.81 13.46 -19.36
N ARG A 416 -5.99 12.51 -18.89
CA ARG A 416 -4.88 12.78 -17.93
C ARG A 416 -3.68 13.37 -18.67
N MET A 417 -3.26 14.59 -18.29
CA MET A 417 -1.99 15.22 -18.75
C MET A 417 -0.83 14.67 -17.91
N VAL A 418 0.24 14.21 -18.57
CA VAL A 418 1.45 13.62 -17.91
C VAL A 418 2.70 14.17 -18.61
N SER A 419 3.78 14.34 -17.85
CA SER A 419 5.12 14.76 -18.34
C SER A 419 6.18 13.75 -17.85
N LYS A 420 6.98 13.24 -18.78
CA LYS A 420 8.12 12.31 -18.48
C LYS A 420 9.30 13.14 -17.98
N LEU A 421 10.09 12.58 -17.05
CA LEU A 421 11.27 13.25 -16.45
C LEU A 421 12.40 13.30 -17.49
N SER A 422 13.20 14.37 -17.46
CA SER A 422 14.39 14.56 -18.33
C SER A 422 15.53 13.66 -17.83
N ASN A 423 16.46 13.30 -18.72
CA ASN A 423 17.65 12.45 -18.41
C ASN A 423 18.60 13.23 -17.49
N GLN A 424 18.61 14.56 -17.60
CA GLN A 424 19.37 15.49 -16.71
C GLN A 424 18.85 15.33 -15.28
N ASN A 425 17.53 15.39 -15.09
CA ASN A 425 16.85 15.31 -13.77
C ASN A 425 16.95 13.88 -13.22
N LEU A 426 16.91 12.87 -14.11
CA LEU A 426 17.01 11.43 -13.73
C LEU A 426 18.41 11.15 -13.17
N TYR A 427 19.46 11.59 -13.89
CA TYR A 427 20.88 11.47 -13.47
C TYR A 427 21.07 12.12 -12.10
N ARG A 428 20.45 13.30 -11.90
CA ARG A 428 20.48 14.07 -10.62
C ARG A 428 19.89 13.20 -9.50
N GLN A 429 18.76 12.54 -9.77
CA GLN A 429 18.06 11.65 -8.81
C GLN A 429 18.92 10.41 -8.53
N LEU A 430 19.42 9.76 -9.58
CA LEU A 430 20.26 8.53 -9.50
C LEU A 430 21.51 8.79 -8.66
N ARG A 431 22.09 10.00 -8.77
CA ARG A 431 23.31 10.42 -8.03
C ARG A 431 23.00 10.53 -6.53
N ILE A 432 21.90 11.22 -6.18
CA ILE A 432 21.49 11.49 -4.77
C ILE A 432 21.01 10.18 -4.12
N LYS A 433 20.31 9.34 -4.87
CA LYS A 433 19.77 8.03 -4.38
C LYS A 433 20.94 7.05 -4.15
N HIS A 434 21.96 7.07 -5.01
CA HIS A 434 23.20 6.27 -4.88
C HIS A 434 23.98 6.71 -3.64
N ASN A 435 23.92 8.00 -3.31
CA ASN A 435 24.59 8.60 -2.12
C ASN A 435 24.01 7.97 -0.84
N PHE A 436 22.68 7.84 -0.77
CA PHE A 436 21.93 7.25 0.38
C PHE A 436 22.27 5.76 0.51
N LEU A 437 22.46 5.06 -0.61
CA LEU A 437 22.80 3.62 -0.65
C LEU A 437 24.17 3.40 0.02
N GLU A 438 25.15 4.25 -0.29
CA GLU A 438 26.52 4.20 0.31
C GLU A 438 26.43 4.45 1.82
N GLN A 439 25.69 5.48 2.23
CA GLN A 439 25.42 5.84 3.65
C GLN A 439 24.78 4.65 4.37
N HIS A 440 23.82 4.00 3.72
CA HIS A 440 23.05 2.83 4.25
C HIS A 440 23.97 1.62 4.40
N LEU A 441 24.94 1.45 3.48
CA LEU A 441 25.86 0.27 3.43
C LEU A 441 27.00 0.42 4.45
N GLU A 442 27.14 1.59 5.07
CA GLU A 442 28.14 1.84 6.16
C GLU A 442 27.57 1.38 7.51
N ASP A 443 26.25 1.24 7.61
CA ASP A 443 25.51 0.85 8.84
C ASP A 443 25.36 -0.68 8.91
N VAL A 444 25.15 -1.34 7.77
CA VAL A 444 24.87 -2.79 7.67
C VAL A 444 26.08 -3.60 8.17
N GLU A 445 27.30 -3.14 7.86
CA GLU A 445 28.57 -3.83 8.22
C GLU A 445 28.77 -3.75 9.75
N GLN A 446 28.38 -2.63 10.36
CA GLN A 446 28.49 -2.38 11.82
C GLN A 446 27.50 -3.30 12.56
N ILE A 450 25.05 -13.46 12.99
CA ILE A 450 23.66 -13.83 13.39
C ILE A 450 23.72 -14.64 14.69
N GLU A 451 22.71 -14.49 15.56
CA GLU A 451 22.62 -15.19 16.87
C GLU A 451 21.20 -15.73 17.08
N ILE A 452 21.04 -17.06 17.09
CA ILE A 452 19.80 -17.78 17.49
C ILE A 452 20.07 -18.48 18.83
N GLU A 453 19.38 -18.05 19.90
CA GLU A 453 19.66 -18.43 21.31
C GLU A 453 19.09 -19.82 21.60
N ASP A 454 18.96 -20.18 22.88
CA ASP A 454 18.58 -21.54 23.38
C ASP A 454 17.33 -22.06 22.67
N CYS A 455 17.20 -23.39 22.62
CA CYS A 455 16.13 -24.14 21.91
C CYS A 455 14.75 -23.53 22.21
N ASN A 456 14.20 -22.77 21.26
CA ASN A 456 12.86 -22.14 21.32
C ASN A 456 11.85 -23.09 20.67
N LYS A 457 11.72 -24.30 21.22
CA LYS A 457 10.86 -25.41 20.72
C LYS A 457 11.36 -25.86 19.34
N LEU A 458 12.67 -25.79 19.09
CA LEU A 458 13.33 -26.24 17.83
C LEU A 458 14.49 -27.18 18.17
N THR A 459 14.72 -28.19 17.33
CA THR A 459 15.83 -29.17 17.44
C THR A 459 17.14 -28.45 17.08
N PRO A 460 18.31 -28.91 17.58
CA PRO A 460 19.58 -28.23 17.31
C PRO A 460 19.99 -28.29 15.83
N ASP A 461 19.50 -29.28 15.08
CA ASP A 461 19.72 -29.44 13.63
C ASP A 461 19.01 -28.31 12.87
N GLN A 462 17.78 -27.98 13.29
CA GLN A 462 16.92 -26.96 12.62
C GLN A 462 17.12 -25.58 13.29
N LEU A 463 17.96 -25.50 14.33
CA LEU A 463 18.47 -24.23 14.91
C LEU A 463 19.64 -23.73 14.05
N ASN A 464 20.57 -24.63 13.73
CA ASN A 464 21.75 -24.36 12.84
C ASN A 464 21.25 -23.95 11.45
N GLN A 465 20.27 -24.69 10.92
CA GLN A 465 19.72 -24.50 9.55
C GLN A 465 18.94 -23.17 9.48
N ALA A 466 18.33 -22.75 10.60
CA ALA A 466 17.60 -21.46 10.73
C ALA A 466 18.58 -20.30 10.65
N SER A 467 19.74 -20.41 11.32
CA SER A 467 20.84 -19.41 11.35
C SER A 467 21.36 -19.19 9.91
N ILE A 468 21.47 -20.26 9.12
CA ILE A 468 21.95 -20.24 7.71
C ILE A 468 20.95 -19.44 6.85
N TYR A 469 19.64 -19.68 7.04
CA TYR A 469 18.55 -19.04 6.26
C TYR A 469 18.58 -17.52 6.48
N VAL A 470 18.49 -17.10 7.75
CA VAL A 470 18.33 -15.66 8.16
C VAL A 470 19.61 -14.89 7.77
N ASP A 471 20.78 -15.52 7.94
CA ASP A 471 22.11 -14.95 7.57
C ASP A 471 22.15 -14.70 6.05
N ASN A 472 21.75 -15.71 5.26
CA ASN A 472 21.72 -15.67 3.77
C ASN A 472 20.71 -14.61 3.33
N MET A 473 19.55 -14.55 3.99
CA MET A 473 18.45 -13.59 3.71
C MET A 473 18.93 -12.16 4.01
N ARG A 474 19.50 -11.94 5.19
CA ARG A 474 19.99 -10.61 5.65
C ARG A 474 21.05 -10.08 4.68
N ARG A 475 22.03 -10.90 4.30
CA ARG A 475 23.16 -10.52 3.41
C ARG A 475 22.62 -9.99 2.07
N ASN A 476 21.52 -10.55 1.58
CA ASN A 476 20.92 -10.24 0.25
C ASN A 476 19.89 -9.11 0.37
N PHE A 477 19.04 -9.14 1.41
CA PHE A 477 17.87 -8.22 1.57
C PHE A 477 18.31 -6.87 2.18
N GLN A 478 19.23 -6.90 3.17
CA GLN A 478 19.57 -5.72 4.01
C GLN A 478 19.96 -4.53 3.13
N PRO A 479 20.80 -4.69 2.08
CA PRO A 479 21.13 -3.58 1.18
C PRO A 479 19.91 -2.91 0.53
N GLY A 480 18.82 -3.67 0.33
CA GLY A 480 17.58 -3.20 -0.31
C GLY A 480 16.52 -2.75 0.67
N HIS A 481 16.87 -2.60 1.96
CA HIS A 481 15.98 -2.08 3.04
C HIS A 481 15.65 -0.60 2.78
N ILE A 482 16.57 0.13 2.13
CA ILE A 482 16.44 1.57 1.79
C ILE A 482 15.23 1.79 0.87
N LEU A 483 14.89 0.78 0.05
CA LEU A 483 13.78 0.85 -0.95
C LEU A 483 12.42 0.99 -0.25
N GLN A 484 12.32 0.66 1.04
CA GLN A 484 11.10 0.80 1.87
C GLN A 484 10.54 2.23 1.71
N SER A 485 11.36 3.24 1.99
CA SER A 485 11.02 4.69 1.89
C SER A 485 11.98 5.38 0.91
N MET A 486 12.08 4.85 -0.31
CA MET A 486 12.87 5.42 -1.43
C MET A 486 12.20 5.05 -2.75
N ASP A 487 11.78 6.06 -3.53
CA ASP A 487 11.02 5.89 -4.80
C ASP A 487 11.85 6.43 -5.97
N LEU A 488 11.83 5.73 -7.11
CA LEU A 488 12.42 6.18 -8.39
C LEU A 488 11.34 6.92 -9.18
N ILE A 489 11.25 8.25 -8.98
CA ILE A 489 10.22 9.13 -9.60
C ILE A 489 10.63 9.39 -11.07
N LEU A 490 9.81 8.98 -12.02
CA LEU A 490 10.08 9.10 -13.48
C LEU A 490 8.95 9.87 -14.20
N PHE A 491 7.83 10.14 -13.53
CA PHE A 491 6.62 10.75 -14.14
C PHE A 491 5.93 11.70 -13.16
N HIS A 492 5.45 12.83 -13.67
CA HIS A 492 4.59 13.83 -12.98
C HIS A 492 3.26 13.93 -13.72
N SER A 493 2.18 13.39 -13.13
CA SER A 493 0.85 13.21 -13.77
C SER A 493 -0.24 13.93 -12.96
N GLU A 494 -1.37 14.21 -13.61
CA GLU A 494 -2.60 14.79 -13.00
C GLU A 494 -3.46 13.64 -12.46
N THR A 495 -4.60 13.97 -11.84
CA THR A 495 -5.41 13.06 -10.98
C THR A 495 -6.60 12.47 -11.76
N ASP A 496 -6.65 12.66 -13.09
CA ASP A 496 -7.76 12.15 -13.95
C ASP A 496 -7.62 10.63 -14.11
N MET A 497 -8.63 9.89 -13.65
CA MET A 497 -8.60 8.40 -13.55
C MET A 497 -9.21 7.73 -14.80
N PRO A 498 -10.48 8.02 -15.19
CA PRO A 498 -11.17 7.20 -16.17
C PRO A 498 -10.57 7.24 -17.59
N ILE A 499 -10.35 6.07 -18.18
CA ILE A 499 -10.02 5.88 -19.63
C ILE A 499 -11.27 5.31 -20.31
N TYR A 500 -11.72 5.97 -21.38
CA TYR A 500 -12.88 5.54 -22.23
C TYR A 500 -12.34 4.62 -23.33
N VAL A 501 -12.90 3.42 -23.46
CA VAL A 501 -12.45 2.35 -24.41
C VAL A 501 -13.67 1.78 -25.13
N GLU A 502 -13.52 1.44 -26.41
CA GLU A 502 -14.58 0.82 -27.25
C GLU A 502 -14.95 -0.55 -26.66
N LYS A 503 -16.25 -0.80 -26.44
CA LYS A 503 -16.80 -2.08 -25.94
C LYS A 503 -16.65 -3.14 -27.04
N GLY A 504 -16.30 -4.38 -26.65
CA GLY A 504 -16.12 -5.52 -27.57
C GLY A 504 -15.35 -6.65 -26.91
N SER A 505 -14.10 -6.38 -26.50
CA SER A 505 -13.19 -7.35 -25.84
C SER A 505 -13.79 -7.82 -24.51
N PRO A 506 -13.95 -9.15 -24.28
CA PRO A 506 -14.40 -9.66 -22.99
C PRO A 506 -13.42 -9.39 -21.84
N LEU A 507 -12.14 -9.14 -22.16
CA LEU A 507 -11.06 -8.90 -21.16
C LEU A 507 -11.22 -7.53 -20.51
N LEU A 508 -11.93 -6.59 -21.17
CA LEU A 508 -12.14 -5.21 -20.68
C LEU A 508 -13.36 -5.14 -19.74
N GLU A 509 -14.23 -6.16 -19.77
CA GLU A 509 -15.56 -6.15 -19.10
C GLU A 509 -15.42 -5.98 -17.59
N LYS A 510 -14.31 -6.42 -17.00
CA LYS A 510 -14.10 -6.44 -15.52
C LYS A 510 -13.05 -5.40 -15.09
N LEU A 511 -12.37 -4.73 -16.04
CA LEU A 511 -11.34 -3.69 -15.76
C LEU A 511 -12.04 -2.45 -15.18
N ARG A 512 -11.69 -2.10 -13.94
CA ARG A 512 -12.47 -1.18 -13.06
C ARG A 512 -12.18 0.29 -13.37
N GLN A 513 -10.97 0.61 -13.86
CA GLN A 513 -10.56 2.00 -14.23
C GLN A 513 -10.95 2.30 -15.68
N VAL A 514 -11.53 1.33 -16.39
CA VAL A 514 -11.99 1.48 -17.81
C VAL A 514 -13.49 1.81 -17.82
N VAL A 515 -13.89 2.77 -18.66
CA VAL A 515 -15.32 3.11 -18.95
C VAL A 515 -15.62 2.64 -20.38
N LEU A 516 -16.44 1.59 -20.52
CA LEU A 516 -16.79 0.97 -21.82
C LEU A 516 -17.91 1.79 -22.49
N VAL A 517 -17.78 2.02 -23.81
CA VAL A 517 -18.78 2.72 -24.66
C VAL A 517 -18.94 1.94 -25.97
N ASP A 518 -20.18 1.81 -26.46
CA ASP A 518 -20.52 1.09 -27.71
C ASP A 518 -19.87 1.81 -28.90
N GLN A 519 -19.92 3.14 -28.90
CA GLN A 519 -19.24 4.02 -29.90
C GLN A 519 -18.40 5.07 -29.16
N ILE A 520 -17.17 5.28 -29.61
CA ILE A 520 -16.20 6.26 -29.03
C ILE A 520 -16.55 7.67 -29.53
N THR A 521 -17.32 7.78 -30.62
CA THR A 521 -17.70 9.04 -31.31
C THR A 521 -18.11 10.11 -30.30
N ASP A 522 -19.04 9.78 -29.39
CA ASP A 522 -19.70 10.73 -28.44
C ASP A 522 -18.64 11.38 -27.54
N ILE A 523 -17.85 10.58 -26.84
CA ILE A 523 -16.83 11.06 -25.84
C ILE A 523 -15.66 11.69 -26.58
N GLN A 524 -15.36 11.23 -27.80
CA GLN A 524 -14.27 11.76 -28.65
C GLN A 524 -14.64 13.17 -29.14
N LEU A 525 -15.94 13.43 -29.35
CA LEU A 525 -16.49 14.75 -29.73
C LEU A 525 -16.37 15.71 -28.54
N ILE A 526 -16.68 15.24 -27.33
CA ILE A 526 -16.59 16.02 -26.06
C ILE A 526 -15.12 16.40 -25.85
N LYS A 527 -14.22 15.42 -25.92
CA LYS A 527 -12.75 15.59 -25.83
C LYS A 527 -12.30 16.69 -26.80
N ASN A 528 -12.86 16.70 -28.01
CA ASN A 528 -12.51 17.65 -29.11
C ASN A 528 -12.95 19.07 -28.72
N ARG A 529 -14.22 19.24 -28.36
CA ARG A 529 -14.86 20.58 -28.16
C ARG A 529 -14.56 21.12 -26.76
N LEU A 530 -14.74 20.30 -25.72
CA LEU A 530 -14.64 20.72 -24.30
C LEU A 530 -13.17 20.86 -23.88
N TRP A 531 -12.33 19.87 -24.20
CA TRP A 531 -10.91 19.79 -23.74
C TRP A 531 -9.98 20.47 -24.75
N ASN A 532 -9.82 19.88 -25.94
CA ASN A 532 -8.84 20.32 -26.97
C ASN A 532 -9.19 21.73 -27.47
N GLY A 533 -10.48 22.00 -27.68
CA GLY A 533 -11.00 23.30 -28.19
C GLY A 533 -10.65 24.46 -27.27
N VAL A 534 -10.97 24.32 -25.98
CA VAL A 534 -10.69 25.34 -24.92
C VAL A 534 -9.17 25.48 -24.76
N HIS A 535 -8.45 24.35 -24.78
CA HIS A 535 -6.97 24.28 -24.62
C HIS A 535 -6.28 25.09 -25.74
N ALA A 536 -6.82 25.04 -26.97
CA ALA A 536 -6.33 25.77 -28.14
C ALA A 536 -6.72 27.26 -28.04
N MET A 537 -7.97 27.54 -27.68
CA MET A 537 -8.53 28.92 -27.54
C MET A 537 -7.82 29.65 -26.40
N LEU A 538 -7.47 28.93 -25.32
CA LEU A 538 -6.73 29.47 -24.16
C LEU A 538 -5.27 29.73 -24.55
N ALA A 539 -4.68 28.84 -25.36
CA ALA A 539 -3.28 28.91 -25.83
C ALA A 539 -3.07 30.12 -26.75
N TRP A 540 -4.09 30.47 -27.54
CA TRP A 540 -4.07 31.65 -28.46
C TRP A 540 -4.10 32.94 -27.65
N TYR A 541 -4.87 32.97 -26.56
CA TYR A 541 -5.02 34.14 -25.65
C TYR A 541 -3.73 34.36 -24.86
N ALA A 542 -3.06 33.28 -24.46
CA ALA A 542 -1.80 33.29 -23.67
C ALA A 542 -0.67 33.85 -24.53
N SER A 543 -0.46 33.29 -25.73
CA SER A 543 0.64 33.63 -26.67
C SER A 543 0.60 35.11 -27.05
N LEU A 544 -0.59 35.62 -27.40
CA LEU A 544 -0.81 37.02 -27.87
C LEU A 544 -0.55 38.01 -26.73
N MET A 545 -0.74 37.60 -25.47
CA MET A 545 -0.50 38.43 -24.26
C MET A 545 0.88 38.14 -23.68
N GLY A 546 1.75 37.47 -24.45
CA GLY A 546 3.18 37.29 -24.14
C GLY A 546 3.40 36.38 -22.95
N TYR A 547 2.85 35.17 -22.98
CA TYR A 547 3.02 34.10 -21.96
C TYR A 547 3.54 32.83 -22.65
N GLU A 548 4.73 32.37 -22.26
CA GLU A 548 5.45 31.21 -22.87
C GLU A 548 4.71 29.91 -22.55
N SER A 549 4.02 29.85 -21.40
CA SER A 549 3.33 28.63 -20.89
C SER A 549 1.90 28.96 -20.45
N ILE A 550 1.01 27.95 -20.45
CA ILE A 550 -0.40 28.04 -19.98
C ILE A 550 -0.38 28.25 -18.46
N GLY A 551 0.42 27.44 -17.74
CA GLY A 551 0.57 27.47 -16.28
C GLY A 551 0.89 28.87 -15.77
N VAL A 552 1.81 29.57 -16.43
CA VAL A 552 2.25 30.96 -16.08
C VAL A 552 1.11 31.94 -16.42
N ALA A 553 0.42 31.72 -17.54
CA ALA A 553 -0.67 32.58 -18.07
C ALA A 553 -1.84 32.65 -17.08
N MET A 554 -2.10 31.57 -16.34
CA MET A 554 -3.21 31.46 -15.36
C MET A 554 -2.96 32.39 -14.17
N GLY A 555 -1.72 32.86 -13.99
CA GLY A 555 -1.34 33.93 -13.03
C GLY A 555 -2.08 35.23 -13.33
N ASP A 556 -2.32 35.51 -14.62
CA ASP A 556 -3.18 36.62 -15.10
C ASP A 556 -4.65 36.23 -14.85
N HIS A 557 -5.38 37.04 -14.08
CA HIS A 557 -6.79 36.78 -13.68
C HIS A 557 -7.70 36.78 -14.92
N LEU A 558 -7.36 37.59 -15.94
CA LEU A 558 -8.09 37.68 -17.23
C LEU A 558 -8.10 36.31 -17.93
N VAL A 559 -6.96 35.61 -17.93
CA VAL A 559 -6.74 34.31 -18.62
C VAL A 559 -7.55 33.22 -17.90
N LYS A 560 -7.45 33.16 -16.57
CA LYS A 560 -8.12 32.14 -15.73
C LYS A 560 -9.64 32.37 -15.74
N ALA A 561 -10.07 33.65 -15.82
CA ALA A 561 -11.49 34.06 -15.93
C ALA A 561 -12.06 33.60 -17.28
N PHE A 562 -11.28 33.78 -18.36
CA PHE A 562 -11.63 33.38 -19.75
C PHE A 562 -11.86 31.87 -19.81
N ALA A 563 -10.90 31.09 -19.30
CA ALA A 563 -10.90 29.62 -19.28
C ALA A 563 -12.16 29.09 -18.59
N GLU A 564 -12.45 29.60 -17.38
CA GLU A 564 -13.60 29.18 -16.52
C GLU A 564 -14.92 29.52 -17.20
N ASN A 565 -14.99 30.66 -17.91
CA ASN A 565 -16.22 31.14 -18.61
C ASN A 565 -16.38 30.39 -19.94
N LEU A 566 -15.27 29.99 -20.57
CA LEU A 566 -15.25 29.31 -21.90
C LEU A 566 -15.74 27.87 -21.76
N ILE A 567 -15.23 27.13 -20.77
CA ILE A 567 -15.65 25.72 -20.47
C ILE A 567 -17.14 25.70 -20.10
N ALA A 568 -17.64 26.77 -19.47
CA ALA A 568 -19.05 26.92 -19.04
C ALA A 568 -19.97 26.95 -20.26
N GLU A 569 -19.62 27.75 -21.28
CA GLU A 569 -20.42 27.97 -22.51
C GLU A 569 -20.45 26.68 -23.36
N VAL A 570 -19.31 25.97 -23.44
CA VAL A 570 -19.17 24.70 -24.22
C VAL A 570 -19.99 23.60 -23.51
N LYS A 571 -19.86 23.50 -22.18
CA LYS A 571 -20.57 22.51 -21.34
C LYS A 571 -22.09 22.64 -21.54
N GLN A 572 -22.61 23.87 -21.46
CA GLN A 572 -24.05 24.20 -21.66
C GLN A 572 -24.55 23.57 -22.97
N GLY A 573 -23.78 23.73 -24.06
CA GLY A 573 -24.11 23.22 -25.40
C GLY A 573 -24.10 21.70 -25.45
N LEU A 574 -23.01 21.08 -24.98
CA LEU A 574 -22.79 19.61 -24.99
C LEU A 574 -23.81 18.91 -24.10
N ALA A 575 -24.32 19.59 -23.06
CA ALA A 575 -25.35 19.08 -22.12
C ALA A 575 -26.66 18.83 -22.88
N ILE A 576 -27.01 19.69 -23.85
CA ILE A 576 -28.23 19.57 -24.69
C ILE A 576 -27.99 18.52 -25.78
N VAL A 577 -26.82 18.54 -26.42
CA VAL A 577 -26.44 17.65 -27.55
C VAL A 577 -26.26 16.22 -27.03
N LEU A 578 -25.60 16.07 -25.87
CA LEU A 578 -25.31 14.76 -25.23
C LEU A 578 -25.70 14.82 -23.75
N PRO A 579 -27.01 14.74 -23.42
CA PRO A 579 -27.46 14.79 -22.03
C PRO A 579 -27.18 13.50 -21.24
N ASN A 580 -26.78 12.43 -21.93
CA ASN A 580 -26.44 11.11 -21.35
C ASN A 580 -25.01 11.11 -20.81
N TYR A 581 -24.22 12.16 -21.10
CA TYR A 581 -22.81 12.33 -20.64
C TYR A 581 -22.71 13.51 -19.67
N ALA A 582 -23.83 13.91 -19.06
CA ALA A 582 -23.94 15.08 -18.14
C ALA A 582 -22.87 15.00 -17.04
N LYS A 583 -22.73 13.83 -16.41
CA LYS A 583 -21.77 13.57 -15.30
C LYS A 583 -20.33 13.66 -15.82
N ASP A 584 -20.08 13.14 -17.02
CA ASP A 584 -18.73 13.11 -17.67
C ASP A 584 -18.28 14.55 -17.99
N LEU A 585 -19.21 15.40 -18.42
CA LEU A 585 -18.95 16.81 -18.80
C LEU A 585 -18.52 17.61 -17.57
N ASP A 586 -19.27 17.51 -16.47
CA ASP A 586 -18.99 18.19 -15.18
C ASP A 586 -17.61 17.77 -14.66
N ARG A 587 -17.30 16.47 -14.76
CA ARG A 587 -16.03 15.87 -14.25
C ARG A 587 -14.85 16.37 -15.11
N MET A 588 -14.96 16.23 -16.43
CA MET A 588 -13.89 16.60 -17.41
C MET A 588 -13.64 18.12 -17.37
N SER A 589 -14.70 18.92 -17.17
CA SER A 589 -14.64 20.40 -17.09
C SER A 589 -13.68 20.82 -15.98
N GLN A 590 -13.86 20.28 -14.76
CA GLN A 590 -13.05 20.62 -13.57
C GLN A 590 -11.65 20.00 -13.70
N SER A 591 -11.55 18.79 -14.26
CA SER A 591 -10.29 18.05 -14.49
C SER A 591 -9.35 18.87 -15.39
N PHE A 592 -9.91 19.61 -16.36
CA PHE A 592 -9.17 20.47 -17.32
C PHE A 592 -8.62 21.70 -16.57
N LEU A 593 -9.46 22.36 -15.79
CA LEU A 593 -9.12 23.62 -15.06
C LEU A 593 -8.02 23.35 -14.01
N ASP A 594 -8.01 22.15 -13.42
CA ASP A 594 -6.99 21.70 -12.44
C ASP A 594 -5.64 21.53 -13.15
N SER A 595 -5.66 20.91 -14.34
CA SER A 595 -4.46 20.61 -15.18
C SER A 595 -3.80 21.92 -15.64
N CYS A 596 -4.60 22.88 -16.11
CA CYS A 596 -4.16 24.19 -16.67
C CYS A 596 -3.43 25.03 -15.61
N GLU A 597 -3.84 24.91 -14.34
CA GLU A 597 -3.37 25.78 -13.22
C GLU A 597 -1.83 25.85 -13.22
N TYR A 598 -1.16 24.68 -13.14
CA TYR A 598 0.32 24.56 -13.10
C TYR A 598 0.79 23.68 -14.26
N ALA A 599 0.44 24.08 -15.49
CA ALA A 599 0.89 23.46 -16.76
C ALA A 599 2.11 24.21 -17.30
N PHE A 600 3.23 24.11 -16.59
CA PHE A 600 4.50 24.84 -16.87
C PHE A 600 5.27 24.15 -17.99
N LYS A 601 5.25 22.81 -18.02
CA LYS A 601 6.10 21.97 -18.90
C LYS A 601 5.72 22.18 -20.37
N ASP A 602 4.48 21.82 -20.75
CA ASP A 602 3.99 21.89 -22.14
C ASP A 602 3.83 23.35 -22.56
N PRO A 603 4.43 23.78 -23.68
CA PRO A 603 4.31 25.17 -24.15
C PRO A 603 2.97 25.44 -24.86
N CYS A 604 2.74 26.70 -25.25
CA CYS A 604 1.49 27.18 -25.90
C CYS A 604 1.53 26.87 -27.41
N GLN A 605 2.73 26.90 -28.02
CA GLN A 605 2.94 26.76 -29.49
C GLN A 605 2.42 25.40 -29.97
N ARG A 606 2.80 24.31 -29.28
CA ARG A 606 2.41 22.90 -29.59
C ARG A 606 0.90 22.81 -29.76
N VAL A 607 0.14 23.41 -28.83
CA VAL A 607 -1.36 23.31 -28.75
C VAL A 607 -1.97 24.31 -29.75
N ALA A 608 -1.28 25.41 -30.04
CA ALA A 608 -1.75 26.52 -30.90
C ALA A 608 -1.45 26.24 -32.37
N ARG A 609 -0.76 25.13 -32.67
CA ARG A 609 -0.37 24.74 -34.06
C ARG A 609 -1.63 24.48 -34.91
N ASP A 610 -1.60 24.94 -36.17
CA ASP A 610 -2.67 24.73 -37.18
C ASP A 610 -3.98 25.35 -36.68
N PRO A 611 -4.05 26.70 -36.58
CA PRO A 611 -5.26 27.36 -36.11
C PRO A 611 -6.41 27.29 -37.13
N LEU A 612 -6.10 27.48 -38.42
CA LEU A 612 -7.09 27.51 -39.53
C LEU A 612 -7.84 26.18 -39.62
N ARG A 613 -7.14 25.06 -39.45
CA ARG A 613 -7.73 23.69 -39.49
C ARG A 613 -8.68 23.50 -38.29
N LYS A 614 -8.33 24.10 -37.14
CA LYS A 614 -9.09 23.96 -35.86
C LYS A 614 -10.26 24.95 -35.82
N LEU A 615 -10.30 25.92 -36.75
CA LEU A 615 -11.39 26.92 -36.89
C LEU A 615 -12.33 26.53 -38.03
N ASN A 616 -12.38 25.24 -38.39
CA ASN A 616 -13.30 24.69 -39.42
C ASN A 616 -14.72 24.60 -38.85
N HIS A 617 -15.72 24.58 -39.72
CA HIS A 617 -17.18 24.64 -39.38
C HIS A 617 -17.57 23.46 -38.47
N ASN A 618 -16.96 22.29 -38.66
CA ASN A 618 -17.31 21.03 -37.96
C ASN A 618 -16.24 20.70 -36.89
N GLU A 619 -15.45 21.68 -36.49
CA GLU A 619 -14.27 21.48 -35.59
C GLU A 619 -14.53 22.13 -34.22
N ARG A 620 -13.59 21.94 -33.29
CA ARG A 620 -13.70 22.22 -31.83
C ARG A 620 -14.24 23.63 -31.54
N VAL A 621 -13.87 24.63 -32.34
CA VAL A 621 -14.19 26.07 -32.07
C VAL A 621 -15.58 26.41 -32.63
N MET A 622 -15.74 26.41 -33.96
CA MET A 622 -16.92 26.95 -34.67
C MET A 622 -18.17 26.09 -34.43
N ALA A 623 -17.99 24.77 -34.27
CA ALA A 623 -19.09 23.80 -34.04
C ALA A 623 -19.84 24.16 -32.76
N SER A 624 -19.11 24.46 -31.68
CA SER A 624 -19.65 24.83 -30.34
C SER A 624 -20.44 26.15 -30.45
N ILE A 625 -19.93 27.13 -31.20
CA ILE A 625 -20.57 28.45 -31.43
C ILE A 625 -21.95 28.23 -32.05
N ALA A 626 -22.01 27.42 -33.12
CA ALA A 626 -23.24 27.11 -33.89
C ALA A 626 -24.27 26.40 -32.99
N VAL A 627 -23.81 25.46 -32.15
CA VAL A 627 -24.67 24.68 -31.21
C VAL A 627 -25.35 25.65 -30.24
N ASN A 628 -24.58 26.58 -29.65
CA ASN A 628 -25.07 27.58 -28.66
C ASN A 628 -26.07 28.53 -29.32
N ILE A 629 -25.80 28.94 -30.57
CA ILE A 629 -26.69 29.87 -31.36
C ILE A 629 -28.02 29.17 -31.63
N ARG A 630 -27.98 27.91 -32.11
CA ARG A 630 -29.18 27.09 -32.45
C ARG A 630 -30.10 26.96 -31.23
N HIS A 631 -29.52 26.80 -30.04
CA HIS A 631 -30.23 26.59 -28.75
C HIS A 631 -30.27 27.88 -27.92
N ASP A 632 -29.88 29.02 -28.51
CA ASP A 632 -29.92 30.37 -27.89
C ASP A 632 -29.23 30.33 -26.52
N LEU A 633 -27.89 30.22 -26.53
CA LEU A 633 -27.02 30.21 -25.33
C LEU A 633 -25.88 31.21 -25.53
N PRO A 634 -25.26 31.74 -24.45
CA PRO A 634 -24.16 32.70 -24.59
C PRO A 634 -22.93 32.08 -25.27
N TYR A 635 -22.41 32.74 -26.30
CA TYR A 635 -21.25 32.29 -27.14
C TYR A 635 -20.24 33.43 -27.30
N LYS A 636 -20.23 34.39 -26.37
CA LYS A 636 -19.38 35.62 -26.43
C LYS A 636 -17.91 35.24 -26.24
N ASN A 637 -17.62 34.29 -25.34
CA ASN A 637 -16.25 33.82 -25.01
C ASN A 637 -15.73 32.91 -26.13
N LEU A 638 -16.62 32.09 -26.72
CA LEU A 638 -16.30 31.22 -27.89
C LEU A 638 -16.01 32.10 -29.11
N LEU A 639 -16.78 33.18 -29.30
CA LEU A 639 -16.60 34.18 -30.39
C LEU A 639 -15.23 34.85 -30.24
N LYS A 640 -14.87 35.23 -29.01
CA LYS A 640 -13.55 35.82 -28.66
C LYS A 640 -12.45 34.79 -28.95
N GLY A 641 -12.69 33.52 -28.64
CA GLY A 641 -11.78 32.39 -28.90
C GLY A 641 -11.52 32.20 -30.39
N ALA A 642 -12.57 32.31 -31.21
CA ALA A 642 -12.51 32.20 -32.68
C ALA A 642 -11.67 33.34 -33.26
N ALA A 643 -11.86 34.57 -32.74
CA ALA A 643 -11.13 35.79 -33.14
C ALA A 643 -9.64 35.64 -32.81
N LEU A 644 -9.33 35.18 -31.60
CA LEU A 644 -7.95 34.94 -31.09
C LEU A 644 -7.22 33.94 -32.01
N GLY A 645 -7.94 32.95 -32.53
CA GLY A 645 -7.41 31.93 -33.46
C GLY A 645 -6.90 32.56 -34.75
N TYR A 646 -7.74 33.35 -35.43
CA TYR A 646 -7.42 34.06 -36.69
C TYR A 646 -6.38 35.15 -36.42
N ALA A 647 -6.38 35.72 -35.21
CA ALA A 647 -5.42 36.74 -34.75
C ALA A 647 -4.02 36.12 -34.60
N TYR A 648 -3.95 34.94 -33.96
CA TYR A 648 -2.69 34.17 -33.75
C TYR A 648 -2.08 33.77 -35.10
N ALA A 649 -2.93 33.37 -36.05
CA ALA A 649 -2.54 32.92 -37.41
C ALA A 649 -1.84 34.06 -38.17
N ILE A 650 -2.32 35.30 -38.00
CA ILE A 650 -1.82 36.50 -38.74
C ILE A 650 -0.55 37.04 -38.06
N GLN A 651 -0.46 36.95 -36.74
CA GLN A 651 0.65 37.52 -35.92
C GLN A 651 1.85 36.57 -35.95
N PHE A 652 1.70 35.35 -35.41
CA PHE A 652 2.81 34.39 -35.16
C PHE A 652 3.12 33.60 -36.44
N LEU A 653 2.11 32.95 -37.03
CA LEU A 653 2.27 32.08 -38.23
C LEU A 653 2.45 32.94 -39.49
N GLU A 654 2.11 34.23 -39.44
CA GLU A 654 2.28 35.23 -40.53
C GLU A 654 1.42 34.83 -41.73
N ILE A 655 0.13 34.57 -41.49
CA ILE A 655 -0.91 34.32 -42.53
C ILE A 655 -1.51 35.66 -42.93
N GLU A 656 -1.85 35.84 -44.22
CA GLU A 656 -2.44 37.08 -44.76
C GLU A 656 -3.88 37.23 -44.24
N GLU A 657 -4.29 38.47 -43.95
CA GLU A 657 -5.65 38.81 -43.44
C GLU A 657 -6.71 38.41 -44.47
N THR A 658 -6.35 38.46 -45.76
CA THR A 658 -7.24 38.11 -46.91
C THR A 658 -7.61 36.62 -46.85
N LYS A 659 -6.64 35.76 -46.49
CA LYS A 659 -6.82 34.28 -46.38
C LYS A 659 -7.69 33.96 -45.16
N ALA A 660 -7.46 34.67 -44.04
CA ALA A 660 -8.19 34.51 -42.76
C ALA A 660 -9.69 34.82 -42.98
N VAL A 661 -10.00 35.94 -43.64
CA VAL A 661 -11.40 36.39 -43.92
C VAL A 661 -12.04 35.43 -44.94
N GLU A 662 -11.26 34.95 -45.90
CA GLU A 662 -11.71 33.97 -46.93
C GLU A 662 -12.14 32.66 -46.25
N HIS A 663 -11.45 32.28 -45.18
CA HIS A 663 -11.68 31.01 -44.43
C HIS A 663 -13.01 31.06 -43.68
N LEU A 664 -13.13 31.96 -42.69
CA LEU A 664 -14.29 32.05 -41.76
C LEU A 664 -15.60 32.19 -42.57
N GLN A 665 -15.56 32.93 -43.69
CA GLN A 665 -16.73 33.17 -44.58
C GLN A 665 -17.24 31.84 -45.12
N GLN A 666 -16.34 30.95 -45.54
CA GLN A 666 -16.66 29.58 -46.05
C GLN A 666 -17.20 28.71 -44.91
N GLN A 667 -16.63 28.83 -43.71
CA GLN A 667 -16.98 28.01 -42.51
C GLN A 667 -18.37 28.43 -42.01
N ILE A 668 -18.60 29.74 -41.86
CA ILE A 668 -19.88 30.33 -41.37
C ILE A 668 -21.04 29.91 -42.28
N GLN A 669 -20.79 29.84 -43.60
CA GLN A 669 -21.81 29.46 -44.62
C GLN A 669 -22.17 27.98 -44.48
N ASN A 670 -21.21 27.14 -44.06
CA ASN A 670 -21.38 25.67 -43.92
C ASN A 670 -22.16 25.34 -42.64
N LEU A 671 -22.10 26.21 -41.62
CA LEU A 671 -22.81 26.03 -40.33
C LEU A 671 -24.33 26.05 -40.56
N ASP A 672 -25.06 25.13 -39.94
CA ASP A 672 -26.54 25.03 -40.00
C ASP A 672 -27.13 26.16 -39.13
N LEU A 673 -27.18 27.38 -39.68
CA LEU A 673 -27.66 28.61 -39.00
C LEU A 673 -28.66 29.34 -39.91
N SER A 674 -29.35 30.34 -39.37
CA SER A 674 -30.25 31.26 -40.12
C SER A 674 -29.40 32.20 -40.99
N THR A 675 -29.94 32.62 -42.14
CA THR A 675 -29.28 33.52 -43.13
C THR A 675 -28.81 34.80 -42.41
N ALA A 676 -29.62 35.30 -41.46
CA ALA A 676 -29.33 36.49 -40.64
C ALA A 676 -28.18 36.19 -39.67
N GLN A 677 -28.26 35.06 -38.96
CA GLN A 677 -27.27 34.64 -37.92
C GLN A 677 -25.88 34.49 -38.54
N ARG A 678 -25.79 34.09 -39.81
CA ARG A 678 -24.51 33.95 -40.57
C ARG A 678 -23.84 35.33 -40.67
N ARG A 679 -24.60 36.37 -41.08
CA ARG A 679 -24.09 37.75 -41.29
C ARG A 679 -23.78 38.41 -39.95
N GLN A 680 -24.55 38.08 -38.90
CA GLN A 680 -24.35 38.58 -37.51
C GLN A 680 -22.97 38.16 -36.98
N LEU A 681 -22.63 36.87 -37.13
CA LEU A 681 -21.39 36.24 -36.60
C LEU A 681 -20.17 36.81 -37.32
N GLU A 682 -20.24 36.94 -38.66
CA GLU A 682 -19.15 37.42 -39.55
C GLU A 682 -18.74 38.85 -39.15
N ALA A 683 -19.73 39.72 -38.89
CA ALA A 683 -19.55 41.16 -38.58
C ALA A 683 -18.85 41.33 -37.23
N GLU A 684 -19.24 40.53 -36.22
CA GLU A 684 -18.71 40.61 -34.83
C GLU A 684 -17.28 40.06 -34.77
N LEU A 685 -17.00 39.00 -35.56
CA LEU A 685 -15.71 38.25 -35.53
C LEU A 685 -14.58 39.13 -36.07
N VAL A 686 -14.77 39.70 -37.28
CA VAL A 686 -13.74 40.53 -37.99
C VAL A 686 -13.35 41.74 -37.13
N GLN A 687 -14.29 42.27 -36.35
CA GLN A 687 -14.10 43.46 -35.46
C GLN A 687 -13.05 43.13 -34.39
N LEU A 688 -13.16 41.97 -33.73
CA LEU A 688 -12.29 41.52 -32.62
C LEU A 688 -10.88 41.24 -33.14
N ILE A 689 -10.76 40.76 -34.38
CA ILE A 689 -9.46 40.37 -35.03
C ILE A 689 -8.64 41.64 -35.29
N GLN A 690 -9.27 42.69 -35.82
CA GLN A 690 -8.62 43.98 -36.18
C GLN A 690 -8.14 44.70 -34.92
N TYR A 691 -8.76 44.42 -33.76
CA TYR A 691 -8.35 44.92 -32.42
C TYR A 691 -7.06 44.20 -31.99
N VAL B 2 -8.84 26.38 1.96
CA VAL B 2 -8.80 27.74 2.58
C VAL B 2 -8.70 27.58 4.10
N LEU B 3 -7.48 27.59 4.64
CA LEU B 3 -7.19 27.47 6.09
C LEU B 3 -7.38 28.83 6.76
N ILE B 4 -7.88 28.83 8.00
CA ILE B 4 -8.06 30.04 8.86
C ILE B 4 -7.10 29.95 10.05
N PHE B 5 -5.97 30.66 9.98
CA PHE B 5 -4.90 30.69 11.01
C PHE B 5 -5.06 31.95 11.87
N HIS B 6 -5.68 31.82 13.04
CA HIS B 6 -5.98 32.89 14.01
C HIS B 6 -6.87 33.96 13.34
N GLY B 7 -7.98 33.52 12.73
CA GLY B 7 -8.99 34.37 12.10
C GLY B 7 -8.45 35.14 10.90
N LYS B 8 -7.53 34.53 10.13
CA LYS B 8 -6.94 35.11 8.90
C LYS B 8 -7.03 34.09 7.78
N PRO B 9 -7.67 34.42 6.63
CA PRO B 9 -7.82 33.46 5.54
C PRO B 9 -6.50 33.21 4.79
N VAL B 10 -5.99 31.98 4.86
CA VAL B 10 -4.70 31.54 4.24
C VAL B 10 -5.01 30.68 3.01
N HIS B 11 -4.45 31.04 1.85
CA HIS B 11 -4.60 30.32 0.56
C HIS B 11 -3.27 29.67 0.12
N GLY B 12 -2.14 30.17 0.61
CA GLY B 12 -0.79 29.66 0.27
C GLY B 12 0.17 29.75 1.44
N ALA B 13 1.38 29.21 1.29
CA ALA B 13 2.46 29.19 2.31
C ALA B 13 3.83 29.14 1.61
N ILE B 14 4.55 30.26 1.60
CA ILE B 14 5.92 30.40 1.00
C ILE B 14 6.94 30.25 2.12
N PHE B 15 7.94 29.38 1.92
CA PHE B 15 8.99 29.02 2.92
C PHE B 15 10.37 29.51 2.45
N ASP B 16 11.20 29.94 3.40
CA ASP B 16 12.67 30.13 3.21
C ASP B 16 13.35 28.79 3.47
N MET B 17 14.45 28.50 2.76
CA MET B 17 15.17 27.20 2.84
C MET B 17 16.24 27.25 3.93
N ASP B 18 17.22 28.16 3.78
CA ASP B 18 18.44 28.22 4.63
C ASP B 18 18.11 28.86 5.98
N GLY B 19 18.06 28.06 7.04
CA GLY B 19 17.89 28.51 8.43
C GLY B 19 16.46 28.36 8.94
N THR B 20 15.49 28.21 8.03
CA THR B 20 14.04 28.09 8.34
C THR B 20 13.60 26.64 8.16
N MET B 21 13.82 26.06 6.97
CA MET B 21 13.50 24.64 6.65
C MET B 21 14.64 23.74 7.13
N PHE B 22 15.87 24.05 6.73
CA PHE B 22 17.11 23.30 7.09
C PHE B 22 18.03 24.19 7.92
N ASP B 23 18.96 23.57 8.67
CA ASP B 23 19.97 24.25 9.51
C ASP B 23 21.31 24.27 8.76
N THR B 24 21.28 24.71 7.50
CA THR B 24 22.46 24.79 6.60
C THR B 24 23.16 26.15 6.76
N GLU B 25 22.53 27.09 7.47
CA GLU B 25 23.05 28.46 7.72
C GLU B 25 24.26 28.37 8.66
N ARG B 26 24.20 27.48 9.67
CA ARG B 26 25.31 27.18 10.61
C ARG B 26 26.49 26.58 9.84
N LEU B 27 26.22 25.73 8.85
CA LEU B 27 27.25 25.00 8.04
C LEU B 27 27.96 25.99 7.10
N ARG B 28 27.22 26.93 6.50
CA ARG B 28 27.76 27.97 5.60
C ARG B 28 28.76 28.84 6.37
N PHE B 29 28.43 29.18 7.63
CA PHE B 29 29.32 29.89 8.59
C PHE B 29 30.68 29.19 8.67
N GLN B 30 30.67 27.87 8.88
CA GLN B 30 31.89 27.03 9.08
C GLN B 30 32.69 26.92 7.78
N THR B 31 32.01 26.69 6.65
CA THR B 31 32.62 26.46 5.31
C THR B 31 33.27 27.76 4.80
N LEU B 32 32.54 28.88 4.87
CA LEU B 32 33.01 30.22 4.41
C LEU B 32 34.26 30.64 5.20
N GLN B 33 34.33 30.28 6.48
CA GLN B 33 35.51 30.53 7.37
C GLN B 33 36.68 29.66 6.91
N GLN B 34 36.47 28.34 6.79
CA GLN B 34 37.51 27.35 6.42
C GLN B 34 37.98 27.60 4.97
N ALA B 35 37.07 28.02 4.08
CA ALA B 35 37.35 28.32 2.66
C ALA B 35 38.22 29.57 2.55
N SER B 36 37.88 30.62 3.31
CA SER B 36 38.60 31.91 3.38
C SER B 36 40.05 31.70 3.83
N GLN B 37 40.27 30.75 4.76
CA GLN B 37 41.60 30.39 5.30
C GLN B 37 42.52 29.89 4.19
N GLU B 38 42.01 29.01 3.32
CA GLU B 38 42.77 28.35 2.22
C GLU B 38 43.15 29.38 1.16
N LEU B 39 42.18 30.19 0.70
CA LEU B 39 42.37 31.16 -0.41
C LEU B 39 43.14 32.40 0.07
N ILE B 40 42.51 33.22 0.91
CA ILE B 40 43.02 34.59 1.27
C ILE B 40 43.68 34.57 2.67
N GLY B 41 44.18 33.41 3.10
CA GLY B 41 45.04 33.26 4.30
C GLY B 41 44.24 33.26 5.60
N GLN B 42 43.50 34.34 5.86
CA GLN B 42 42.78 34.60 7.15
C GLN B 42 41.27 34.43 6.94
N GLU B 43 40.54 34.12 8.02
CA GLU B 43 39.08 33.89 8.01
C GLU B 43 38.33 35.22 7.82
N PHE B 44 37.04 35.15 7.50
CA PHE B 44 36.11 36.31 7.38
C PHE B 44 35.73 36.81 8.78
N SER B 45 35.29 38.07 8.85
CA SER B 45 34.73 38.70 10.08
C SER B 45 33.40 38.02 10.42
N HIS B 46 33.10 37.87 11.72
CA HIS B 46 31.85 37.25 12.24
C HIS B 46 30.66 38.17 11.93
N GLU B 47 30.86 39.48 11.96
CA GLU B 47 29.81 40.51 11.69
C GLU B 47 29.42 40.45 10.20
N TYR B 48 30.41 40.25 9.31
CA TYR B 48 30.20 40.10 7.84
C TYR B 48 29.27 38.91 7.57
N LEU B 49 29.52 37.77 8.22
CA LEU B 49 28.73 36.52 8.08
C LEU B 49 27.33 36.72 8.67
N MET B 50 27.22 37.44 9.79
CA MET B 50 25.93 37.74 10.49
C MET B 50 25.07 38.68 9.62
N GLN B 51 25.70 39.58 8.87
CA GLN B 51 25.02 40.54 7.95
C GLN B 51 24.71 39.85 6.62
N CYS B 52 25.41 38.76 6.29
CA CYS B 52 25.20 37.93 5.08
C CYS B 52 24.31 36.72 5.40
N LEU B 53 23.23 36.95 6.16
CA LEU B 53 22.18 35.95 6.48
C LEU B 53 20.92 36.28 5.66
N GLY B 54 20.47 35.34 4.82
CA GLY B 54 19.37 35.54 3.87
C GLY B 54 19.75 36.49 2.76
N LEU B 55 20.99 36.39 2.27
CA LEU B 55 21.54 37.20 1.15
C LEU B 55 22.00 36.25 0.03
N SER B 56 21.73 36.62 -1.23
CA SER B 56 22.22 35.91 -2.45
C SER B 56 23.74 36.09 -2.56
N ALA B 57 24.43 35.10 -3.15
CA ALA B 57 25.89 35.12 -3.41
C ALA B 57 26.28 36.42 -4.13
N THR B 58 25.41 36.91 -5.01
CA THR B 58 25.57 38.19 -5.77
C THR B 58 25.54 39.37 -4.78
N THR B 59 24.57 39.39 -3.86
CA THR B 59 24.35 40.47 -2.85
C THR B 59 25.47 40.42 -1.80
N ALA B 60 25.88 39.22 -1.38
CA ALA B 60 26.94 38.97 -0.37
C ALA B 60 28.30 39.40 -0.93
N GLU B 61 28.50 39.29 -2.25
CA GLU B 61 29.75 39.68 -2.97
C GLU B 61 29.94 41.20 -2.87
N LYS B 62 28.85 41.96 -2.89
CA LYS B 62 28.86 43.46 -2.85
C LYS B 62 29.37 43.93 -1.47
N LEU B 63 29.00 43.24 -0.40
CA LEU B 63 29.41 43.56 1.00
C LEU B 63 30.89 43.23 1.21
N ALA B 64 31.36 42.13 0.60
CA ALA B 64 32.75 41.62 0.72
C ALA B 64 33.75 42.65 0.16
N GLN B 65 33.38 43.32 -0.93
CA GLN B 65 34.23 44.32 -1.64
C GLN B 65 34.42 45.57 -0.77
N ARG B 66 33.44 45.90 0.07
CA ARG B 66 33.45 47.09 0.97
C ARG B 66 34.45 46.86 2.12
N LEU B 67 34.58 45.61 2.60
CA LEU B 67 35.57 45.21 3.63
C LEU B 67 36.99 45.31 3.05
N TYR B 74 35.65 36.70 -3.93
CA TYR B 74 34.60 36.05 -3.10
C TYR B 74 34.00 34.85 -3.83
N LYS B 75 33.82 34.95 -5.16
CA LYS B 75 33.26 33.87 -6.03
C LYS B 75 34.07 32.58 -5.84
N GLU B 76 35.41 32.70 -5.82
CA GLU B 76 36.35 31.55 -5.70
C GLU B 76 36.28 30.97 -4.28
N ILE B 77 36.04 31.83 -3.27
CA ILE B 77 35.90 31.44 -1.84
C ILE B 77 34.55 30.72 -1.65
N ARG B 78 33.47 31.31 -2.17
CA ARG B 78 32.08 30.78 -2.05
C ARG B 78 31.98 29.44 -2.79
N LYS B 79 32.60 29.33 -3.97
CA LYS B 79 32.64 28.09 -4.79
C LYS B 79 33.26 26.96 -3.96
N ARG B 80 34.38 27.23 -3.28
CA ARG B 80 35.11 26.25 -2.43
C ARG B 80 34.25 25.92 -1.20
N ALA B 81 33.59 26.93 -0.62
CA ALA B 81 32.70 26.81 0.56
C ALA B 81 31.45 25.98 0.22
N ASP B 82 30.90 26.18 -0.98
CA ASP B 82 29.71 25.44 -1.50
C ASP B 82 30.11 23.98 -1.73
N GLU B 83 31.31 23.73 -2.27
CA GLU B 83 31.87 22.37 -2.51
C GLU B 83 32.03 21.63 -1.17
N MET B 84 32.55 22.33 -0.15
CA MET B 84 32.70 21.81 1.24
C MET B 84 31.31 21.51 1.82
N GLU B 85 30.37 22.43 1.67
CA GLU B 85 28.97 22.33 2.18
C GLU B 85 28.30 21.10 1.58
N LEU B 86 28.35 20.95 0.26
CA LEU B 86 27.78 19.79 -0.49
C LEU B 86 28.34 18.48 0.09
N GLU B 87 29.67 18.40 0.26
CA GLU B 87 30.38 17.17 0.73
C GLU B 87 29.87 16.79 2.12
N HIS B 88 29.58 17.76 2.98
CA HIS B 88 28.99 17.58 4.34
C HIS B 88 27.58 16.99 4.21
N ILE B 89 26.80 17.48 3.23
CA ILE B 89 25.39 17.04 2.97
C ILE B 89 25.40 15.65 2.32
N ARG B 90 26.41 15.35 1.50
CA ARG B 90 26.58 14.04 0.82
C ARG B 90 26.92 12.94 1.84
N LYS B 91 27.47 13.31 3.01
CA LYS B 91 27.91 12.36 4.06
C LYS B 91 26.84 12.25 5.16
N HIS B 92 26.54 13.36 5.84
CA HIS B 92 25.68 13.42 7.06
C HIS B 92 24.21 13.60 6.70
N GLY B 93 23.91 14.04 5.47
CA GLY B 93 22.54 14.36 5.00
C GLY B 93 22.17 15.79 5.34
N VAL B 94 21.03 16.27 4.80
CA VAL B 94 20.50 17.64 5.03
C VAL B 94 19.99 17.72 6.47
N PRO B 95 20.48 18.68 7.30
CA PRO B 95 19.99 18.84 8.67
C PRO B 95 18.62 19.51 8.68
N ILE B 96 17.55 18.71 8.64
CA ILE B 96 16.13 19.17 8.58
C ILE B 96 15.72 19.65 9.98
N LYS B 97 15.12 20.84 10.06
CA LYS B 97 14.54 21.41 11.32
C LYS B 97 13.36 20.53 11.76
N LYS B 98 13.36 20.11 13.03
CA LYS B 98 12.34 19.17 13.60
C LYS B 98 10.96 19.83 13.51
N GLY B 99 10.02 19.17 12.80
CA GLY B 99 8.62 19.61 12.63
C GLY B 99 8.31 20.04 11.21
N LEU B 100 9.33 20.19 10.34
CA LEU B 100 9.19 20.67 8.94
C LEU B 100 8.19 19.77 8.20
N VAL B 101 8.49 18.47 8.09
CA VAL B 101 7.70 17.47 7.31
C VAL B 101 6.27 17.43 7.87
N GLN B 102 6.12 17.52 9.20
CA GLN B 102 4.81 17.51 9.91
C GLN B 102 4.00 18.75 9.52
N VAL B 103 4.65 19.92 9.43
CA VAL B 103 4.03 21.21 9.02
C VAL B 103 3.58 21.12 7.56
N LEU B 104 4.52 20.78 6.66
CA LEU B 104 4.32 20.81 5.17
C LEU B 104 3.10 19.98 4.78
N GLU B 105 2.96 18.78 5.34
CA GLU B 105 1.88 17.80 4.99
C GLU B 105 0.51 18.37 5.38
N ARG B 106 0.40 18.97 6.57
CA ARG B 106 -0.86 19.57 7.09
C ARG B 106 -1.29 20.73 6.20
N LEU B 107 -0.33 21.53 5.73
CA LEU B 107 -0.59 22.69 4.81
C LEU B 107 -0.99 22.16 3.43
N ARG B 108 -0.36 21.07 2.97
CA ARG B 108 -0.63 20.45 1.64
C ARG B 108 -2.05 19.87 1.61
N LYS B 109 -2.42 19.12 2.65
CA LYS B 109 -3.74 18.43 2.77
C LYS B 109 -4.84 19.43 3.14
N SER B 110 -4.47 20.63 3.61
CA SER B 110 -5.38 21.77 3.86
C SER B 110 -5.77 22.43 2.53
N GLY B 111 -5.03 22.12 1.45
CA GLY B 111 -5.32 22.57 0.07
C GLY B 111 -4.65 23.89 -0.26
N LEU B 112 -3.56 24.23 0.45
CA LEU B 112 -2.81 25.49 0.28
C LEU B 112 -1.81 25.34 -0.87
N ARG B 113 -1.59 26.42 -1.63
CA ARG B 113 -0.66 26.47 -2.79
C ARG B 113 0.71 26.91 -2.28
N MET B 114 1.63 25.96 -2.07
CA MET B 114 2.90 26.15 -1.30
C MET B 114 4.08 26.32 -2.27
N ALA B 115 5.08 27.11 -1.86
CA ALA B 115 6.29 27.43 -2.66
C ALA B 115 7.49 27.64 -1.74
N VAL B 116 8.68 27.84 -2.33
CA VAL B 116 9.96 28.15 -1.63
C VAL B 116 10.54 29.46 -2.20
N ALA B 117 11.04 30.34 -1.34
CA ALA B 117 11.72 31.60 -1.69
C ALA B 117 13.07 31.66 -0.96
N THR B 118 14.14 31.17 -1.60
CA THR B 118 15.50 31.01 -1.02
C THR B 118 16.50 31.86 -1.80
N SER B 119 17.51 32.39 -1.09
CA SER B 119 18.61 33.23 -1.65
C SER B 119 19.59 32.35 -2.44
N SER B 120 19.72 31.07 -2.05
CA SER B 120 20.59 30.06 -2.72
C SER B 120 20.10 29.85 -4.17
N ARG B 121 21.04 29.61 -5.09
CA ARG B 121 20.76 29.42 -6.55
C ARG B 121 20.09 28.05 -6.74
N ARG B 122 19.46 27.85 -7.90
CA ARG B 122 18.58 26.68 -8.23
C ARG B 122 19.37 25.38 -8.10
N ALA B 123 20.61 25.35 -8.61
CA ALA B 123 21.52 24.17 -8.59
C ALA B 123 21.70 23.66 -7.15
N ILE B 124 21.87 24.59 -6.20
CA ILE B 124 22.07 24.28 -4.75
C ILE B 124 20.70 24.04 -4.09
N ALA B 125 19.71 24.89 -4.42
CA ALA B 125 18.35 24.88 -3.82
C ALA B 125 17.70 23.50 -4.02
N GLU B 126 17.64 23.02 -5.26
CA GLU B 126 17.00 21.74 -5.65
C GLU B 126 17.75 20.55 -5.06
N GLU B 127 19.08 20.66 -4.94
CA GLU B 127 19.97 19.58 -4.42
C GLU B 127 19.54 19.19 -3.00
N TYR B 128 19.28 20.17 -2.13
CA TYR B 128 18.91 19.97 -0.71
C TYR B 128 17.44 19.56 -0.61
N LEU B 129 16.56 20.24 -1.35
CA LEU B 129 15.09 19.98 -1.37
C LEU B 129 14.83 18.51 -1.77
N ILE B 130 15.58 17.99 -2.74
CA ILE B 130 15.49 16.58 -3.22
C ILE B 130 16.08 15.65 -2.15
N ASN B 131 17.24 16.00 -1.59
CA ASN B 131 17.94 15.21 -0.54
C ASN B 131 17.04 15.10 0.70
N ALA B 132 16.47 16.22 1.15
CA ALA B 132 15.54 16.32 2.29
C ALA B 132 14.22 15.59 1.96
N ASN B 133 13.88 15.52 0.67
CA ASN B 133 12.67 14.84 0.13
C ASN B 133 11.43 15.65 0.50
N VAL B 134 11.49 16.98 0.32
CA VAL B 134 10.40 17.94 0.63
C VAL B 134 10.03 18.73 -0.64
N TYR B 135 10.65 18.42 -1.79
CA TYR B 135 10.47 19.15 -3.07
C TYR B 135 9.08 18.85 -3.64
N LYS B 136 8.52 17.69 -3.27
CA LYS B 136 7.18 17.21 -3.71
C LYS B 136 6.07 18.08 -3.11
N PHE B 137 6.32 18.75 -1.99
CA PHE B 137 5.31 19.55 -1.22
C PHE B 137 5.12 20.94 -1.85
N PHE B 138 5.99 21.35 -2.77
CA PHE B 138 6.01 22.71 -3.37
C PHE B 138 5.61 22.66 -4.85
N ASP B 139 4.78 23.61 -5.27
CA ASP B 139 4.23 23.72 -6.66
C ASP B 139 5.25 24.45 -7.55
N VAL B 140 5.87 25.51 -7.01
CA VAL B 140 6.92 26.33 -7.70
C VAL B 140 7.93 26.78 -6.65
N ILE B 141 9.16 27.09 -7.08
CA ILE B 141 10.25 27.62 -6.19
C ILE B 141 10.90 28.83 -6.88
N THR B 142 11.29 29.84 -6.09
CA THR B 142 12.01 31.06 -6.54
C THR B 142 13.42 31.05 -5.92
N CYS B 143 14.44 31.27 -6.75
CA CYS B 143 15.89 31.18 -6.38
C CYS B 143 16.55 32.57 -6.50
N GLY B 144 17.83 32.65 -6.14
CA GLY B 144 18.65 33.87 -6.24
C GLY B 144 18.92 34.28 -7.67
N ASP B 145 18.95 33.31 -8.59
CA ASP B 145 19.17 33.52 -10.05
C ASP B 145 17.93 34.17 -10.68
N GLU B 146 16.74 33.70 -10.30
CA GLU B 146 15.44 34.07 -10.92
C GLU B 146 15.15 35.56 -10.66
N VAL B 147 15.34 36.01 -9.41
CA VAL B 147 15.08 37.41 -8.96
C VAL B 147 16.18 38.33 -9.53
N GLU B 148 15.80 39.57 -9.86
CA GLU B 148 16.72 40.61 -10.41
C GLU B 148 17.34 41.39 -9.24
N GLN B 149 16.49 41.86 -8.31
CA GLN B 149 16.89 42.57 -7.06
C GLN B 149 16.60 41.66 -5.86
N GLY B 150 17.65 41.06 -5.29
CA GLY B 150 17.55 40.06 -4.20
C GLY B 150 17.14 40.68 -2.88
N LYS B 151 17.14 39.87 -1.81
CA LYS B 151 16.74 40.28 -0.43
C LYS B 151 17.67 41.40 0.05
N PRO B 152 17.20 42.37 0.87
CA PRO B 152 15.86 42.33 1.48
C PRO B 152 14.71 42.96 0.67
N HIS B 153 14.87 43.09 -0.65
CA HIS B 153 13.81 43.58 -1.59
C HIS B 153 12.74 42.52 -1.74
N PRO B 154 11.44 42.89 -1.72
CA PRO B 154 10.35 41.90 -1.69
C PRO B 154 10.05 41.18 -3.03
N GLU B 155 10.84 41.46 -4.08
CA GLU B 155 10.66 40.89 -5.45
C GLU B 155 10.58 39.37 -5.38
N ILE B 156 11.51 38.73 -4.65
CA ILE B 156 11.66 37.24 -4.55
C ILE B 156 10.37 36.63 -3.97
N PHE B 157 9.73 37.30 -3.00
CA PHE B 157 8.50 36.84 -2.32
C PHE B 157 7.26 37.19 -3.16
N LEU B 158 7.32 38.28 -3.92
CA LEU B 158 6.23 38.71 -4.85
C LEU B 158 6.16 37.75 -6.05
N LYS B 159 7.33 37.37 -6.59
CA LYS B 159 7.46 36.44 -7.74
C LYS B 159 6.97 35.05 -7.35
N ALA B 160 7.24 34.62 -6.11
CA ALA B 160 6.84 33.31 -5.54
C ALA B 160 5.31 33.25 -5.44
N ALA B 161 4.69 34.32 -4.92
CA ALA B 161 3.22 34.45 -4.74
C ALA B 161 2.52 34.51 -6.10
N SER B 162 3.11 35.23 -7.06
CA SER B 162 2.56 35.45 -8.43
C SER B 162 2.52 34.12 -9.21
N GLN B 163 3.55 33.28 -9.06
CA GLN B 163 3.67 31.97 -9.75
C GLN B 163 2.69 30.95 -9.16
N LEU B 164 2.24 31.17 -7.91
CA LEU B 164 1.21 30.34 -7.23
C LEU B 164 -0.20 30.82 -7.61
N HIS B 165 -0.30 31.96 -8.31
CA HIS B 165 -1.56 32.59 -8.79
C HIS B 165 -2.37 33.07 -7.58
N LEU B 166 -1.69 33.73 -6.63
CA LEU B 166 -2.28 34.28 -5.38
C LEU B 166 -1.65 35.66 -5.10
N ASP B 167 -2.25 36.42 -4.17
CA ASP B 167 -1.70 37.68 -3.62
C ASP B 167 -0.89 37.34 -2.36
N ALA B 168 0.12 38.16 -2.05
CA ALA B 168 1.04 37.97 -0.90
C ALA B 168 0.26 37.95 0.41
N ASN B 169 -0.79 38.78 0.53
CA ASN B 169 -1.61 38.94 1.76
C ASN B 169 -2.40 37.66 2.05
N GLN B 170 -2.61 36.81 1.04
CA GLN B 170 -3.33 35.51 1.17
C GLN B 170 -2.35 34.41 1.61
N CYS B 171 -1.04 34.64 1.49
CA CYS B 171 0.04 33.63 1.70
C CYS B 171 0.75 33.85 3.04
N LEU B 172 1.02 32.76 3.77
CA LEU B 172 1.96 32.73 4.93
C LEU B 172 3.39 32.77 4.39
N MET B 173 4.31 33.37 5.14
CA MET B 173 5.74 33.53 4.74
C MET B 173 6.65 33.22 5.93
N PHE B 174 7.44 32.15 5.83
CA PHE B 174 8.40 31.67 6.86
C PHE B 174 9.81 32.17 6.53
N GLU B 175 10.56 32.62 7.54
CA GLU B 175 11.93 33.17 7.38
C GLU B 175 12.65 33.15 8.73
N ASP B 176 14.00 33.05 8.70
CA ASP B 176 14.89 33.05 9.89
C ASP B 176 15.62 34.39 10.01
N SER B 177 16.13 34.92 8.90
CA SER B 177 17.01 36.13 8.84
C SER B 177 16.19 37.41 9.01
N GLU B 178 16.86 38.53 9.28
CA GLU B 178 16.25 39.88 9.43
C GLU B 178 16.00 40.48 8.05
N ASN B 179 16.90 40.22 7.09
CA ASN B 179 16.83 40.72 5.69
C ASN B 179 15.64 40.08 4.97
N GLY B 180 15.50 38.76 5.09
CA GLY B 180 14.39 37.98 4.49
C GLY B 180 13.04 38.32 5.11
N LEU B 181 13.04 38.66 6.41
CA LEU B 181 11.82 39.04 7.17
C LEU B 181 11.28 40.38 6.62
N THR B 182 12.19 41.32 6.34
CA THR B 182 11.87 42.63 5.69
C THR B 182 11.34 42.36 4.27
N SER B 183 12.00 41.46 3.53
CA SER B 183 11.62 41.01 2.16
C SER B 183 10.21 40.40 2.19
N ALA B 184 9.88 39.66 3.25
CA ALA B 184 8.56 39.02 3.47
C ALA B 184 7.54 40.07 3.92
N HIS B 185 7.95 40.98 4.81
CA HIS B 185 7.08 42.02 5.41
C HIS B 185 6.69 43.08 4.36
N THR B 186 7.67 43.55 3.57
CA THR B 186 7.48 44.60 2.52
C THR B 186 6.55 44.06 1.42
N SER B 187 6.53 42.74 1.21
CA SER B 187 5.63 42.04 0.25
C SER B 187 4.17 42.13 0.71
N LYS B 188 3.94 42.41 2.01
CA LYS B 188 2.61 42.61 2.64
C LYS B 188 1.91 41.24 2.76
N GLY B 189 2.61 40.25 3.32
CA GLY B 189 2.10 38.90 3.60
C GLY B 189 2.14 38.59 5.09
N LEU B 190 1.51 37.48 5.50
CA LEU B 190 1.47 37.02 6.92
C LEU B 190 2.82 36.41 7.29
N THR B 191 3.74 37.24 7.78
CA THR B 191 5.14 36.87 8.12
C THR B 191 5.15 36.00 9.38
N ILE B 192 6.00 34.95 9.39
CA ILE B 192 6.25 34.06 10.56
C ILE B 192 7.77 33.96 10.75
N LEU B 193 8.26 34.35 11.93
CA LEU B 193 9.71 34.42 12.27
C LEU B 193 10.09 33.21 13.14
N LEU B 194 11.13 32.48 12.74
CA LEU B 194 11.69 31.29 13.47
C LEU B 194 13.16 31.56 13.80
N LYS B 195 13.50 31.56 15.09
CA LYS B 195 14.89 31.79 15.60
C LYS B 195 15.81 30.67 15.11
N ASP B 196 17.00 31.01 14.62
CA ASP B 196 18.02 30.05 14.13
C ASP B 196 19.39 30.39 14.76
N ILE B 197 20.04 31.46 14.30
CA ILE B 197 21.42 31.84 14.72
C ILE B 197 21.50 33.37 14.89
N LYS B 198 20.43 33.99 15.39
CA LYS B 198 20.37 35.45 15.68
C LYS B 198 19.18 35.74 16.61
N GLU B 199 19.43 36.39 17.75
CA GLU B 199 18.40 36.85 18.71
C GLU B 199 17.55 37.92 18.03
N PRO B 200 16.24 37.68 17.80
CA PRO B 200 15.37 38.66 17.15
C PRO B 200 15.45 40.07 17.78
N ASN B 201 15.56 41.09 16.94
CA ASN B 201 15.65 42.52 17.34
C ASN B 201 14.24 43.08 17.58
N ASP B 202 14.15 44.31 18.07
CA ASP B 202 12.87 45.07 18.20
C ASP B 202 12.30 45.32 16.79
N GLU B 203 13.18 45.65 15.84
CA GLU B 203 12.86 45.85 14.40
C GLU B 203 12.16 44.60 13.84
N MET B 204 12.73 43.41 14.12
CA MET B 204 12.29 42.11 13.57
C MET B 204 10.96 41.68 14.21
N LEU B 205 10.89 41.74 15.55
CA LEU B 205 9.72 41.24 16.35
C LEU B 205 8.48 42.10 16.06
N GLU B 206 8.66 43.37 15.65
CA GLU B 206 7.56 44.30 15.29
C GLU B 206 7.00 43.95 13.91
N LYS B 207 7.88 43.68 12.94
CA LYS B 207 7.52 43.29 11.55
C LYS B 207 6.70 42.00 11.56
N ALA B 208 7.17 40.98 12.27
CA ALA B 208 6.57 39.62 12.34
C ALA B 208 5.16 39.69 12.94
N HIS B 209 4.19 39.05 12.28
CA HIS B 209 2.79 38.89 12.74
C HIS B 209 2.74 37.82 13.85
N PHE B 210 3.51 36.74 13.67
CA PHE B 210 3.67 35.62 14.64
C PHE B 210 5.16 35.29 14.79
N TYR B 211 5.57 34.89 16.00
CA TYR B 211 6.96 34.48 16.34
C TYR B 211 6.94 33.14 17.10
N TYR B 212 7.95 32.30 16.87
CA TYR B 212 8.14 30.97 17.51
C TYR B 212 9.64 30.71 17.70
N ASP B 213 10.00 30.02 18.78
CA ASP B 213 11.41 29.72 19.17
C ASP B 213 11.96 28.63 18.23
N GLN B 214 11.16 27.60 17.94
CA GLN B 214 11.51 26.48 17.03
C GLN B 214 10.39 26.29 16.00
N MET B 215 10.64 25.45 14.98
CA MET B 215 9.65 25.04 13.94
C MET B 215 8.53 24.23 14.62
N TYR B 216 8.88 23.42 15.62
CA TYR B 216 7.96 22.49 16.34
C TYR B 216 6.98 23.30 17.21
N ASP B 217 7.38 24.51 17.63
CA ASP B 217 6.54 25.44 18.45
C ASP B 217 5.40 25.98 17.57
N PHE B 218 5.67 26.27 16.30
CA PHE B 218 4.67 26.72 15.30
C PHE B 218 3.69 25.56 14.99
N LEU B 219 4.25 24.36 14.74
CA LEU B 219 3.48 23.12 14.45
C LEU B 219 2.35 22.97 15.48
N THR B 220 2.69 23.07 16.76
CA THR B 220 1.75 22.94 17.92
C THR B 220 0.63 23.98 17.79
N ASP B 221 0.97 25.23 17.44
CA ASP B 221 0.02 26.36 17.30
C ASP B 221 -0.87 26.14 16.08
N LEU B 222 -0.28 25.69 14.96
CA LEU B 222 -0.99 25.41 13.68
C LEU B 222 -1.99 24.25 13.88
N ASP B 223 -1.62 23.27 14.72
CA ASP B 223 -2.30 21.95 14.86
C ASP B 223 -3.75 22.14 15.36
N GLN B 224 -4.03 23.22 16.09
CA GLN B 224 -5.38 23.50 16.68
C GLN B 224 -6.35 23.94 15.58
N PHE B 225 -5.85 24.35 14.40
CA PHE B 225 -6.65 24.77 13.23
C PHE B 225 -6.75 23.62 12.21
N ILE B 226 -5.86 22.63 12.29
CA ILE B 226 -5.81 21.44 11.40
C ILE B 226 -6.84 20.42 11.89
N PRO B 227 -7.73 19.90 11.02
CA PRO B 227 -8.68 18.84 11.41
C PRO B 227 -8.00 17.55 11.86
N VAL B 228 -8.48 16.96 12.97
CA VAL B 228 -8.07 15.61 13.46
C VAL B 228 -8.78 14.55 12.61
N MET B 229 -8.02 13.63 12.02
CA MET B 229 -8.52 12.59 11.07
C MET B 229 -9.29 11.52 11.84
N ASP B 230 -10.27 10.88 11.18
CA ASP B 230 -11.22 9.90 11.79
C ASP B 230 -10.55 8.52 11.86
N MET B 231 -11.22 7.58 12.53
CA MET B 231 -10.80 6.16 12.71
C MET B 231 -10.43 5.57 11.35
N PRO B 232 -9.23 4.96 11.19
CA PRO B 232 -8.85 4.33 9.92
C PRO B 232 -9.71 3.10 9.58
N GLU B 233 -9.90 2.84 8.29
CA GLU B 233 -10.54 1.60 7.76
C GLU B 233 -9.47 0.52 7.63
N MET B 234 -9.87 -0.74 7.44
CA MET B 234 -9.01 -1.94 7.56
C MET B 234 -7.80 -1.83 6.62
N GLN B 235 -8.05 -1.70 5.31
CA GLN B 235 -6.99 -1.74 4.26
C GLN B 235 -6.60 -0.33 3.84
N GLU B 236 -6.78 0.66 4.72
CA GLU B 236 -6.43 2.09 4.47
C GLU B 236 -4.91 2.25 4.61
N PRO B 237 -4.21 2.81 3.60
CA PRO B 237 -2.75 2.96 3.66
C PRO B 237 -2.28 3.84 4.82
N PHE B 238 -1.04 3.61 5.27
CA PHE B 238 -0.32 4.43 6.28
C PHE B 238 0.18 5.71 5.59
N PRO B 239 0.57 6.75 6.36
CA PRO B 239 1.21 7.94 5.76
C PRO B 239 2.52 7.58 5.05
N GLN B 240 2.83 8.28 3.96
CA GLN B 240 4.07 8.11 3.16
C GLN B 240 5.22 8.87 3.83
N SER B 241 4.96 10.11 4.24
CA SER B 241 5.96 11.06 4.83
C SER B 241 6.29 10.65 6.27
N LEU B 242 7.59 10.58 6.59
CA LEU B 242 8.11 10.25 7.94
C LEU B 242 8.49 11.52 8.68
N ASN B 243 8.12 11.63 9.97
CA ASN B 243 8.57 12.70 10.90
C ASN B 243 9.90 12.25 11.52
N GLN B 244 10.43 13.04 12.48
CA GLN B 244 11.72 12.76 13.16
C GLN B 244 11.49 12.08 14.52
N LEU B 245 10.23 11.83 14.88
CA LEU B 245 9.84 11.23 16.19
C LEU B 245 10.08 9.71 16.15
N THR B 246 10.57 9.16 17.26
CA THR B 246 10.70 7.69 17.50
C THR B 246 9.54 7.25 18.41
N VAL B 247 9.19 5.96 18.39
CA VAL B 247 8.17 5.34 19.28
C VAL B 247 8.66 3.96 19.71
N GLY B 248 8.17 3.46 20.85
CA GLY B 248 8.62 2.21 21.49
C GLY B 248 7.48 1.22 21.65
N ILE B 249 7.80 -0.08 21.57
CA ILE B 249 6.89 -1.22 21.90
C ILE B 249 7.63 -2.14 22.88
N HIS B 250 7.45 -1.92 24.18
CA HIS B 250 8.04 -2.75 25.26
C HIS B 250 7.31 -4.10 25.29
N GLY B 251 7.72 -5.04 24.45
CA GLY B 251 7.13 -6.38 24.32
C GLY B 251 6.60 -6.61 22.90
N PHE B 252 7.48 -7.03 21.99
CA PHE B 252 7.14 -7.36 20.57
C PHE B 252 6.53 -8.76 20.52
N GLY B 253 5.26 -8.87 20.91
CA GLY B 253 4.46 -10.11 20.88
C GLY B 253 3.16 -9.90 20.14
N ALA B 254 2.14 -10.72 20.46
CA ALA B 254 0.82 -10.76 19.80
C ALA B 254 0.26 -9.34 19.64
N ILE B 255 -0.04 -8.68 20.76
CA ILE B 255 -0.76 -7.37 20.78
C ILE B 255 0.22 -6.24 20.40
N GLY B 256 1.48 -6.33 20.83
CA GLY B 256 2.52 -5.34 20.54
C GLY B 256 2.82 -5.24 19.05
N GLY B 257 3.10 -6.38 18.41
CA GLY B 257 3.48 -6.46 16.99
C GLY B 257 2.26 -6.56 16.08
N GLY B 258 1.15 -7.12 16.57
CA GLY B 258 -0.04 -7.44 15.75
C GLY B 258 -1.20 -6.48 15.96
N TYR B 259 -0.98 -5.36 16.65
CA TYR B 259 -2.02 -4.31 16.86
C TYR B 259 -1.38 -2.93 17.06
N ILE B 260 -0.59 -2.76 18.12
CA ILE B 260 0.01 -1.45 18.53
C ILE B 260 0.83 -0.89 17.36
N ALA B 261 1.57 -1.77 16.65
CA ALA B 261 2.42 -1.41 15.49
C ALA B 261 1.58 -0.77 14.38
N GLN B 262 0.32 -1.20 14.21
CA GLN B 262 -0.65 -0.62 13.24
C GLN B 262 -1.06 0.79 13.69
N ILE B 263 -1.39 0.93 14.99
CA ILE B 263 -1.84 2.21 15.62
C ILE B 263 -0.74 3.26 15.42
N LEU B 264 0.50 2.92 15.75
CA LEU B 264 1.68 3.82 15.68
C LEU B 264 2.04 4.10 14.22
N SER B 265 1.78 3.15 13.31
CA SER B 265 2.06 3.26 11.85
C SER B 265 1.06 4.23 11.20
N HIS B 266 -0.21 4.24 11.65
CA HIS B 266 -1.25 5.20 11.21
C HIS B 266 -0.96 6.58 11.82
N TRP B 267 -0.65 6.63 13.12
CA TRP B 267 -0.27 7.87 13.86
C TRP B 267 -1.40 8.91 13.74
N ASP B 268 -1.12 10.11 13.24
CA ASP B 268 -2.09 11.23 13.13
C ASP B 268 -2.70 11.27 11.71
N GLY B 269 -2.11 10.53 10.76
CA GLY B 269 -2.56 10.45 9.36
C GLY B 269 -1.87 11.46 8.45
N TYR B 270 -1.09 12.37 9.03
CA TYR B 270 -0.29 13.38 8.30
C TYR B 270 1.15 12.84 8.13
N THR B 271 1.80 12.48 9.25
CA THR B 271 3.16 11.90 9.27
C THR B 271 3.15 10.57 10.02
N LYS B 272 4.27 9.84 9.95
CA LYS B 272 4.49 8.51 10.57
C LYS B 272 5.82 8.53 11.31
N PRO B 273 5.94 7.89 12.50
CA PRO B 273 7.22 7.82 13.21
C PRO B 273 8.36 7.30 12.32
N LYS B 274 9.54 7.93 12.43
CA LYS B 274 10.79 7.58 11.69
C LYS B 274 11.15 6.12 11.97
N ARG B 275 11.04 5.70 13.24
CA ARG B 275 11.48 4.37 13.72
C ARG B 275 10.51 3.88 14.81
N ILE B 276 10.21 2.57 14.80
CA ILE B 276 9.42 1.86 15.84
C ILE B 276 10.32 0.80 16.48
N ILE B 277 10.80 1.06 17.70
CA ILE B 277 11.72 0.16 18.45
C ILE B 277 10.88 -0.82 19.26
N ALA B 278 11.00 -2.13 18.97
CA ALA B 278 10.25 -3.23 19.62
C ALA B 278 11.23 -4.18 20.31
N SER B 279 10.94 -4.57 21.56
CA SER B 279 11.83 -5.39 22.43
C SER B 279 11.28 -6.82 22.56
N THR B 280 12.15 -7.82 22.39
CA THR B 280 11.82 -9.27 22.52
C THR B 280 13.09 -10.06 22.85
N ARG B 281 12.94 -11.19 23.56
CA ARG B 281 14.03 -12.16 23.86
C ARG B 281 13.99 -13.30 22.83
N ASN B 282 12.89 -13.43 22.09
CA ASN B 282 12.74 -14.40 20.97
C ASN B 282 13.68 -13.97 19.84
N SER B 283 14.85 -14.61 19.75
CA SER B 283 15.96 -14.25 18.81
C SER B 283 15.54 -14.53 17.36
N LEU B 284 14.77 -15.59 17.13
CA LEU B 284 14.29 -15.99 15.78
C LEU B 284 13.43 -14.87 15.19
N PHE B 285 12.45 -14.39 15.96
CA PHE B 285 11.56 -13.24 15.61
C PHE B 285 12.41 -12.00 15.32
N ARG B 286 13.32 -11.66 16.25
CA ARG B 286 14.21 -10.48 16.18
C ARG B 286 15.02 -10.52 14.88
N GLU B 287 15.76 -11.61 14.67
CA GLU B 287 16.72 -11.77 13.54
C GLU B 287 15.95 -11.88 12.21
N ALA B 288 14.74 -12.45 12.23
CA ALA B 288 13.88 -12.62 11.03
C ALA B 288 13.42 -11.25 10.51
N VAL B 289 12.89 -10.40 11.40
CA VAL B 289 12.34 -9.05 11.06
C VAL B 289 13.47 -8.17 10.54
N ASN B 290 14.60 -8.11 11.28
CA ASN B 290 15.78 -7.27 10.96
C ASN B 290 16.39 -7.71 9.63
N ALA B 291 16.32 -9.01 9.30
CA ALA B 291 16.83 -9.61 8.04
C ALA B 291 15.95 -9.18 6.87
N PHE B 292 14.62 -9.31 7.01
CA PHE B 292 13.60 -8.95 5.97
C PHE B 292 13.50 -7.43 5.85
N GLY B 293 13.61 -6.72 6.98
CA GLY B 293 13.47 -5.24 7.05
C GLY B 293 12.05 -4.83 7.39
N THR B 294 11.08 -5.75 7.21
CA THR B 294 9.64 -5.55 7.52
C THR B 294 9.05 -6.87 8.04
N TYR B 295 7.83 -6.81 8.57
CA TYR B 295 6.95 -7.98 8.85
C TYR B 295 5.50 -7.57 8.54
N SER B 296 4.64 -8.55 8.27
CA SER B 296 3.23 -8.35 7.89
C SER B 296 2.30 -8.92 8.97
N ILE B 297 1.18 -8.23 9.24
CA ILE B 297 0.06 -8.71 10.08
C ILE B 297 -1.00 -9.31 9.15
N ARG B 298 -1.35 -10.58 9.36
CA ARG B 298 -2.34 -11.31 8.53
C ARG B 298 -3.75 -11.13 9.12
N TYR B 299 -4.66 -10.53 8.35
CA TYR B 299 -6.10 -10.40 8.68
C TYR B 299 -6.88 -11.45 7.88
N GLY B 300 -7.03 -12.64 8.46
CA GLY B 300 -7.60 -13.84 7.81
C GLY B 300 -8.99 -13.60 7.25
N GLN B 301 -9.80 -12.77 7.92
CA GLN B 301 -11.21 -12.48 7.55
C GLN B 301 -11.28 -12.06 6.07
N PHE B 302 -10.36 -11.19 5.63
CA PHE B 302 -10.32 -10.61 4.26
C PHE B 302 -9.07 -11.06 3.50
N SER B 303 -8.29 -11.99 4.08
CA SER B 303 -7.03 -12.53 3.49
C SER B 303 -6.10 -11.38 3.07
N TYR B 304 -5.91 -10.41 3.97
CA TYR B 304 -5.11 -9.18 3.75
C TYR B 304 -3.85 -9.22 4.61
N ASP B 305 -2.69 -8.99 3.98
CA ASP B 305 -1.36 -8.90 4.66
C ASP B 305 -0.95 -7.44 4.75
N GLU B 306 -0.84 -6.91 5.97
CA GLU B 306 -0.53 -5.50 6.28
C GLU B 306 0.97 -5.39 6.61
N ARG B 307 1.76 -4.84 5.69
CA ARG B 307 3.23 -4.69 5.81
C ARG B 307 3.55 -3.55 6.79
N ILE B 308 4.18 -3.87 7.93
CA ILE B 308 4.69 -2.89 8.94
C ILE B 308 6.18 -2.66 8.68
N GLU B 309 6.58 -1.40 8.43
CA GLU B 309 7.97 -1.03 8.04
C GLU B 309 8.51 0.02 9.01
N ASN B 310 9.83 0.27 8.94
CA ASN B 310 10.60 1.15 9.86
C ASN B 310 10.65 0.50 11.25
N MET B 311 10.79 -0.82 11.32
CA MET B 311 10.82 -1.61 12.57
C MET B 311 12.27 -1.94 12.93
N SER B 312 12.70 -1.55 14.14
CA SER B 312 13.99 -1.94 14.77
C SER B 312 13.70 -2.88 15.95
N ILE B 313 13.93 -4.19 15.76
CA ILE B 313 13.69 -5.22 16.82
C ILE B 313 14.99 -5.41 17.61
N VAL B 314 14.94 -5.19 18.92
CA VAL B 314 16.11 -5.18 19.85
C VAL B 314 15.91 -6.24 20.93
N ASP B 315 16.98 -6.63 21.62
CA ASP B 315 16.96 -7.59 22.75
C ASP B 315 16.52 -6.85 24.02
N SER B 316 15.63 -7.46 24.81
CA SER B 316 15.09 -6.92 26.08
C SER B 316 16.18 -6.88 27.15
N ASP B 317 17.12 -7.84 27.11
CA ASP B 317 18.24 -7.97 28.08
C ASP B 317 19.31 -6.92 27.77
N ASN B 318 19.53 -6.61 26.48
CA ASN B 318 20.48 -5.57 26.00
C ASN B 318 20.08 -4.22 26.61
N GLU B 319 20.85 -3.73 27.58
CA GLU B 319 20.55 -2.52 28.39
C GLU B 319 20.61 -1.27 27.49
N GLN B 320 21.71 -1.12 26.73
CA GLN B 320 22.00 0.08 25.89
C GLN B 320 20.83 0.35 24.94
N GLN B 321 20.28 -0.69 24.31
CA GLN B 321 19.20 -0.59 23.28
C GLN B 321 17.87 -0.22 23.95
N MET B 322 17.61 -0.71 25.16
CA MET B 322 16.35 -0.45 25.92
C MET B 322 16.36 0.98 26.46
N LEU B 323 17.52 1.48 26.90
CA LEU B 323 17.71 2.88 27.35
C LEU B 323 17.53 3.83 26.16
N GLU B 324 17.94 3.41 24.96
CA GLU B 324 17.82 4.17 23.68
C GLU B 324 16.33 4.38 23.35
N MET B 325 15.48 3.41 23.70
CA MET B 325 14.01 3.47 23.49
C MET B 325 13.43 4.59 24.37
N TYR B 326 13.68 4.54 25.68
CA TYR B 326 13.01 5.37 26.72
C TYR B 326 13.50 6.83 26.66
N THR B 327 14.66 7.09 26.03
CA THR B 327 15.26 8.44 25.91
C THR B 327 14.70 9.16 24.66
N HIS B 328 14.58 8.45 23.54
CA HIS B 328 14.30 9.03 22.20
C HIS B 328 12.81 8.89 21.82
N SER B 329 12.10 7.92 22.38
CA SER B 329 10.68 7.62 22.03
C SER B 329 9.75 8.69 22.59
N SER B 330 8.83 9.21 21.77
CA SER B 330 7.76 10.17 22.14
C SER B 330 6.62 9.42 22.85
N LEU B 331 6.31 8.21 22.38
CA LEU B 331 5.25 7.32 22.93
C LEU B 331 5.79 5.89 23.02
N ILE B 332 5.63 5.24 24.18
CA ILE B 332 6.02 3.82 24.43
C ILE B 332 4.78 3.04 24.89
N ALA B 333 4.59 1.84 24.35
CA ALA B 333 3.46 0.93 24.67
C ALA B 333 4.00 -0.30 25.41
N LEU B 334 3.60 -0.48 26.67
CA LEU B 334 3.93 -1.68 27.50
C LEU B 334 2.93 -2.78 27.16
N CYS B 335 3.41 -3.87 26.56
CA CYS B 335 2.59 -5.00 26.03
C CYS B 335 3.08 -6.32 26.63
N LEU B 336 3.12 -6.40 27.96
CA LEU B 336 3.57 -7.59 28.74
C LEU B 336 2.43 -8.11 29.60
N PRO B 337 2.40 -9.42 29.92
CA PRO B 337 1.44 -9.96 30.89
C PRO B 337 1.86 -9.65 32.34
N GLU B 338 1.02 -10.03 33.30
CA GLU B 338 1.23 -9.78 34.76
C GLU B 338 2.60 -10.31 35.20
N GLN B 339 2.96 -11.53 34.76
CA GLN B 339 4.16 -12.28 35.21
C GLN B 339 5.43 -11.46 34.95
N ALA B 340 5.47 -10.70 33.85
CA ALA B 340 6.65 -9.96 33.35
C ALA B 340 6.77 -8.59 34.03
N ILE B 341 5.69 -8.07 34.61
CA ILE B 341 5.59 -6.67 35.14
C ILE B 341 6.69 -6.44 36.19
N GLU B 342 6.86 -7.38 37.13
CA GLU B 342 7.78 -7.26 38.29
C GLU B 342 9.23 -7.15 37.81
N SER B 343 9.66 -8.05 36.92
CA SER B 343 11.05 -8.16 36.41
C SER B 343 11.38 -6.97 35.47
N GLU B 344 10.45 -6.62 34.59
CA GLU B 344 10.66 -5.61 33.51
C GLU B 344 10.55 -4.19 34.07
N SER B 345 9.94 -4.02 35.25
CA SER B 345 9.78 -2.71 35.95
C SER B 345 11.15 -2.07 36.22
N LYS B 346 12.18 -2.90 36.44
CA LYS B 346 13.58 -2.47 36.69
C LYS B 346 14.15 -1.84 35.41
N ILE B 347 13.84 -2.40 34.25
CA ILE B 347 14.30 -1.92 32.91
C ILE B 347 13.52 -0.65 32.53
N ILE B 348 12.25 -0.57 32.92
CA ILE B 348 11.37 0.63 32.71
C ILE B 348 11.95 1.79 33.53
N ALA B 349 12.22 1.54 34.82
CA ALA B 349 12.77 2.50 35.80
C ALA B 349 14.11 3.07 35.29
N LYS B 350 15.00 2.19 34.82
CA LYS B 350 16.37 2.55 34.33
C LYS B 350 16.25 3.42 33.08
N GLY B 351 15.25 3.15 32.23
CA GLY B 351 14.96 3.91 30.99
C GLY B 351 14.48 5.31 31.28
N LEU B 352 13.52 5.45 32.21
CA LEU B 352 12.88 6.75 32.58
C LEU B 352 13.90 7.64 33.31
N TYR B 353 14.80 7.04 34.09
CA TYR B 353 15.87 7.75 34.85
C TYR B 353 16.93 8.27 33.86
N ALA B 354 17.18 7.53 32.78
CA ALA B 354 18.09 7.92 31.67
C ALA B 354 17.48 9.07 30.88
N ARG B 355 16.14 9.09 30.74
CA ARG B 355 15.37 10.16 30.05
C ARG B 355 15.47 11.46 30.87
N PHE B 356 15.36 11.36 32.19
CA PHE B 356 15.46 12.50 33.15
C PHE B 356 16.87 13.09 33.11
N ASN B 357 17.90 12.23 33.09
CA ASN B 357 19.34 12.62 33.05
C ASN B 357 19.62 13.36 31.74
N SER B 358 19.00 12.92 30.63
CA SER B 358 19.05 13.58 29.31
C SER B 358 18.19 14.85 29.33
N GLN B 359 18.37 15.74 28.35
CA GLN B 359 17.65 17.04 28.25
C GLN B 359 16.18 16.78 27.92
N GLU B 365 10.29 16.54 25.74
CA GLU B 365 8.80 16.53 25.77
C GLU B 365 8.33 15.36 26.64
N PRO B 366 7.20 15.50 27.37
CA PRO B 366 6.71 14.44 28.26
C PRO B 366 6.35 13.15 27.50
N LEU B 367 6.73 12.00 28.05
CA LEU B 367 6.48 10.65 27.48
C LEU B 367 5.00 10.28 27.67
N THR B 368 4.40 9.61 26.68
CA THR B 368 3.05 8.99 26.75
C THR B 368 3.23 7.48 26.87
N PHE B 369 2.87 6.90 28.02
CA PHE B 369 3.09 5.48 28.39
C PHE B 369 1.76 4.73 28.38
N LEU B 370 1.51 3.95 27.33
CA LEU B 370 0.30 3.09 27.18
C LEU B 370 0.56 1.76 27.89
N ILE B 371 -0.37 1.35 28.76
CA ILE B 371 -0.32 0.07 29.54
C ILE B 371 -1.36 -0.89 28.96
N ILE B 372 -0.90 -1.88 28.18
CA ILE B 372 -1.75 -2.97 27.60
C ILE B 372 -1.63 -4.20 28.51
N LEU B 373 -2.68 -4.48 29.29
CA LEU B 373 -2.69 -5.56 30.31
C LEU B 373 -4.14 -5.92 30.66
N ASN B 374 -4.50 -7.20 30.52
CA ASN B 374 -5.84 -7.73 30.88
C ASN B 374 -5.88 -7.98 32.39
N LYS B 375 -6.18 -6.93 33.17
CA LYS B 375 -6.32 -6.98 34.64
C LYS B 375 -7.15 -5.78 35.11
N VAL B 376 -7.98 -5.98 36.13
CA VAL B 376 -8.73 -4.89 36.83
C VAL B 376 -7.74 -4.18 37.76
N GLY B 377 -7.47 -2.89 37.52
CA GLY B 377 -6.46 -2.09 38.23
C GLY B 377 -5.06 -2.39 37.70
N ALA B 378 -4.88 -2.33 36.38
CA ALA B 378 -3.64 -2.67 35.65
C ALA B 378 -2.56 -1.61 35.94
N LYS B 379 -2.94 -0.33 35.94
CA LYS B 379 -2.01 0.82 36.15
C LYS B 379 -1.42 0.76 37.57
N TYR B 380 -2.25 0.49 38.57
CA TYR B 380 -1.87 0.38 40.01
C TYR B 380 -0.70 -0.60 40.16
N LEU B 381 -0.78 -1.76 39.50
CA LEU B 381 0.25 -2.84 39.56
C LEU B 381 1.54 -2.33 38.92
N VAL B 382 1.47 -1.74 37.74
CA VAL B 382 2.64 -1.25 36.94
C VAL B 382 3.31 -0.10 37.70
N MET B 383 2.53 0.87 38.17
CA MET B 383 3.02 2.10 38.87
C MET B 383 3.62 1.73 40.23
N LYS B 384 3.08 0.70 40.90
CA LYS B 384 3.57 0.18 42.20
C LYS B 384 4.98 -0.40 42.02
N HIS B 385 5.13 -1.32 41.05
CA HIS B 385 6.41 -2.01 40.73
C HIS B 385 7.44 -1.01 40.19
N LEU B 386 6.99 0.04 39.50
CA LEU B 386 7.86 1.09 38.90
C LEU B 386 8.44 1.98 40.00
N LYS B 387 7.63 2.40 40.97
CA LYS B 387 8.04 3.25 42.12
C LYS B 387 9.06 2.50 42.97
N GLU B 388 8.77 1.25 43.31
CA GLU B 388 9.64 0.35 44.10
C GLU B 388 11.00 0.18 43.39
N ALA B 389 10.98 0.02 42.07
CA ALA B 389 12.17 -0.18 41.21
C ALA B 389 12.99 1.11 41.14
N LEU B 390 12.33 2.25 40.93
CA LEU B 390 12.96 3.60 40.80
C LEU B 390 13.65 3.97 42.12
N LEU B 391 12.91 3.92 43.24
CA LEU B 391 13.40 4.25 44.61
C LEU B 391 14.67 3.44 44.92
N GLU B 392 14.71 2.17 44.50
CA GLU B 392 15.83 1.22 44.75
C GLU B 392 17.09 1.71 44.01
N LEU B 393 16.93 2.22 42.79
CA LEU B 393 18.05 2.69 41.91
C LEU B 393 18.41 4.14 42.25
N THR B 394 17.44 5.06 42.17
CA THR B 394 17.63 6.52 42.35
C THR B 394 18.08 6.82 43.80
N ASN B 395 17.47 6.15 44.78
CA ASN B 395 17.72 6.36 46.23
C ASN B 395 17.33 7.80 46.61
N ASP B 396 16.30 8.34 45.96
CA ASP B 396 15.82 9.73 46.13
C ASP B 396 14.31 9.77 45.87
N GLU B 397 13.53 10.26 46.84
CA GLU B 397 12.04 10.32 46.76
C GLU B 397 11.60 11.55 45.97
N ASP B 398 12.47 12.56 45.85
CA ASP B 398 12.19 13.85 45.14
C ASP B 398 12.18 13.61 43.63
N VAL B 399 13.16 12.85 43.10
CA VAL B 399 13.34 12.59 41.64
C VAL B 399 12.28 11.60 41.16
N THR B 400 11.88 10.64 42.00
CA THR B 400 10.90 9.57 41.65
C THR B 400 9.51 10.17 41.50
N GLU B 401 9.01 10.89 42.51
CA GLU B 401 7.65 11.49 42.54
C GLU B 401 7.51 12.48 41.37
N HIS B 402 8.61 13.12 40.94
CA HIS B 402 8.67 14.00 39.76
C HIS B 402 8.42 13.19 38.48
N ILE B 403 9.23 12.14 38.26
CA ILE B 403 9.17 11.25 37.06
C ILE B 403 7.77 10.66 36.93
N LEU B 404 7.21 10.14 38.03
CA LEU B 404 5.87 9.49 38.08
C LEU B 404 4.77 10.49 37.67
N LYS B 405 4.94 11.78 38.01
CA LYS B 405 3.94 12.86 37.76
C LYS B 405 4.32 13.69 36.53
N GLU B 406 5.46 13.40 35.90
CA GLU B 406 5.95 14.11 34.67
C GLU B 406 5.29 13.49 33.44
N HIS B 407 5.40 12.16 33.29
CA HIS B 407 4.96 11.40 32.10
C HIS B 407 3.48 10.99 32.25
N TYR B 408 2.81 10.75 31.13
CA TYR B 408 1.38 10.31 31.05
C TYR B 408 1.32 8.78 31.05
N PHE B 409 0.97 8.18 32.19
CA PHE B 409 0.75 6.72 32.36
C PHE B 409 -0.74 6.42 32.17
N CYS B 410 -1.09 5.81 31.04
CA CYS B 410 -2.49 5.66 30.54
C CYS B 410 -2.96 4.21 30.62
N ASP B 411 -4.09 3.96 31.29
CA ASP B 411 -4.86 2.70 31.23
C ASP B 411 -5.46 2.57 29.83
N THR B 412 -5.62 1.34 29.33
CA THR B 412 -6.20 1.04 28.00
C THR B 412 -7.19 -0.11 28.11
N VAL B 413 -8.08 -0.24 27.12
CA VAL B 413 -8.96 -1.42 26.87
C VAL B 413 -8.79 -1.83 25.40
N VAL B 414 -8.21 -3.02 25.18
CA VAL B 414 -7.97 -3.60 23.82
C VAL B 414 -8.93 -4.77 23.62
N ASN B 415 -9.85 -4.66 22.65
CA ASN B 415 -10.89 -5.67 22.34
C ASN B 415 -10.39 -6.64 21.26
N ARG B 416 -9.41 -6.22 20.46
CA ARG B 416 -8.88 -7.01 19.31
C ARG B 416 -8.17 -8.28 19.82
N MET B 417 -8.60 -9.45 19.33
CA MET B 417 -7.93 -10.76 19.54
C MET B 417 -6.79 -10.90 18.52
N VAL B 418 -5.58 -11.20 19.00
CA VAL B 418 -4.36 -11.36 18.15
C VAL B 418 -3.60 -12.62 18.57
N SER B 419 -3.06 -13.36 17.60
CA SER B 419 -2.30 -14.62 17.79
C SER B 419 -0.86 -14.42 17.29
N LYS B 420 0.13 -14.89 18.06
CA LYS B 420 1.56 -14.90 17.70
C LYS B 420 1.88 -16.24 17.02
N LEU B 421 2.71 -16.22 15.97
CA LEU B 421 3.12 -17.43 15.21
C LEU B 421 4.08 -18.25 16.08
N SER B 422 4.00 -19.58 16.01
CA SER B 422 4.92 -20.53 16.70
C SER B 422 6.29 -20.48 16.00
N ASN B 423 7.34 -20.87 16.71
CA ASN B 423 8.75 -20.85 16.22
C ASN B 423 8.93 -21.92 15.14
N GLN B 424 8.20 -23.04 15.25
CA GLN B 424 8.20 -24.14 14.25
C GLN B 424 7.59 -23.64 12.95
N ASN B 425 6.46 -22.92 13.03
CA ASN B 425 5.72 -22.36 11.85
C ASN B 425 6.52 -21.21 11.24
N LEU B 426 7.23 -20.42 12.06
CA LEU B 426 8.15 -19.34 11.60
C LEU B 426 9.35 -19.97 10.88
N TYR B 427 9.89 -21.07 11.41
CA TYR B 427 11.00 -21.84 10.79
C TYR B 427 10.54 -22.44 9.46
N ARG B 428 9.33 -23.02 9.44
CA ARG B 428 8.69 -23.59 8.23
C ARG B 428 8.61 -22.53 7.13
N GLN B 429 8.17 -21.32 7.49
CA GLN B 429 8.01 -20.15 6.57
C GLN B 429 9.37 -19.76 5.99
N LEU B 430 10.38 -19.61 6.85
CA LEU B 430 11.76 -19.20 6.48
C LEU B 430 12.40 -20.26 5.57
N ARG B 431 12.19 -21.54 5.87
CA ARG B 431 12.72 -22.69 5.10
C ARG B 431 12.18 -22.62 3.66
N ILE B 432 10.86 -22.47 3.51
CA ILE B 432 10.14 -22.44 2.20
C ILE B 432 10.61 -21.22 1.40
N LYS B 433 10.70 -20.06 2.05
CA LYS B 433 11.01 -18.76 1.41
C LYS B 433 12.51 -18.66 1.05
N HIS B 434 13.38 -19.33 1.82
CA HIS B 434 14.84 -19.39 1.57
C HIS B 434 15.12 -20.13 0.26
N ASN B 435 14.33 -21.18 -0.04
CA ASN B 435 14.46 -21.99 -1.28
C ASN B 435 14.17 -21.11 -2.51
N PHE B 436 13.21 -20.19 -2.41
CA PHE B 436 12.82 -19.24 -3.49
C PHE B 436 13.95 -18.22 -3.71
N LEU B 437 14.56 -17.75 -2.63
CA LEU B 437 15.69 -16.78 -2.66
C LEU B 437 16.89 -17.41 -3.39
N GLU B 438 17.24 -18.65 -3.03
CA GLU B 438 18.36 -19.41 -3.65
C GLU B 438 18.15 -19.52 -5.16
N GLN B 439 16.92 -19.85 -5.58
CA GLN B 439 16.55 -20.03 -7.02
C GLN B 439 16.57 -18.67 -7.72
N HIS B 440 16.11 -17.61 -7.04
CA HIS B 440 16.09 -16.21 -7.56
C HIS B 440 17.52 -15.75 -7.89
N LEU B 441 18.49 -16.08 -7.03
CA LEU B 441 19.92 -15.68 -7.18
C LEU B 441 20.52 -16.33 -8.43
N GLU B 442 20.15 -17.58 -8.73
CA GLU B 442 20.62 -18.34 -9.92
C GLU B 442 20.05 -17.70 -11.20
N ASP B 443 18.82 -17.18 -11.14
CA ASP B 443 18.13 -16.52 -12.27
C ASP B 443 18.77 -15.16 -12.54
N VAL B 444 19.24 -14.47 -11.49
CA VAL B 444 19.92 -13.14 -11.57
C VAL B 444 21.26 -13.29 -12.31
N GLU B 445 22.01 -14.36 -12.02
CA GLU B 445 23.32 -14.67 -12.67
C GLU B 445 23.10 -14.88 -14.17
N GLU B 453 24.59 2.04 -20.92
CA GLU B 453 23.87 3.24 -21.42
C GLU B 453 24.48 3.67 -22.76
N ASP B 454 23.63 4.10 -23.70
CA ASP B 454 24.01 4.43 -25.10
C ASP B 454 24.34 5.93 -25.19
N CYS B 455 23.34 6.79 -25.37
CA CYS B 455 23.47 8.26 -25.51
C CYS B 455 22.08 8.91 -25.39
N ASN B 456 21.80 9.54 -24.25
CA ASN B 456 20.45 10.08 -23.88
C ASN B 456 20.57 11.54 -23.44
N LYS B 457 21.13 12.39 -24.31
CA LYS B 457 21.23 13.87 -24.13
C LYS B 457 22.07 14.19 -22.88
N LEU B 458 23.11 13.40 -22.61
CA LEU B 458 24.05 13.57 -21.47
C LEU B 458 25.49 13.46 -22.00
N THR B 459 26.45 13.98 -21.24
CA THR B 459 27.90 13.95 -21.57
C THR B 459 28.45 12.54 -21.36
N PRO B 460 29.55 12.17 -22.05
CA PRO B 460 30.19 10.86 -21.83
C PRO B 460 30.62 10.62 -20.37
N ASP B 461 31.00 11.69 -19.67
CA ASP B 461 31.44 11.66 -18.24
C ASP B 461 30.24 11.30 -17.35
N GLN B 462 29.11 11.98 -17.54
CA GLN B 462 27.84 11.74 -16.80
C GLN B 462 27.32 10.33 -17.10
N LEU B 463 27.31 9.94 -18.38
CA LEU B 463 26.83 8.61 -18.86
C LEU B 463 27.65 7.50 -18.20
N ASN B 464 28.98 7.64 -18.17
CA ASN B 464 29.93 6.68 -17.57
C ASN B 464 29.71 6.63 -16.05
N GLN B 465 29.47 7.78 -15.43
CA GLN B 465 29.21 7.92 -13.97
C GLN B 465 27.86 7.29 -13.62
N ALA B 466 26.85 7.49 -14.48
CA ALA B 466 25.48 6.95 -14.34
C ALA B 466 25.51 5.42 -14.38
N SER B 467 26.32 4.85 -15.29
CA SER B 467 26.50 3.39 -15.47
C SER B 467 27.01 2.75 -14.17
N ILE B 468 27.98 3.40 -13.51
CA ILE B 468 28.61 2.91 -12.24
C ILE B 468 27.56 2.91 -11.13
N TYR B 469 26.74 3.95 -11.03
CA TYR B 469 25.67 4.11 -10.02
C TYR B 469 24.65 2.97 -10.19
N VAL B 470 24.10 2.82 -11.40
CA VAL B 470 23.02 1.85 -11.74
C VAL B 470 23.54 0.41 -11.55
N ASP B 471 24.82 0.17 -11.86
CA ASP B 471 25.47 -1.17 -11.82
C ASP B 471 25.47 -1.69 -10.38
N ASN B 472 26.00 -0.91 -9.42
CA ASN B 472 26.13 -1.32 -8.00
C ASN B 472 24.79 -1.15 -7.28
N MET B 473 23.88 -0.33 -7.83
CA MET B 473 22.47 -0.22 -7.33
C MET B 473 21.73 -1.52 -7.65
N ARG B 474 21.85 -2.01 -8.89
CA ARG B 474 21.28 -3.31 -9.33
C ARG B 474 21.89 -4.43 -8.47
N ARG B 475 23.22 -4.42 -8.29
CA ARG B 475 24.00 -5.44 -7.53
C ARG B 475 23.41 -5.60 -6.13
N ASN B 476 23.07 -4.49 -5.46
CA ASN B 476 22.59 -4.47 -4.05
C ASN B 476 21.08 -4.75 -3.99
N PHE B 477 20.30 -4.15 -4.89
CA PHE B 477 18.81 -4.18 -4.86
C PHE B 477 18.27 -5.49 -5.47
N GLN B 478 18.88 -5.97 -6.56
CA GLN B 478 18.32 -7.06 -7.41
C GLN B 478 18.00 -8.30 -6.56
N PRO B 479 18.88 -8.74 -5.63
CA PRO B 479 18.56 -9.86 -4.74
C PRO B 479 17.29 -9.63 -3.89
N GLY B 480 16.96 -8.37 -3.59
CA GLY B 480 15.81 -7.98 -2.75
C GLY B 480 14.57 -7.65 -3.56
N HIS B 481 14.55 -7.91 -4.87
CA HIS B 481 13.39 -7.71 -5.78
C HIS B 481 12.27 -8.68 -5.40
N ILE B 482 12.61 -9.86 -4.86
CA ILE B 482 11.68 -10.95 -4.47
C ILE B 482 10.74 -10.47 -3.35
N LEU B 483 11.12 -9.42 -2.61
CA LEU B 483 10.36 -8.89 -1.45
C LEU B 483 9.08 -8.18 -1.90
N GLN B 484 8.95 -7.87 -3.21
CA GLN B 484 7.72 -7.25 -3.80
C GLN B 484 6.50 -8.14 -3.53
N SER B 485 6.65 -9.46 -3.71
CA SER B 485 5.60 -10.48 -3.49
C SER B 485 5.76 -11.13 -2.10
N MET B 486 7.00 -11.45 -1.71
CA MET B 486 7.34 -12.20 -0.47
C MET B 486 7.16 -11.29 0.75
N ASP B 487 6.32 -11.71 1.71
CA ASP B 487 6.09 -11.04 3.02
C ASP B 487 6.58 -11.94 4.15
N LEU B 488 6.76 -11.39 5.35
CA LEU B 488 7.10 -12.14 6.59
C LEU B 488 5.89 -12.09 7.54
N ILE B 489 5.11 -13.18 7.58
CA ILE B 489 3.85 -13.29 8.38
C ILE B 489 4.22 -13.77 9.79
N LEU B 490 4.00 -12.93 10.80
CA LEU B 490 4.33 -13.21 12.23
C LEU B 490 3.09 -13.19 13.12
N PHE B 491 1.96 -12.61 12.65
CA PHE B 491 0.75 -12.36 13.47
C PHE B 491 -0.52 -12.63 12.67
N HIS B 492 -1.47 -13.33 13.30
CA HIS B 492 -2.89 -13.48 12.86
C HIS B 492 -3.78 -12.65 13.80
N SER B 493 -4.46 -11.64 13.24
CA SER B 493 -5.24 -10.62 14.00
C SER B 493 -6.63 -10.45 13.37
N GLU B 494 -7.64 -10.17 14.21
CA GLU B 494 -9.00 -9.77 13.75
C GLU B 494 -8.98 -8.29 13.40
N THR B 495 -10.08 -7.77 12.83
CA THR B 495 -10.14 -6.46 12.12
C THR B 495 -10.65 -5.34 13.04
N ASP B 496 -10.63 -5.55 14.36
CA ASP B 496 -11.08 -4.55 15.37
C ASP B 496 -10.02 -3.44 15.48
N MET B 497 -10.38 -2.21 15.07
CA MET B 497 -9.43 -1.07 14.92
C MET B 497 -9.30 -0.25 16.20
N PRO B 498 -10.41 0.25 16.81
CA PRO B 498 -10.29 1.29 17.83
C PRO B 498 -9.77 0.80 19.19
N ILE B 499 -8.74 1.46 19.72
CA ILE B 499 -8.20 1.26 21.10
C ILE B 499 -8.76 2.37 22.01
N TYR B 500 -9.19 2.01 23.22
CA TYR B 500 -9.79 2.92 24.23
C TYR B 500 -8.74 3.23 25.30
N VAL B 501 -8.48 4.53 25.54
CA VAL B 501 -7.39 5.03 26.44
C VAL B 501 -7.94 6.16 27.32
N GLU B 502 -7.33 6.36 28.49
CA GLU B 502 -7.65 7.45 29.45
C GLU B 502 -7.36 8.81 28.80
N LYS B 503 -8.08 9.85 29.22
CA LYS B 503 -7.78 11.27 28.87
C LYS B 503 -6.56 11.73 29.69
N GLY B 504 -5.87 12.76 29.21
CA GLY B 504 -4.69 13.36 29.88
C GLY B 504 -3.62 13.75 28.88
N SER B 505 -3.09 12.78 28.14
CA SER B 505 -2.02 12.96 27.11
C SER B 505 -2.56 13.75 25.93
N PRO B 506 -2.06 14.98 25.65
CA PRO B 506 -2.48 15.75 24.48
C PRO B 506 -2.15 15.07 23.14
N LEU B 507 -1.13 14.21 23.11
CA LEU B 507 -0.68 13.45 21.92
C LEU B 507 -1.81 12.54 21.42
N LEU B 508 -2.48 11.83 22.34
CA LEU B 508 -3.52 10.80 22.05
C LEU B 508 -4.76 11.44 21.39
N GLU B 509 -4.96 12.75 21.61
CA GLU B 509 -6.08 13.54 21.03
C GLU B 509 -6.00 13.50 19.50
N LYS B 510 -4.78 13.44 18.94
CA LYS B 510 -4.50 13.60 17.49
C LYS B 510 -4.29 12.23 16.81
N LEU B 511 -4.01 11.16 17.58
CA LEU B 511 -3.84 9.80 17.04
C LEU B 511 -5.19 9.27 16.55
N ARG B 512 -5.23 8.75 15.31
CA ARG B 512 -6.48 8.36 14.59
C ARG B 512 -7.15 7.16 15.25
N GLN B 513 -6.35 6.14 15.58
CA GLN B 513 -6.84 4.79 16.00
C GLN B 513 -7.22 4.81 17.49
N VAL B 514 -6.81 5.85 18.22
CA VAL B 514 -7.08 6.02 19.69
C VAL B 514 -8.43 6.72 19.87
N VAL B 515 -9.26 6.21 20.78
CA VAL B 515 -10.56 6.80 21.20
C VAL B 515 -10.48 7.06 22.71
N LEU B 516 -10.61 8.33 23.12
CA LEU B 516 -10.46 8.76 24.55
C LEU B 516 -11.78 8.52 25.30
N VAL B 517 -11.69 7.97 26.51
CA VAL B 517 -12.85 7.66 27.41
C VAL B 517 -12.54 8.19 28.81
N ASP B 518 -13.54 8.19 29.69
CA ASP B 518 -13.46 8.75 31.07
C ASP B 518 -13.36 7.60 32.09
N GLN B 519 -14.47 6.91 32.33
CA GLN B 519 -14.59 5.83 33.35
C GLN B 519 -14.11 4.50 32.73
N ILE B 520 -12.79 4.38 32.49
CA ILE B 520 -12.16 3.21 31.82
C ILE B 520 -12.18 2.00 32.77
N THR B 521 -12.15 2.25 34.08
CA THR B 521 -12.20 1.22 35.15
C THR B 521 -13.45 0.35 34.98
N ASP B 522 -14.61 0.98 34.74
CA ASP B 522 -15.92 0.30 34.54
C ASP B 522 -15.85 -0.58 33.29
N ILE B 523 -15.22 -0.07 32.22
CA ILE B 523 -15.09 -0.77 30.90
C ILE B 523 -14.12 -1.95 31.06
N GLN B 524 -13.05 -1.76 31.84
CA GLN B 524 -12.03 -2.80 32.13
C GLN B 524 -12.66 -3.96 32.93
N LEU B 525 -13.60 -3.65 33.81
CA LEU B 525 -14.32 -4.66 34.65
C LEU B 525 -15.21 -5.53 33.76
N ILE B 526 -16.03 -4.91 32.91
CA ILE B 526 -16.94 -5.60 31.95
C ILE B 526 -16.09 -6.43 30.98
N LYS B 527 -15.03 -5.82 30.42
CA LYS B 527 -14.02 -6.45 29.54
C LYS B 527 -13.49 -7.73 30.20
N ASN B 528 -13.15 -7.67 31.48
CA ASN B 528 -12.55 -8.80 32.25
C ASN B 528 -13.57 -9.95 32.34
N ARG B 529 -14.80 -9.66 32.77
CA ARG B 529 -15.80 -10.68 33.20
C ARG B 529 -16.62 -11.17 32.00
N LEU B 530 -17.07 -10.26 31.12
CA LEU B 530 -18.01 -10.58 30.01
C LEU B 530 -17.25 -11.12 28.79
N TRP B 531 -16.05 -10.59 28.51
CA TRP B 531 -15.19 -11.01 27.37
C TRP B 531 -14.18 -12.06 27.84
N ASN B 532 -13.12 -11.64 28.54
CA ASN B 532 -11.93 -12.46 28.89
C ASN B 532 -12.35 -13.71 29.69
N GLY B 533 -13.33 -13.55 30.59
CA GLY B 533 -13.86 -14.65 31.43
C GLY B 533 -14.54 -15.73 30.61
N VAL B 534 -15.50 -15.34 29.77
CA VAL B 534 -16.27 -16.27 28.89
C VAL B 534 -15.31 -16.90 27.87
N HIS B 535 -14.33 -16.12 27.39
CA HIS B 535 -13.30 -16.54 26.40
C HIS B 535 -12.46 -17.68 26.98
N ALA B 536 -12.02 -17.55 28.23
CA ALA B 536 -11.17 -18.52 28.96
C ALA B 536 -11.95 -19.80 29.23
N MET B 537 -13.20 -19.67 29.70
CA MET B 537 -14.05 -20.80 30.19
C MET B 537 -14.49 -21.68 29.01
N LEU B 538 -14.90 -21.08 27.88
CA LEU B 538 -15.31 -21.82 26.66
C LEU B 538 -14.07 -22.45 26.00
N ALA B 539 -12.91 -21.81 26.14
CA ALA B 539 -11.61 -22.30 25.61
C ALA B 539 -11.18 -23.56 26.38
N TRP B 540 -11.40 -23.59 27.70
CA TRP B 540 -11.13 -24.77 28.57
C TRP B 540 -12.08 -25.91 28.19
N TYR B 541 -13.35 -25.58 27.91
CA TYR B 541 -14.41 -26.54 27.50
C TYR B 541 -14.07 -27.11 26.12
N ALA B 542 -13.62 -26.24 25.20
CA ALA B 542 -13.23 -26.59 23.81
C ALA B 542 -11.98 -27.49 23.83
N SER B 543 -10.95 -27.09 24.61
CA SER B 543 -9.65 -27.79 24.73
C SER B 543 -9.87 -29.25 25.15
N LEU B 544 -10.68 -29.48 26.19
CA LEU B 544 -10.96 -30.81 26.78
C LEU B 544 -11.76 -31.68 25.78
N MET B 545 -12.52 -31.05 24.88
CA MET B 545 -13.34 -31.74 23.85
C MET B 545 -12.49 -32.08 22.62
N GLY B 546 -11.28 -31.52 22.52
CA GLY B 546 -10.28 -31.89 21.49
C GLY B 546 -10.02 -30.79 20.47
N TYR B 547 -10.81 -29.70 20.51
CA TYR B 547 -10.68 -28.55 19.59
C TYR B 547 -9.40 -27.78 19.92
N GLU B 548 -8.63 -27.42 18.88
CA GLU B 548 -7.37 -26.63 18.98
C GLU B 548 -7.58 -25.21 18.43
N SER B 549 -8.78 -24.93 17.86
CA SER B 549 -9.13 -23.64 17.23
C SER B 549 -10.43 -23.10 17.86
N ILE B 550 -10.43 -21.83 18.28
CA ILE B 550 -11.62 -21.12 18.85
C ILE B 550 -12.70 -21.06 17.77
N GLY B 551 -12.33 -20.67 16.55
CA GLY B 551 -13.24 -20.57 15.39
C GLY B 551 -13.97 -21.87 15.12
N VAL B 552 -13.24 -22.99 15.07
CA VAL B 552 -13.78 -24.35 14.80
C VAL B 552 -14.65 -24.79 16.01
N ALA B 553 -14.19 -24.50 17.23
CA ALA B 553 -14.86 -24.87 18.51
C ALA B 553 -16.26 -24.25 18.57
N MET B 554 -16.40 -22.99 18.12
CA MET B 554 -17.68 -22.23 18.14
C MET B 554 -18.67 -22.81 17.10
N GLY B 555 -18.18 -23.65 16.18
CA GLY B 555 -19.01 -24.43 15.24
C GLY B 555 -19.80 -25.52 15.95
N ASP B 556 -19.31 -26.00 17.09
CA ASP B 556 -19.97 -27.02 17.95
C ASP B 556 -21.14 -26.36 18.68
N HIS B 557 -22.32 -26.99 18.65
CA HIS B 557 -23.58 -26.47 19.25
C HIS B 557 -23.45 -26.38 20.78
N LEU B 558 -22.72 -27.31 21.39
CA LEU B 558 -22.52 -27.39 22.87
C LEU B 558 -21.61 -26.24 23.34
N VAL B 559 -20.52 -25.99 22.61
CA VAL B 559 -19.50 -24.95 22.95
C VAL B 559 -20.15 -23.56 22.80
N LYS B 560 -20.94 -23.37 21.76
CA LYS B 560 -21.66 -22.09 21.46
C LYS B 560 -22.72 -21.84 22.53
N ALA B 561 -23.52 -22.87 22.86
CA ALA B 561 -24.59 -22.84 23.87
C ALA B 561 -24.01 -22.50 25.24
N PHE B 562 -22.87 -23.12 25.59
CA PHE B 562 -22.15 -22.91 26.87
C PHE B 562 -21.74 -21.45 27.02
N ALA B 563 -21.12 -20.89 25.98
CA ALA B 563 -20.65 -19.48 25.92
C ALA B 563 -21.83 -18.51 26.10
N GLU B 564 -22.97 -18.80 25.45
CA GLU B 564 -24.21 -17.98 25.49
C GLU B 564 -24.82 -18.05 26.90
N ASN B 565 -24.80 -19.23 27.53
CA ASN B 565 -25.34 -19.47 28.90
C ASN B 565 -24.48 -18.73 29.93
N LEU B 566 -23.15 -18.80 29.79
CA LEU B 566 -22.17 -18.06 30.64
C LEU B 566 -22.45 -16.55 30.54
N ILE B 567 -22.51 -16.04 29.30
CA ILE B 567 -22.79 -14.61 28.97
C ILE B 567 -24.02 -14.14 29.76
N ALA B 568 -25.10 -14.93 29.73
CA ALA B 568 -26.39 -14.62 30.41
C ALA B 568 -26.17 -14.46 31.91
N GLU B 569 -25.43 -15.39 32.53
CA GLU B 569 -25.18 -15.43 34.00
C GLU B 569 -24.30 -14.25 34.41
N VAL B 570 -23.29 -13.90 33.60
CA VAL B 570 -22.32 -12.79 33.87
C VAL B 570 -23.06 -11.44 33.77
N LYS B 571 -23.79 -11.22 32.67
CA LYS B 571 -24.55 -9.96 32.39
C LYS B 571 -25.55 -9.69 33.52
N GLN B 572 -26.22 -10.73 34.01
CA GLN B 572 -27.26 -10.64 35.09
C GLN B 572 -26.62 -10.06 36.36
N GLY B 573 -25.37 -10.46 36.66
CA GLY B 573 -24.59 -9.98 37.82
C GLY B 573 -24.05 -8.58 37.60
N LEU B 574 -23.50 -8.30 36.40
CA LEU B 574 -22.92 -6.99 36.01
C LEU B 574 -24.01 -5.90 36.05
N ALA B 575 -25.26 -6.27 35.72
CA ALA B 575 -26.44 -5.38 35.72
C ALA B 575 -26.69 -4.81 37.12
N ILE B 576 -26.43 -5.61 38.17
CA ILE B 576 -26.63 -5.23 39.59
C ILE B 576 -25.47 -4.34 40.04
N VAL B 577 -24.24 -4.72 39.68
CA VAL B 577 -22.98 -4.02 40.09
C VAL B 577 -22.86 -2.70 39.30
N LEU B 578 -23.24 -2.70 38.02
CA LEU B 578 -23.19 -1.52 37.11
C LEU B 578 -24.52 -1.38 36.39
N PRO B 579 -25.57 -0.84 37.05
CA PRO B 579 -26.86 -0.57 36.40
C PRO B 579 -26.77 0.48 35.28
N ASN B 580 -25.80 1.40 35.37
CA ASN B 580 -25.56 2.50 34.40
C ASN B 580 -25.03 1.93 33.07
N TYR B 581 -24.39 0.76 33.10
CA TYR B 581 -23.79 0.09 31.90
C TYR B 581 -24.67 -1.07 31.44
N ALA B 582 -25.76 -1.37 32.17
CA ALA B 582 -26.69 -2.50 31.90
C ALA B 582 -27.22 -2.44 30.46
N LYS B 583 -27.52 -1.23 29.98
CA LYS B 583 -28.07 -0.96 28.62
C LYS B 583 -27.15 -1.50 27.53
N ASP B 584 -25.83 -1.45 27.72
CA ASP B 584 -24.81 -1.70 26.67
C ASP B 584 -24.32 -3.16 26.68
N LEU B 585 -24.72 -3.95 27.68
CA LEU B 585 -24.18 -5.33 27.91
C LEU B 585 -24.49 -6.24 26.71
N ASP B 586 -25.67 -6.09 26.10
CA ASP B 586 -26.18 -6.97 25.00
C ASP B 586 -25.29 -6.82 23.76
N ARG B 587 -24.97 -5.59 23.34
CA ARG B 587 -24.14 -5.32 22.13
C ARG B 587 -22.68 -5.71 22.40
N MET B 588 -22.22 -5.57 23.65
CA MET B 588 -20.84 -5.95 24.08
C MET B 588 -20.68 -7.47 24.03
N SER B 589 -21.63 -8.21 24.61
CA SER B 589 -21.67 -9.69 24.64
C SER B 589 -21.81 -10.24 23.21
N GLN B 590 -22.61 -9.58 22.37
CA GLN B 590 -22.82 -9.94 20.94
C GLN B 590 -21.54 -9.69 20.15
N SER B 591 -20.90 -8.54 20.36
CA SER B 591 -19.61 -8.13 19.73
C SER B 591 -18.52 -9.16 20.02
N PHE B 592 -18.54 -9.76 21.21
CA PHE B 592 -17.58 -10.80 21.68
C PHE B 592 -17.78 -12.10 20.88
N LEU B 593 -19.03 -12.57 20.80
CA LEU B 593 -19.42 -13.82 20.09
C LEU B 593 -19.06 -13.71 18.60
N ASP B 594 -19.28 -12.53 18.00
CA ASP B 594 -18.96 -12.24 16.58
C ASP B 594 -17.47 -12.42 16.34
N SER B 595 -16.62 -11.91 17.25
CA SER B 595 -15.15 -11.99 17.19
C SER B 595 -14.66 -13.43 17.42
N CYS B 596 -15.39 -14.21 18.22
CA CYS B 596 -15.09 -15.63 18.54
C CYS B 596 -15.49 -16.54 17.38
N GLU B 597 -16.71 -16.37 16.86
CA GLU B 597 -17.37 -17.27 15.87
C GLU B 597 -16.37 -17.71 14.80
N TYR B 598 -15.64 -16.75 14.19
CA TYR B 598 -14.76 -16.99 13.02
C TYR B 598 -13.31 -16.60 13.36
N ALA B 599 -12.86 -17.00 14.55
CA ALA B 599 -11.45 -16.87 15.03
C ALA B 599 -10.73 -18.21 14.81
N PHE B 600 -10.54 -18.59 13.54
CA PHE B 600 -10.04 -19.91 13.11
C PHE B 600 -8.54 -20.06 13.42
N LYS B 601 -7.78 -18.96 13.28
CA LYS B 601 -6.31 -18.94 13.45
C LYS B 601 -5.93 -18.74 14.93
N ASP B 602 -6.89 -18.29 15.76
CA ASP B 602 -6.70 -18.07 17.23
C ASP B 602 -6.75 -19.43 17.94
N PRO B 603 -5.62 -19.93 18.47
CA PRO B 603 -5.59 -21.24 19.11
C PRO B 603 -6.13 -21.21 20.55
N CYS B 604 -6.82 -22.28 20.96
CA CYS B 604 -7.40 -22.46 22.32
C CYS B 604 -6.30 -22.37 23.38
N GLN B 605 -5.09 -22.85 23.06
CA GLN B 605 -3.89 -22.88 23.94
C GLN B 605 -3.65 -21.48 24.56
N ARG B 606 -3.55 -20.45 23.71
CA ARG B 606 -3.16 -19.08 24.14
C ARG B 606 -4.31 -18.40 24.89
N VAL B 607 -5.55 -18.82 24.65
CA VAL B 607 -6.78 -18.28 25.32
C VAL B 607 -6.92 -18.93 26.70
N ALA B 608 -6.44 -20.18 26.84
CA ALA B 608 -6.57 -21.02 28.06
C ALA B 608 -5.33 -20.89 28.96
N ARG B 609 -4.31 -20.14 28.52
CA ARG B 609 -3.00 -20.03 29.22
C ARG B 609 -3.21 -19.47 30.63
N ASP B 610 -2.38 -19.90 31.58
CA ASP B 610 -2.34 -19.43 32.99
C ASP B 610 -3.71 -19.62 33.65
N PRO B 611 -4.25 -20.86 33.70
CA PRO B 611 -5.56 -21.11 34.30
C PRO B 611 -5.71 -20.61 35.74
N LEU B 612 -4.71 -20.90 36.59
CA LEU B 612 -4.72 -20.58 38.05
C LEU B 612 -4.83 -19.06 38.24
N ARG B 613 -4.08 -18.28 37.47
CA ARG B 613 -4.11 -16.79 37.48
C ARG B 613 -5.54 -16.30 37.20
N LYS B 614 -6.21 -16.90 36.21
CA LYS B 614 -7.58 -16.51 35.75
C LYS B 614 -8.64 -17.05 36.72
N LEU B 615 -8.26 -17.99 37.59
CA LEU B 615 -9.16 -18.58 38.63
C LEU B 615 -8.89 -17.95 40.00
N ASN B 616 -8.19 -16.81 40.04
CA ASN B 616 -7.99 -15.99 41.27
C ASN B 616 -9.34 -15.42 41.71
N HIS B 617 -9.47 -15.08 43.01
CA HIS B 617 -10.74 -14.68 43.66
C HIS B 617 -11.27 -13.37 43.06
N ASN B 618 -10.37 -12.49 42.59
CA ASN B 618 -10.71 -11.14 42.07
C ASN B 618 -10.46 -11.09 40.55
N GLU B 619 -10.70 -12.20 39.86
CA GLU B 619 -10.40 -12.36 38.40
C GLU B 619 -11.64 -12.81 37.64
N ARG B 620 -11.49 -13.01 36.33
CA ARG B 620 -12.57 -13.10 35.31
C ARG B 620 -13.55 -14.26 35.57
N VAL B 621 -13.22 -15.21 36.45
CA VAL B 621 -14.07 -16.41 36.74
C VAL B 621 -14.73 -16.28 38.11
N MET B 622 -13.95 -16.33 39.19
CA MET B 622 -14.45 -16.47 40.60
C MET B 622 -15.20 -15.20 41.03
N ALA B 623 -14.84 -14.03 40.48
CA ALA B 623 -15.43 -12.72 40.82
C ALA B 623 -16.91 -12.68 40.40
N SER B 624 -17.23 -13.23 39.23
CA SER B 624 -18.61 -13.33 38.68
C SER B 624 -19.43 -14.31 39.53
N ILE B 625 -18.86 -15.47 39.87
CA ILE B 625 -19.49 -16.52 40.71
C ILE B 625 -19.93 -15.91 42.04
N ALA B 626 -19.04 -15.14 42.68
CA ALA B 626 -19.26 -14.49 43.99
C ALA B 626 -20.44 -13.51 43.91
N VAL B 627 -20.43 -12.63 42.90
CA VAL B 627 -21.49 -11.60 42.66
C VAL B 627 -22.86 -12.28 42.60
N ASN B 628 -22.98 -13.36 41.83
CA ASN B 628 -24.26 -14.07 41.56
C ASN B 628 -24.75 -14.78 42.84
N ILE B 629 -23.83 -15.27 43.68
CA ILE B 629 -24.15 -15.95 44.98
C ILE B 629 -24.76 -14.92 45.94
N ARG B 630 -24.14 -13.73 46.04
CA ARG B 630 -24.57 -12.64 46.94
C ARG B 630 -26.00 -12.19 46.59
N HIS B 631 -26.30 -12.04 45.30
CA HIS B 631 -27.58 -11.47 44.77
C HIS B 631 -28.57 -12.58 44.41
N ASP B 632 -28.30 -13.83 44.80
CA ASP B 632 -29.19 -15.01 44.60
C ASP B 632 -29.52 -15.17 43.12
N LEU B 633 -28.49 -15.14 42.27
CA LEU B 633 -28.61 -15.30 40.79
C LEU B 633 -28.03 -16.64 40.38
N PRO B 634 -28.50 -17.26 39.26
CA PRO B 634 -27.99 -18.55 38.82
C PRO B 634 -26.53 -18.46 38.35
N TYR B 635 -25.68 -19.35 38.85
CA TYR B 635 -24.22 -19.40 38.56
C TYR B 635 -23.80 -20.84 38.23
N LYS B 636 -24.74 -21.65 37.72
CA LYS B 636 -24.55 -23.09 37.41
C LYS B 636 -23.43 -23.25 36.37
N ASN B 637 -23.56 -22.56 35.24
CA ASN B 637 -22.61 -22.64 34.09
C ASN B 637 -21.26 -22.02 34.49
N LEU B 638 -21.28 -20.93 35.27
CA LEU B 638 -20.06 -20.24 35.78
C LEU B 638 -19.23 -21.22 36.62
N LEU B 639 -19.90 -22.05 37.44
CA LEU B 639 -19.25 -23.06 38.32
C LEU B 639 -18.61 -24.15 37.46
N LYS B 640 -19.30 -24.58 36.39
CA LYS B 640 -18.80 -25.59 35.42
C LYS B 640 -17.51 -25.07 34.79
N GLY B 641 -17.49 -23.80 34.36
CA GLY B 641 -16.33 -23.14 33.74
C GLY B 641 -15.12 -23.12 34.67
N ALA B 642 -15.34 -22.90 35.97
CA ALA B 642 -14.29 -22.92 37.02
C ALA B 642 -13.70 -24.33 37.15
N ALA B 643 -14.57 -25.34 37.24
CA ALA B 643 -14.23 -26.78 37.32
C ALA B 643 -13.41 -27.18 36.09
N LEU B 644 -13.82 -26.72 34.89
CA LEU B 644 -13.12 -26.96 33.60
C LEU B 644 -11.74 -26.28 33.62
N GLY B 645 -11.63 -25.14 34.31
CA GLY B 645 -10.36 -24.39 34.49
C GLY B 645 -9.32 -25.20 35.24
N TYR B 646 -9.69 -25.79 36.37
CA TYR B 646 -8.82 -26.63 37.22
C TYR B 646 -8.56 -27.97 36.52
N ALA B 647 -9.57 -28.51 35.82
CA ALA B 647 -9.50 -29.76 35.03
C ALA B 647 -8.46 -29.61 33.92
N TYR B 648 -8.44 -28.45 33.24
CA TYR B 648 -7.49 -28.13 32.14
C TYR B 648 -6.06 -28.02 32.71
N ALA B 649 -5.91 -27.33 33.85
CA ALA B 649 -4.62 -27.10 34.53
C ALA B 649 -3.97 -28.44 34.88
N ILE B 650 -4.73 -29.38 35.45
CA ILE B 650 -4.26 -30.71 35.93
C ILE B 650 -3.94 -31.61 34.72
N GLN B 651 -4.79 -31.60 33.69
CA GLN B 651 -4.74 -32.55 32.54
C GLN B 651 -3.71 -32.07 31.51
N PHE B 652 -3.90 -30.87 30.95
CA PHE B 652 -3.13 -30.33 29.79
C PHE B 652 -1.78 -29.77 30.24
N LEU B 653 -1.76 -28.96 31.30
CA LEU B 653 -0.56 -28.21 31.78
C LEU B 653 0.23 -29.06 32.79
N GLU B 654 -0.44 -29.98 33.48
CA GLU B 654 0.18 -30.94 34.45
C GLU B 654 0.81 -30.15 35.61
N ILE B 655 -0.03 -29.61 36.50
CA ILE B 655 0.39 -28.73 37.64
C ILE B 655 0.38 -29.51 38.96
N GLU B 656 -0.20 -30.71 38.98
CA GLU B 656 -0.45 -31.56 40.18
C GLU B 656 -1.80 -31.17 40.79
N GLU B 657 -2.57 -32.15 41.27
CA GLU B 657 -3.93 -31.97 41.82
C GLU B 657 -3.87 -31.24 43.17
N THR B 658 -2.90 -31.62 44.02
CA THR B 658 -2.70 -31.06 45.39
C THR B 658 -2.53 -29.54 45.32
N LYS B 659 -1.83 -29.03 44.29
CA LYS B 659 -1.63 -27.57 44.06
C LYS B 659 -2.96 -26.92 43.67
N ALA B 660 -3.73 -27.56 42.78
CA ALA B 660 -5.02 -27.06 42.24
C ALA B 660 -6.02 -26.87 43.39
N VAL B 661 -6.03 -27.77 44.38
CA VAL B 661 -6.94 -27.74 45.56
C VAL B 661 -6.48 -26.62 46.50
N GLU B 662 -5.17 -26.55 46.78
CA GLU B 662 -4.53 -25.51 47.65
C GLU B 662 -4.86 -24.12 47.08
N HIS B 663 -4.90 -23.99 45.76
CA HIS B 663 -5.31 -22.76 45.03
C HIS B 663 -6.81 -22.54 45.19
N LEU B 664 -7.61 -23.56 44.89
CA LEU B 664 -9.10 -23.56 44.98
C LEU B 664 -9.53 -23.13 46.39
N GLN B 665 -8.97 -23.76 47.42
CA GLN B 665 -9.32 -23.54 48.86
C GLN B 665 -8.92 -22.12 49.28
N GLN B 666 -7.77 -21.64 48.84
CA GLN B 666 -7.20 -20.32 49.22
C GLN B 666 -8.04 -19.19 48.59
N GLN B 667 -8.38 -19.30 47.30
CA GLN B 667 -9.13 -18.27 46.55
C GLN B 667 -10.57 -18.18 47.09
N ILE B 668 -11.20 -19.31 47.37
CA ILE B 668 -12.57 -19.40 47.95
C ILE B 668 -12.58 -18.78 49.35
N GLN B 669 -11.46 -18.87 50.08
CA GLN B 669 -11.27 -18.24 51.42
C GLN B 669 -11.25 -16.72 51.28
N ASN B 670 -10.61 -16.21 50.21
CA ASN B 670 -10.43 -14.76 49.95
C ASN B 670 -11.74 -14.12 49.47
N LEU B 671 -12.63 -14.91 48.84
CA LEU B 671 -13.93 -14.42 48.31
C LEU B 671 -14.74 -13.78 49.44
N ASP B 672 -15.34 -12.61 49.16
CA ASP B 672 -16.21 -11.84 50.10
C ASP B 672 -17.57 -12.54 50.19
N LEU B 673 -17.63 -13.67 50.90
CA LEU B 673 -18.85 -14.49 51.12
C LEU B 673 -18.90 -14.90 52.59
N SER B 674 -20.06 -15.39 53.05
CA SER B 674 -20.26 -15.98 54.40
C SER B 674 -19.60 -17.37 54.44
N THR B 675 -19.25 -17.85 55.64
CA THR B 675 -18.59 -19.16 55.88
C THR B 675 -19.45 -20.28 55.28
N ALA B 676 -20.78 -20.16 55.43
CA ALA B 676 -21.78 -21.12 54.90
C ALA B 676 -21.67 -21.20 53.36
N GLN B 677 -21.57 -20.03 52.71
CA GLN B 677 -21.47 -19.91 51.22
C GLN B 677 -20.10 -20.37 50.73
N ARG B 678 -19.05 -20.12 51.53
CA ARG B 678 -17.64 -20.50 51.20
C ARG B 678 -17.52 -22.02 51.08
N ARG B 679 -18.03 -22.76 52.08
CA ARG B 679 -17.88 -24.24 52.19
C ARG B 679 -18.78 -24.93 51.16
N GLN B 680 -19.96 -24.37 50.88
CA GLN B 680 -20.92 -24.91 49.87
C GLN B 680 -20.30 -24.78 48.47
N LEU B 681 -19.74 -23.60 48.16
CA LEU B 681 -19.04 -23.32 46.87
C LEU B 681 -17.88 -24.30 46.69
N GLU B 682 -17.05 -24.48 47.72
CA GLU B 682 -15.89 -25.41 47.72
C GLU B 682 -16.37 -26.85 47.51
N ALA B 683 -17.48 -27.22 48.16
CA ALA B 683 -18.10 -28.57 48.11
C ALA B 683 -18.69 -28.82 46.72
N GLU B 684 -19.43 -27.85 46.17
CA GLU B 684 -20.10 -27.94 44.84
C GLU B 684 -19.04 -28.00 43.74
N LEU B 685 -17.94 -27.26 43.88
CA LEU B 685 -16.87 -27.12 42.85
C LEU B 685 -16.01 -28.39 42.83
N VAL B 686 -15.53 -28.84 44.00
CA VAL B 686 -14.59 -30.00 44.13
C VAL B 686 -15.30 -31.29 43.67
N GLN B 687 -16.62 -31.39 43.91
CA GLN B 687 -17.48 -32.52 43.46
C GLN B 687 -17.57 -32.52 41.93
N LEU B 688 -17.68 -31.34 41.32
CA LEU B 688 -17.86 -31.15 39.85
C LEU B 688 -16.54 -31.44 39.13
N ILE B 689 -15.40 -31.15 39.78
CA ILE B 689 -14.02 -31.43 39.26
C ILE B 689 -13.83 -32.95 39.17
N GLN B 690 -14.17 -33.68 40.24
CA GLN B 690 -14.06 -35.16 40.33
C GLN B 690 -14.98 -35.81 39.28
N TYR B 691 -16.15 -35.22 39.03
CA TYR B 691 -17.18 -35.71 38.07
C TYR B 691 -16.63 -35.67 36.64
N LEU B 692 -15.83 -34.65 36.32
CA LEU B 692 -15.22 -34.45 34.97
C LEU B 692 -14.14 -35.50 34.72
N PHE B 693 -13.35 -35.84 35.75
CA PHE B 693 -12.25 -36.84 35.67
C PHE B 693 -12.83 -38.26 35.71
N SER B 694 -13.85 -38.49 36.55
CA SER B 694 -14.57 -39.78 36.69
C SER B 694 -16.04 -39.52 37.02
#